data_4WFQ
# 
_entry.id   4WFQ 
# 
_audit_conform.dict_name       mmcif_pdbx.dic 
_audit_conform.dict_version    5.387 
_audit_conform.dict_location   http://mmcif.pdb.org/dictionaries/ascii/mmcif_pdbx.dic 
# 
loop_
_database_2.database_id 
_database_2.database_code 
_database_2.pdbx_database_accession 
_database_2.pdbx_DOI 
PDB   4WFQ         pdb_00004wfq 10.2210/pdb4wfq/pdb 
WWPDB D_1000203743 ?            ?                   
# 
loop_
_pdbx_audit_revision_history.ordinal 
_pdbx_audit_revision_history.data_content_type 
_pdbx_audit_revision_history.major_revision 
_pdbx_audit_revision_history.minor_revision 
_pdbx_audit_revision_history.revision_date 
1 'Structure model' 1 0 2015-02-18 
2 'Structure model' 1 1 2015-06-17 
3 'Structure model' 1 2 2024-03-20 
# 
_pdbx_audit_revision_details.ordinal             1 
_pdbx_audit_revision_details.revision_ordinal    1 
_pdbx_audit_revision_details.data_content_type   'Structure model' 
_pdbx_audit_revision_details.provider            repository 
_pdbx_audit_revision_details.type                'Initial release' 
_pdbx_audit_revision_details.description         ? 
_pdbx_audit_revision_details.details             ? 
# 
loop_
_pdbx_audit_revision_group.ordinal 
_pdbx_audit_revision_group.revision_ordinal 
_pdbx_audit_revision_group.data_content_type 
_pdbx_audit_revision_group.group 
1 2 'Structure model' 'Database references'    
2 3 'Structure model' 'Data collection'        
3 3 'Structure model' 'Database references'    
4 3 'Structure model' 'Derived calculations'   
5 3 'Structure model' Other                    
6 3 'Structure model' 'Refinement description' 
7 3 'Structure model' 'Source and taxonomy'    
# 
loop_
_pdbx_audit_revision_category.ordinal 
_pdbx_audit_revision_category.revision_ordinal 
_pdbx_audit_revision_category.data_content_type 
_pdbx_audit_revision_category.category 
1 3 'Structure model' chem_comp_atom        
2 3 'Structure model' chem_comp_bond        
3 3 'Structure model' citation              
4 3 'Structure model' database_2            
5 3 'Structure model' entity_src_gen        
6 3 'Structure model' pdbx_database_status  
7 3 'Structure model' pdbx_struct_oper_list 
8 3 'Structure model' refine_hist           
# 
loop_
_pdbx_audit_revision_item.ordinal 
_pdbx_audit_revision_item.revision_ordinal 
_pdbx_audit_revision_item.data_content_type 
_pdbx_audit_revision_item.item 
1 3 'Structure model' '_citation.journal_id_CSD'                    
2 3 'Structure model' '_database_2.pdbx_DOI'                        
3 3 'Structure model' '_database_2.pdbx_database_accession'         
4 3 'Structure model' '_entity_src_gen.pdbx_alt_source_flag'        
5 3 'Structure model' '_pdbx_database_status.pdb_format_compatible' 
6 3 'Structure model' '_pdbx_struct_oper_list.symmetry_operation'   
# 
_pdbx_database_status.status_code                     REL 
_pdbx_database_status.status_code_sf                  REL 
_pdbx_database_status.status_code_mr                  ? 
_pdbx_database_status.entry_id                        4WFQ 
_pdbx_database_status.recvd_initial_deposition_date   2014-09-17 
_pdbx_database_status.SG_entry                        N 
_pdbx_database_status.deposit_site                    RCSB 
_pdbx_database_status.process_site                    PDBJ 
_pdbx_database_status.status_code_cs                  ? 
_pdbx_database_status.methods_development_category    ? 
_pdbx_database_status.status_code_nmr_data            ? 
_pdbx_database_status.pdb_format_compatible           Y 
# 
loop_
_audit_author.name 
_audit_author.pdbx_ordinal 
'Cho, Y.'   1 
'Kim, J.S.' 2 
'Lim, H.S.' 3 
# 
_citation.abstract                  ? 
_citation.abstract_id_CAS           ? 
_citation.book_id_ISBN              ? 
_citation.book_publisher            ? 
_citation.book_publisher_city       ? 
_citation.book_title                ? 
_citation.coordinate_linkage        ? 
_citation.country                   US 
_citation.database_id_Medline       ? 
_citation.details                   ? 
_citation.id                        primary 
_citation.journal_abbrev            J.Biol.Chem. 
_citation.journal_id_ASTM           JBCHA3 
_citation.journal_id_CSD            0071 
_citation.journal_id_ISSN           1083-351X 
_citation.journal_full              ? 
_citation.journal_issue             ? 
_citation.journal_volume            290 
_citation.language                  ? 
_citation.page_first                8321 
_citation.page_last                 8330 
_citation.title                     'Crystal structure of the Rad3/XPD regulatory domain of Ssl1/p44' 
_citation.year                      2015 
_citation.database_id_CSD           ? 
_citation.pdbx_database_id_DOI      10.1074/jbc.M115.636514 
_citation.pdbx_database_id_PubMed   25681444 
_citation.unpublished_flag          ? 
# 
loop_
_citation_author.citation_id 
_citation_author.name 
_citation_author.ordinal 
_citation_author.identifier_ORCID 
primary 'Kim, J.S.'       1 ? 
primary 'Saint-Andre, C.' 2 ? 
primary 'Lim, H.S.'       3 ? 
primary 'Hwang, C.S.'     4 ? 
primary 'Egly, J.M.'      5 ? 
primary 'Cho, Y.'         6 ? 
# 
loop_
_entity.id 
_entity.type 
_entity.src_method 
_entity.pdbx_description 
_entity.formula_weight 
_entity.pdbx_number_of_molecules 
_entity.pdbx_ec 
_entity.pdbx_mutation 
_entity.pdbx_fragment 
_entity.details 
1 polymer     man 'Suppressor of stem-loop protein 1' 21409.785 1  ? ? ? ? 
2 non-polymer syn 'SULFATE ION'                       96.063    1  ? ? ? ? 
3 non-polymer syn GLYCEROL                            92.094    1  ? ? ? ? 
4 water       nat water                               18.015    55 ? ? ? ? 
# 
_entity_name_com.entity_id   1 
_entity_name_com.name        'General transcription and DNA repair factor IIH subunit SSL1,TFIIH subunit SSL1' 
# 
_entity_poly.entity_id                      1 
_entity_poly.type                           'polypeptide(L)' 
_entity_poly.nstd_linkage                   no 
_entity_poly.nstd_monomer                   no 
_entity_poly.pdbx_seq_one_letter_code       
;QRGIIRSLILTLDCSEAMLEKDLRPNRHAMIIQYAIDFVHEFFDQNPISQMGIIIMRNGLAQLVSQVSGNPQDHIDALKS
IRKQEPKGNPSLQNALEMARGLLLPVPAHCTREVLIVFGSLSTTDPGDIHQTIDSLVSEKIRVKVLGLSAQVAICKELCK
ATNYGDESFYKILLDETHLKELFNEAVTPLPV
;
_entity_poly.pdbx_seq_one_letter_code_can   
;QRGIIRSLILTLDCSEAMLEKDLRPNRHAMIIQYAIDFVHEFFDQNPISQMGIIIMRNGLAQLVSQVSGNPQDHIDALKS
IRKQEPKGNPSLQNALEMARGLLLPVPAHCTREVLIVFGSLSTTDPGDIHQTIDSLVSEKIRVKVLGLSAQVAICKELCK
ATNYGDESFYKILLDETHLKELFNEAVTPLPV
;
_entity_poly.pdbx_strand_id                 A 
_entity_poly.pdbx_target_identifier         ? 
# 
loop_
_pdbx_entity_nonpoly.entity_id 
_pdbx_entity_nonpoly.name 
_pdbx_entity_nonpoly.comp_id 
2 'SULFATE ION' SO4 
3 GLYCEROL      GOL 
4 water         HOH 
# 
loop_
_entity_poly_seq.entity_id 
_entity_poly_seq.num 
_entity_poly_seq.mon_id 
_entity_poly_seq.hetero 
1 1   GLN n 
1 2   ARG n 
1 3   GLY n 
1 4   ILE n 
1 5   ILE n 
1 6   ARG n 
1 7   SER n 
1 8   LEU n 
1 9   ILE n 
1 10  LEU n 
1 11  THR n 
1 12  LEU n 
1 13  ASP n 
1 14  CYS n 
1 15  SER n 
1 16  GLU n 
1 17  ALA n 
1 18  MET n 
1 19  LEU n 
1 20  GLU n 
1 21  LYS n 
1 22  ASP n 
1 23  LEU n 
1 24  ARG n 
1 25  PRO n 
1 26  ASN n 
1 27  ARG n 
1 28  HIS n 
1 29  ALA n 
1 30  MET n 
1 31  ILE n 
1 32  ILE n 
1 33  GLN n 
1 34  TYR n 
1 35  ALA n 
1 36  ILE n 
1 37  ASP n 
1 38  PHE n 
1 39  VAL n 
1 40  HIS n 
1 41  GLU n 
1 42  PHE n 
1 43  PHE n 
1 44  ASP n 
1 45  GLN n 
1 46  ASN n 
1 47  PRO n 
1 48  ILE n 
1 49  SER n 
1 50  GLN n 
1 51  MET n 
1 52  GLY n 
1 53  ILE n 
1 54  ILE n 
1 55  ILE n 
1 56  MET n 
1 57  ARG n 
1 58  ASN n 
1 59  GLY n 
1 60  LEU n 
1 61  ALA n 
1 62  GLN n 
1 63  LEU n 
1 64  VAL n 
1 65  SER n 
1 66  GLN n 
1 67  VAL n 
1 68  SER n 
1 69  GLY n 
1 70  ASN n 
1 71  PRO n 
1 72  GLN n 
1 73  ASP n 
1 74  HIS n 
1 75  ILE n 
1 76  ASP n 
1 77  ALA n 
1 78  LEU n 
1 79  LYS n 
1 80  SER n 
1 81  ILE n 
1 82  ARG n 
1 83  LYS n 
1 84  GLN n 
1 85  GLU n 
1 86  PRO n 
1 87  LYS n 
1 88  GLY n 
1 89  ASN n 
1 90  PRO n 
1 91  SER n 
1 92  LEU n 
1 93  GLN n 
1 94  ASN n 
1 95  ALA n 
1 96  LEU n 
1 97  GLU n 
1 98  MET n 
1 99  ALA n 
1 100 ARG n 
1 101 GLY n 
1 102 LEU n 
1 103 LEU n 
1 104 LEU n 
1 105 PRO n 
1 106 VAL n 
1 107 PRO n 
1 108 ALA n 
1 109 HIS n 
1 110 CYS n 
1 111 THR n 
1 112 ARG n 
1 113 GLU n 
1 114 VAL n 
1 115 LEU n 
1 116 ILE n 
1 117 VAL n 
1 118 PHE n 
1 119 GLY n 
1 120 SER n 
1 121 LEU n 
1 122 SER n 
1 123 THR n 
1 124 THR n 
1 125 ASP n 
1 126 PRO n 
1 127 GLY n 
1 128 ASP n 
1 129 ILE n 
1 130 HIS n 
1 131 GLN n 
1 132 THR n 
1 133 ILE n 
1 134 ASP n 
1 135 SER n 
1 136 LEU n 
1 137 VAL n 
1 138 SER n 
1 139 GLU n 
1 140 LYS n 
1 141 ILE n 
1 142 ARG n 
1 143 VAL n 
1 144 LYS n 
1 145 VAL n 
1 146 LEU n 
1 147 GLY n 
1 148 LEU n 
1 149 SER n 
1 150 ALA n 
1 151 GLN n 
1 152 VAL n 
1 153 ALA n 
1 154 ILE n 
1 155 CYS n 
1 156 LYS n 
1 157 GLU n 
1 158 LEU n 
1 159 CYS n 
1 160 LYS n 
1 161 ALA n 
1 162 THR n 
1 163 ASN n 
1 164 TYR n 
1 165 GLY n 
1 166 ASP n 
1 167 GLU n 
1 168 SER n 
1 169 PHE n 
1 170 TYR n 
1 171 LYS n 
1 172 ILE n 
1 173 LEU n 
1 174 LEU n 
1 175 ASP n 
1 176 GLU n 
1 177 THR n 
1 178 HIS n 
1 179 LEU n 
1 180 LYS n 
1 181 GLU n 
1 182 LEU n 
1 183 PHE n 
1 184 ASN n 
1 185 GLU n 
1 186 ALA n 
1 187 VAL n 
1 188 THR n 
1 189 PRO n 
1 190 LEU n 
1 191 PRO n 
1 192 VAL n 
# 
_entity_src_gen.entity_id                          1 
_entity_src_gen.pdbx_src_id                        1 
_entity_src_gen.pdbx_alt_source_flag               sample 
_entity_src_gen.pdbx_seq_type                      'Biological sequence' 
_entity_src_gen.pdbx_beg_seq_num                   1 
_entity_src_gen.pdbx_end_seq_num                   192 
_entity_src_gen.gene_src_common_name               
;Baker's yeast
;
_entity_src_gen.gene_src_genus                     ? 
_entity_src_gen.pdbx_gene_src_gene                 'SSL1, YLR005W' 
_entity_src_gen.gene_src_species                   ? 
_entity_src_gen.gene_src_strain                    'ATCC 204508 / S288c' 
_entity_src_gen.gene_src_tissue                    ? 
_entity_src_gen.gene_src_tissue_fraction           ? 
_entity_src_gen.gene_src_details                   ? 
_entity_src_gen.pdbx_gene_src_fragment             ? 
_entity_src_gen.pdbx_gene_src_scientific_name      'Saccharomyces cerevisiae' 
_entity_src_gen.pdbx_gene_src_ncbi_taxonomy_id     559292 
_entity_src_gen.pdbx_gene_src_variant              ? 
_entity_src_gen.pdbx_gene_src_cell_line            ? 
_entity_src_gen.pdbx_gene_src_atcc                 ? 
_entity_src_gen.pdbx_gene_src_organ                ? 
_entity_src_gen.pdbx_gene_src_organelle            ? 
_entity_src_gen.pdbx_gene_src_cell                 ? 
_entity_src_gen.pdbx_gene_src_cellular_location    ? 
_entity_src_gen.host_org_common_name               ? 
_entity_src_gen.pdbx_host_org_scientific_name      'Escherichia coli' 
_entity_src_gen.pdbx_host_org_ncbi_taxonomy_id     562 
_entity_src_gen.host_org_genus                     ? 
_entity_src_gen.pdbx_host_org_gene                 ? 
_entity_src_gen.pdbx_host_org_organ                ? 
_entity_src_gen.host_org_species                   ? 
_entity_src_gen.pdbx_host_org_tissue               ? 
_entity_src_gen.pdbx_host_org_tissue_fraction      ? 
_entity_src_gen.pdbx_host_org_strain               ? 
_entity_src_gen.pdbx_host_org_variant              ? 
_entity_src_gen.pdbx_host_org_cell_line            ? 
_entity_src_gen.pdbx_host_org_atcc                 ? 
_entity_src_gen.pdbx_host_org_culture_collection   ? 
_entity_src_gen.pdbx_host_org_cell                 ? 
_entity_src_gen.pdbx_host_org_organelle            ? 
_entity_src_gen.pdbx_host_org_cellular_location    ? 
_entity_src_gen.pdbx_host_org_vector_type          ? 
_entity_src_gen.pdbx_host_org_vector               ? 
_entity_src_gen.host_org_details                   ? 
_entity_src_gen.expression_system_id               ? 
_entity_src_gen.plasmid_name                       ? 
_entity_src_gen.plasmid_details                    ? 
_entity_src_gen.pdbx_description                   ? 
# 
loop_
_chem_comp.id 
_chem_comp.type 
_chem_comp.mon_nstd_flag 
_chem_comp.name 
_chem_comp.pdbx_synonyms 
_chem_comp.formula 
_chem_comp.formula_weight 
ALA 'L-peptide linking' y ALANINE         ?                               'C3 H7 N O2'     89.093  
ARG 'L-peptide linking' y ARGININE        ?                               'C6 H15 N4 O2 1' 175.209 
ASN 'L-peptide linking' y ASPARAGINE      ?                               'C4 H8 N2 O3'    132.118 
ASP 'L-peptide linking' y 'ASPARTIC ACID' ?                               'C4 H7 N O4'     133.103 
CYS 'L-peptide linking' y CYSTEINE        ?                               'C3 H7 N O2 S'   121.158 
GLN 'L-peptide linking' y GLUTAMINE       ?                               'C5 H10 N2 O3'   146.144 
GLU 'L-peptide linking' y 'GLUTAMIC ACID' ?                               'C5 H9 N O4'     147.129 
GLY 'peptide linking'   y GLYCINE         ?                               'C2 H5 N O2'     75.067  
GOL non-polymer         . GLYCEROL        'GLYCERIN; PROPANE-1,2,3-TRIOL' 'C3 H8 O3'       92.094  
HIS 'L-peptide linking' y HISTIDINE       ?                               'C6 H10 N3 O2 1' 156.162 
HOH non-polymer         . WATER           ?                               'H2 O'           18.015  
ILE 'L-peptide linking' y ISOLEUCINE      ?                               'C6 H13 N O2'    131.173 
LEU 'L-peptide linking' y LEUCINE         ?                               'C6 H13 N O2'    131.173 
LYS 'L-peptide linking' y LYSINE          ?                               'C6 H15 N2 O2 1' 147.195 
MET 'L-peptide linking' y METHIONINE      ?                               'C5 H11 N O2 S'  149.211 
PHE 'L-peptide linking' y PHENYLALANINE   ?                               'C9 H11 N O2'    165.189 
PRO 'L-peptide linking' y PROLINE         ?                               'C5 H9 N O2'     115.130 
SER 'L-peptide linking' y SERINE          ?                               'C3 H7 N O3'     105.093 
SO4 non-polymer         . 'SULFATE ION'   ?                               'O4 S -2'        96.063  
THR 'L-peptide linking' y THREONINE       ?                               'C4 H9 N O3'     119.119 
TYR 'L-peptide linking' y TYROSINE        ?                               'C9 H11 N O3'    181.189 
VAL 'L-peptide linking' y VALINE          ?                               'C5 H11 N O2'    117.146 
# 
loop_
_pdbx_poly_seq_scheme.asym_id 
_pdbx_poly_seq_scheme.entity_id 
_pdbx_poly_seq_scheme.seq_id 
_pdbx_poly_seq_scheme.mon_id 
_pdbx_poly_seq_scheme.ndb_seq_num 
_pdbx_poly_seq_scheme.pdb_seq_num 
_pdbx_poly_seq_scheme.auth_seq_num 
_pdbx_poly_seq_scheme.pdb_mon_id 
_pdbx_poly_seq_scheme.auth_mon_id 
_pdbx_poly_seq_scheme.pdb_strand_id 
_pdbx_poly_seq_scheme.pdb_ins_code 
_pdbx_poly_seq_scheme.hetero 
A 1 1   GLN 1   119 119 GLN GLN A . n 
A 1 2   ARG 2   120 120 ARG ARG A . n 
A 1 3   GLY 3   121 121 GLY GLY A . n 
A 1 4   ILE 4   122 122 ILE ILE A . n 
A 1 5   ILE 5   123 123 ILE ILE A . n 
A 1 6   ARG 6   124 124 ARG ARG A . n 
A 1 7   SER 7   125 125 SER SER A . n 
A 1 8   LEU 8   126 126 LEU LEU A . n 
A 1 9   ILE 9   127 127 ILE ILE A . n 
A 1 10  LEU 10  128 128 LEU LEU A . n 
A 1 11  THR 11  129 129 THR THR A . n 
A 1 12  LEU 12  130 130 LEU LEU A . n 
A 1 13  ASP 13  131 131 ASP ASP A . n 
A 1 14  CYS 14  132 132 CYS CYS A . n 
A 1 15  SER 15  133 133 SER SER A . n 
A 1 16  GLU 16  134 134 GLU GLU A . n 
A 1 17  ALA 17  135 135 ALA ALA A . n 
A 1 18  MET 18  136 136 MET MET A . n 
A 1 19  LEU 19  137 137 LEU LEU A . n 
A 1 20  GLU 20  138 138 GLU GLU A . n 
A 1 21  LYS 21  139 139 LYS LYS A . n 
A 1 22  ASP 22  140 140 ASP ASP A . n 
A 1 23  LEU 23  141 141 LEU LEU A . n 
A 1 24  ARG 24  142 142 ARG ARG A . n 
A 1 25  PRO 25  143 143 PRO PRO A . n 
A 1 26  ASN 26  144 144 ASN ASN A . n 
A 1 27  ARG 27  145 145 ARG ARG A . n 
A 1 28  HIS 28  146 146 HIS HIS A . n 
A 1 29  ALA 29  147 147 ALA ALA A . n 
A 1 30  MET 30  148 148 MET MET A . n 
A 1 31  ILE 31  149 149 ILE ILE A . n 
A 1 32  ILE 32  150 150 ILE ILE A . n 
A 1 33  GLN 33  151 151 GLN GLN A . n 
A 1 34  TYR 34  152 152 TYR TYR A . n 
A 1 35  ALA 35  153 153 ALA ALA A . n 
A 1 36  ILE 36  154 154 ILE ILE A . n 
A 1 37  ASP 37  155 155 ASP ASP A . n 
A 1 38  PHE 38  156 156 PHE PHE A . n 
A 1 39  VAL 39  157 157 VAL VAL A . n 
A 1 40  HIS 40  158 158 HIS HIS A . n 
A 1 41  GLU 41  159 159 GLU GLU A . n 
A 1 42  PHE 42  160 160 PHE PHE A . n 
A 1 43  PHE 43  161 161 PHE PHE A . n 
A 1 44  ASP 44  162 162 ASP ASP A . n 
A 1 45  GLN 45  163 163 GLN GLN A . n 
A 1 46  ASN 46  164 164 ASN ASN A . n 
A 1 47  PRO 47  165 165 PRO PRO A . n 
A 1 48  ILE 48  166 166 ILE ILE A . n 
A 1 49  SER 49  167 167 SER SER A . n 
A 1 50  GLN 50  168 168 GLN GLN A . n 
A 1 51  MET 51  169 169 MET MET A . n 
A 1 52  GLY 52  170 170 GLY GLY A . n 
A 1 53  ILE 53  171 171 ILE ILE A . n 
A 1 54  ILE 54  172 172 ILE ILE A . n 
A 1 55  ILE 55  173 173 ILE ILE A . n 
A 1 56  MET 56  174 174 MET MET A . n 
A 1 57  ARG 57  175 175 ARG ARG A . n 
A 1 58  ASN 58  176 176 ASN ASN A . n 
A 1 59  GLY 59  177 177 GLY GLY A . n 
A 1 60  LEU 60  178 178 LEU LEU A . n 
A 1 61  ALA 61  179 179 ALA ALA A . n 
A 1 62  GLN 62  180 180 GLN GLN A . n 
A 1 63  LEU 63  181 181 LEU LEU A . n 
A 1 64  VAL 64  182 182 VAL VAL A . n 
A 1 65  SER 65  183 183 SER SER A . n 
A 1 66  GLN 66  184 184 GLN GLN A . n 
A 1 67  VAL 67  185 185 VAL VAL A . n 
A 1 68  SER 68  186 186 SER SER A . n 
A 1 69  GLY 69  187 187 GLY GLY A . n 
A 1 70  ASN 70  188 188 ASN ASN A . n 
A 1 71  PRO 71  189 189 PRO PRO A . n 
A 1 72  GLN 72  190 190 GLN GLN A . n 
A 1 73  ASP 73  191 191 ASP ASP A . n 
A 1 74  HIS 74  192 192 HIS HIS A . n 
A 1 75  ILE 75  193 193 ILE ILE A . n 
A 1 76  ASP 76  194 194 ASP ASP A . n 
A 1 77  ALA 77  195 195 ALA ALA A . n 
A 1 78  LEU 78  196 196 LEU LEU A . n 
A 1 79  LYS 79  197 197 LYS LYS A . n 
A 1 80  SER 80  198 198 SER SER A . n 
A 1 81  ILE 81  199 199 ILE ILE A . n 
A 1 82  ARG 82  200 200 ARG ARG A . n 
A 1 83  LYS 83  201 201 LYS LYS A . n 
A 1 84  GLN 84  202 202 GLN GLN A . n 
A 1 85  GLU 85  203 203 GLU GLU A . n 
A 1 86  PRO 86  204 204 PRO PRO A . n 
A 1 87  LYS 87  205 205 LYS LYS A . n 
A 1 88  GLY 88  206 206 GLY GLY A . n 
A 1 89  ASN 89  207 207 ASN ASN A . n 
A 1 90  PRO 90  208 208 PRO PRO A . n 
A 1 91  SER 91  209 209 SER SER A . n 
A 1 92  LEU 92  210 210 LEU LEU A . n 
A 1 93  GLN 93  211 211 GLN GLN A . n 
A 1 94  ASN 94  212 212 ASN ASN A . n 
A 1 95  ALA 95  213 213 ALA ALA A . n 
A 1 96  LEU 96  214 214 LEU LEU A . n 
A 1 97  GLU 97  215 215 GLU GLU A . n 
A 1 98  MET 98  216 216 MET MET A . n 
A 1 99  ALA 99  217 217 ALA ALA A . n 
A 1 100 ARG 100 218 218 ARG ARG A . n 
A 1 101 GLY 101 219 219 GLY GLY A . n 
A 1 102 LEU 102 220 220 LEU LEU A . n 
A 1 103 LEU 103 221 221 LEU LEU A . n 
A 1 104 LEU 104 222 222 LEU LEU A . n 
A 1 105 PRO 105 223 223 PRO PRO A . n 
A 1 106 VAL 106 224 224 VAL VAL A . n 
A 1 107 PRO 107 225 225 PRO PRO A . n 
A 1 108 ALA 108 226 226 ALA ALA A . n 
A 1 109 HIS 109 227 227 HIS HIS A . n 
A 1 110 CYS 110 228 228 CYS CYS A . n 
A 1 111 THR 111 229 229 THR THR A . n 
A 1 112 ARG 112 230 230 ARG ARG A . n 
A 1 113 GLU 113 231 231 GLU GLU A . n 
A 1 114 VAL 114 232 232 VAL VAL A . n 
A 1 115 LEU 115 233 233 LEU LEU A . n 
A 1 116 ILE 116 234 234 ILE ILE A . n 
A 1 117 VAL 117 235 235 VAL VAL A . n 
A 1 118 PHE 118 236 236 PHE PHE A . n 
A 1 119 GLY 119 237 237 GLY GLY A . n 
A 1 120 SER 120 238 238 SER SER A . n 
A 1 121 LEU 121 239 239 LEU LEU A . n 
A 1 122 SER 122 240 240 SER SER A . n 
A 1 123 THR 123 241 241 THR THR A . n 
A 1 124 THR 124 242 242 THR THR A . n 
A 1 125 ASP 125 243 243 ASP ASP A . n 
A 1 126 PRO 126 244 244 PRO PRO A . n 
A 1 127 GLY 127 245 245 GLY GLY A . n 
A 1 128 ASP 128 246 246 ASP ASP A . n 
A 1 129 ILE 129 247 247 ILE ILE A . n 
A 1 130 HIS 130 248 248 HIS HIS A . n 
A 1 131 GLN 131 249 249 GLN GLN A . n 
A 1 132 THR 132 250 250 THR THR A . n 
A 1 133 ILE 133 251 251 ILE ILE A . n 
A 1 134 ASP 134 252 252 ASP ASP A . n 
A 1 135 SER 135 253 253 SER SER A . n 
A 1 136 LEU 136 254 254 LEU LEU A . n 
A 1 137 VAL 137 255 255 VAL VAL A . n 
A 1 138 SER 138 256 256 SER SER A . n 
A 1 139 GLU 139 257 257 GLU GLU A . n 
A 1 140 LYS 140 258 258 LYS LYS A . n 
A 1 141 ILE 141 259 259 ILE ILE A . n 
A 1 142 ARG 142 260 260 ARG ARG A . n 
A 1 143 VAL 143 261 261 VAL VAL A . n 
A 1 144 LYS 144 262 262 LYS LYS A . n 
A 1 145 VAL 145 263 263 VAL VAL A . n 
A 1 146 LEU 146 264 264 LEU LEU A . n 
A 1 147 GLY 147 265 265 GLY GLY A . n 
A 1 148 LEU 148 266 266 LEU LEU A . n 
A 1 149 SER 149 267 267 SER SER A . n 
A 1 150 ALA 150 268 268 ALA ALA A . n 
A 1 151 GLN 151 269 269 GLN GLN A . n 
A 1 152 VAL 152 270 270 VAL VAL A . n 
A 1 153 ALA 153 271 271 ALA ALA A . n 
A 1 154 ILE 154 272 272 ILE ILE A . n 
A 1 155 CYS 155 273 273 CYS CYS A . n 
A 1 156 LYS 156 274 274 LYS LYS A . n 
A 1 157 GLU 157 275 275 GLU GLU A . n 
A 1 158 LEU 158 276 276 LEU LEU A . n 
A 1 159 CYS 159 277 277 CYS CYS A . n 
A 1 160 LYS 160 278 278 LYS LYS A . n 
A 1 161 ALA 161 279 279 ALA ALA A . n 
A 1 162 THR 162 280 280 THR THR A . n 
A 1 163 ASN 163 281 281 ASN ASN A . n 
A 1 164 TYR 164 282 282 TYR TYR A . n 
A 1 165 GLY 165 283 283 GLY GLY A . n 
A 1 166 ASP 166 284 284 ASP ASP A . n 
A 1 167 GLU 167 285 285 GLU GLU A . n 
A 1 168 SER 168 286 286 SER SER A . n 
A 1 169 PHE 169 287 287 PHE PHE A . n 
A 1 170 TYR 170 288 288 TYR TYR A . n 
A 1 171 LYS 171 289 289 LYS LYS A . n 
A 1 172 ILE 172 290 290 ILE ILE A . n 
A 1 173 LEU 173 291 291 LEU LEU A . n 
A 1 174 LEU 174 292 292 LEU LEU A . n 
A 1 175 ASP 175 293 293 ASP ASP A . n 
A 1 176 GLU 176 294 294 GLU GLU A . n 
A 1 177 THR 177 295 295 THR THR A . n 
A 1 178 HIS 178 296 296 HIS HIS A . n 
A 1 179 LEU 179 297 297 LEU LEU A . n 
A 1 180 LYS 180 298 298 LYS LYS A . n 
A 1 181 GLU 181 299 299 GLU GLU A . n 
A 1 182 LEU 182 300 300 LEU LEU A . n 
A 1 183 PHE 183 301 301 PHE PHE A . n 
A 1 184 ASN 184 302 302 ASN ASN A . n 
A 1 185 GLU 185 303 303 GLU GLU A . n 
A 1 186 ALA 186 304 304 ALA ALA A . n 
A 1 187 VAL 187 305 305 VAL VAL A . n 
A 1 188 THR 188 306 306 THR THR A . n 
A 1 189 PRO 189 307 307 PRO PRO A . n 
A 1 190 LEU 190 308 308 LEU LEU A . n 
A 1 191 PRO 191 309 309 PRO PRO A . n 
A 1 192 VAL 192 310 310 VAL VAL A . n 
# 
loop_
_pdbx_nonpoly_scheme.asym_id 
_pdbx_nonpoly_scheme.entity_id 
_pdbx_nonpoly_scheme.mon_id 
_pdbx_nonpoly_scheme.ndb_seq_num 
_pdbx_nonpoly_scheme.pdb_seq_num 
_pdbx_nonpoly_scheme.auth_seq_num 
_pdbx_nonpoly_scheme.pdb_mon_id 
_pdbx_nonpoly_scheme.auth_mon_id 
_pdbx_nonpoly_scheme.pdb_strand_id 
_pdbx_nonpoly_scheme.pdb_ins_code 
B 2 SO4 1  501 1    SO4 SO4 A . 
C 3 GOL 1  502 3968 GOL GOL A . 
D 4 HOH 1  601 9    HOH HOH A . 
D 4 HOH 2  602 13   HOH HOH A . 
D 4 HOH 3  603 9    HOH HOH A . 
D 4 HOH 4  604 19   HOH HOH A . 
D 4 HOH 5  605 2    HOH HOH A . 
D 4 HOH 6  606 22   HOH HOH A . 
D 4 HOH 7  607 2    HOH HOH A . 
D 4 HOH 8  608 47   HOH HOH A . 
D 4 HOH 9  609 15   HOH HOH A . 
D 4 HOH 10 610 1    HOH HOH A . 
D 4 HOH 11 611 1    HOH HOH A . 
D 4 HOH 12 612 10   HOH HOH A . 
D 4 HOH 13 613 5    HOH HOH A . 
D 4 HOH 14 614 7    HOH HOH A . 
D 4 HOH 15 615 6    HOH HOH A . 
D 4 HOH 16 616 17   HOH HOH A . 
D 4 HOH 17 617 19   HOH HOH A . 
D 4 HOH 18 618 8    HOH HOH A . 
D 4 HOH 19 619 45   HOH HOH A . 
D 4 HOH 20 620 10   HOH HOH A . 
D 4 HOH 21 621 12   HOH HOH A . 
D 4 HOH 22 622 12   HOH HOH A . 
D 4 HOH 23 623 3    HOH HOH A . 
D 4 HOH 24 624 46   HOH HOH A . 
D 4 HOH 25 625 16   HOH HOH A . 
D 4 HOH 26 626 8    HOH HOH A . 
D 4 HOH 27 627 1    HOH HOH A . 
D 4 HOH 28 628 4    HOH HOH A . 
D 4 HOH 29 629 18   HOH HOH A . 
D 4 HOH 30 630 4    HOH HOH A . 
D 4 HOH 31 631 5    HOH HOH A . 
D 4 HOH 32 632 9    HOH HOH A . 
D 4 HOH 33 633 4    HOH HOH A . 
D 4 HOH 34 634 6    HOH HOH A . 
D 4 HOH 35 635 14   HOH HOH A . 
D 4 HOH 36 636 15   HOH HOH A . 
D 4 HOH 37 637 17   HOH HOH A . 
D 4 HOH 38 638 18   HOH HOH A . 
D 4 HOH 39 639 20   HOH HOH A . 
D 4 HOH 40 640 21   HOH HOH A . 
D 4 HOH 41 641 24   HOH HOH A . 
D 4 HOH 42 642 25   HOH HOH A . 
D 4 HOH 43 643 38   HOH HOH A . 
D 4 HOH 44 644 40   HOH HOH A . 
D 4 HOH 45 645 41   HOH HOH A . 
D 4 HOH 46 646 42   HOH HOH A . 
D 4 HOH 47 647 52   HOH HOH A . 
D 4 HOH 48 648 3    HOH HOH A . 
D 4 HOH 49 649 6    HOH HOH A . 
D 4 HOH 50 650 7    HOH HOH A . 
D 4 HOH 51 651 8    HOH HOH A . 
D 4 HOH 52 652 10   HOH HOH A . 
D 4 HOH 53 653 3    HOH HOH A . 
D 4 HOH 54 654 11   HOH HOH A . 
D 4 HOH 55 655 14   HOH HOH A . 
# 
_software.citation_id            ? 
_software.classification         refinement 
_software.compiler_name          ? 
_software.compiler_version       ? 
_software.contact_author         ? 
_software.contact_author_email   ? 
_software.date                   ? 
_software.description            ? 
_software.dependencies           ? 
_software.hardware               ? 
_software.language               ? 
_software.location               ? 
_software.mods                   ? 
_software.name                   PHENIX 
_software.os                     ? 
_software.os_version             ? 
_software.type                   ? 
_software.version                '(phenix.refine: 1.8_1069)' 
_software.pdbx_ordinal           1 
# 
_cell.entry_id           4WFQ 
_cell.length_a           78.594 
_cell.length_b           78.594 
_cell.length_c           83.903 
_cell.angle_alpha        90.00 
_cell.angle_beta         90.00 
_cell.angle_gamma        120.00 
_cell.Z_PDB              6 
_cell.pdbx_unique_axis   ? 
# 
_symmetry.entry_id                         4WFQ 
_symmetry.space_group_name_H-M             'P 32 2 1' 
_symmetry.pdbx_full_space_group_name_H-M   ? 
_symmetry.cell_setting                     ? 
_symmetry.Int_Tables_number                154 
# 
_exptl.absorpt_coefficient_mu     ? 
_exptl.absorpt_correction_T_max   ? 
_exptl.absorpt_correction_T_min   ? 
_exptl.absorpt_correction_type    ? 
_exptl.absorpt_process_details    ? 
_exptl.entry_id                   4WFQ 
_exptl.crystals_number            ? 
_exptl.details                    ? 
_exptl.method                     'X-RAY DIFFRACTION' 
_exptl.method_details             ? 
# 
_exptl_crystal.colour                      ? 
_exptl_crystal.density_diffrn              ? 
_exptl_crystal.density_Matthews            3.49 
_exptl_crystal.density_method              ? 
_exptl_crystal.density_percent_sol         64.80 
_exptl_crystal.description                 ? 
_exptl_crystal.F_000                       ? 
_exptl_crystal.id                          1 
_exptl_crystal.preparation                 ? 
_exptl_crystal.size_max                    ? 
_exptl_crystal.size_mid                    ? 
_exptl_crystal.size_min                    ? 
_exptl_crystal.size_rad                    ? 
_exptl_crystal.colour_lustre               ? 
_exptl_crystal.colour_modifier             ? 
_exptl_crystal.colour_primary              ? 
_exptl_crystal.density_meas                ? 
_exptl_crystal.density_meas_esd            ? 
_exptl_crystal.density_meas_gt             ? 
_exptl_crystal.density_meas_lt             ? 
_exptl_crystal.density_meas_temp           ? 
_exptl_crystal.density_meas_temp_esd       ? 
_exptl_crystal.density_meas_temp_gt        ? 
_exptl_crystal.density_meas_temp_lt        ? 
_exptl_crystal.pdbx_crystal_image_url      ? 
_exptl_crystal.pdbx_crystal_image_format   ? 
_exptl_crystal.pdbx_mosaicity              ? 
_exptl_crystal.pdbx_mosaicity_esd          ? 
# 
_exptl_crystal_grow.apparatus       ? 
_exptl_crystal_grow.atmosphere      ? 
_exptl_crystal_grow.crystal_id      1 
_exptl_crystal_grow.details         ? 
_exptl_crystal_grow.method          'VAPOR DIFFUSION, HANGING DROP' 
_exptl_crystal_grow.method_ref      ? 
_exptl_crystal_grow.pH              ? 
_exptl_crystal_grow.pressure        ? 
_exptl_crystal_grow.pressure_esd    ? 
_exptl_crystal_grow.seeding         ? 
_exptl_crystal_grow.seeding_ref     ? 
_exptl_crystal_grow.temp            291 
_exptl_crystal_grow.temp_details    ? 
_exptl_crystal_grow.temp_esd        ? 
_exptl_crystal_grow.time            ? 
_exptl_crystal_grow.pdbx_details    PEG 
_exptl_crystal_grow.pdbx_pH_range   ? 
# 
_diffrn.ambient_environment    ? 
_diffrn.ambient_temp           100 
_diffrn.ambient_temp_details   ? 
_diffrn.ambient_temp_esd       ? 
_diffrn.crystal_id             1 
_diffrn.crystal_support        ? 
_diffrn.crystal_treatment      ? 
_diffrn.details                ? 
_diffrn.id                     1 
_diffrn.ambient_pressure       ? 
_diffrn.ambient_pressure_esd   ? 
_diffrn.ambient_pressure_gt    ? 
_diffrn.ambient_pressure_lt    ? 
_diffrn.ambient_temp_gt        ? 
_diffrn.ambient_temp_lt        ? 
# 
_diffrn_detector.details                      ? 
_diffrn_detector.detector                     CCD 
_diffrn_detector.diffrn_id                    1 
_diffrn_detector.type                         'ADSC QUANTUM 315r' 
_diffrn_detector.area_resol_mean              ? 
_diffrn_detector.dtime                        ? 
_diffrn_detector.pdbx_frames_total            ? 
_diffrn_detector.pdbx_collection_time_total   ? 
_diffrn_detector.pdbx_collection_date         2009-09-28 
# 
_diffrn_radiation.collimation                      ? 
_diffrn_radiation.diffrn_id                        1 
_diffrn_radiation.filter_edge                      ? 
_diffrn_radiation.inhomogeneity                    ? 
_diffrn_radiation.monochromator                    ? 
_diffrn_radiation.polarisn_norm                    ? 
_diffrn_radiation.polarisn_ratio                   ? 
_diffrn_radiation.probe                            ? 
_diffrn_radiation.type                             ? 
_diffrn_radiation.xray_symbol                      ? 
_diffrn_radiation.wavelength_id                    1 
_diffrn_radiation.pdbx_monochromatic_or_laue_m_l   M 
_diffrn_radiation.pdbx_wavelength_list             ? 
_diffrn_radiation.pdbx_wavelength                  ? 
_diffrn_radiation.pdbx_diffrn_protocol             'SINGLE WAVELENGTH' 
_diffrn_radiation.pdbx_analyzer                    ? 
_diffrn_radiation.pdbx_scattering_type             x-ray 
# 
_diffrn_radiation_wavelength.id           1 
_diffrn_radiation_wavelength.wavelength   0.9795 
_diffrn_radiation_wavelength.wt           1.0 
# 
_diffrn_source.current                     ? 
_diffrn_source.details                     ? 
_diffrn_source.diffrn_id                   1 
_diffrn_source.power                       ? 
_diffrn_source.size                        ? 
_diffrn_source.source                      SYNCHROTRON 
_diffrn_source.target                      ? 
_diffrn_source.type                        'PAL/PLS BEAMLINE 5C (4A)' 
_diffrn_source.voltage                     ? 
_diffrn_source.take-off_angle              ? 
_diffrn_source.pdbx_wavelength_list        0.9795 
_diffrn_source.pdbx_wavelength             ? 
_diffrn_source.pdbx_synchrotron_beamline   '5C (4A)' 
_diffrn_source.pdbx_synchrotron_site       PAL/PLS 
# 
_reflns.B_iso_Wilson_estimate            ? 
_reflns.entry_id                         4WFQ 
_reflns.data_reduction_details           ? 
_reflns.data_reduction_method            ? 
_reflns.d_resolution_high                2.4 
_reflns.d_resolution_low                 50 
_reflns.details                          ? 
_reflns.limit_h_max                      ? 
_reflns.limit_h_min                      ? 
_reflns.limit_k_max                      ? 
_reflns.limit_k_min                      ? 
_reflns.limit_l_max                      ? 
_reflns.limit_l_min                      ? 
_reflns.number_all                       ? 
_reflns.number_obs                       20596 
_reflns.observed_criterion               ? 
_reflns.observed_criterion_F_max         ? 
_reflns.observed_criterion_F_min         ? 
_reflns.observed_criterion_I_max         ? 
_reflns.observed_criterion_I_min         ? 
_reflns.observed_criterion_sigma_F       ? 
_reflns.observed_criterion_sigma_I       ? 
_reflns.percent_possible_obs             100 
_reflns.R_free_details                   ? 
_reflns.Rmerge_F_all                     ? 
_reflns.Rmerge_F_obs                     ? 
_reflns.Friedel_coverage                 ? 
_reflns.number_gt                        ? 
_reflns.threshold_expression             ? 
_reflns.pdbx_redundancy                  20.2 
_reflns.pdbx_Rmerge_I_obs                ? 
_reflns.pdbx_Rmerge_I_all                ? 
_reflns.pdbx_Rsym_value                  ? 
_reflns.pdbx_netI_over_av_sigmaI         ? 
_reflns.pdbx_netI_over_sigmaI            27.4 
_reflns.pdbx_res_netI_over_av_sigmaI_2   ? 
_reflns.pdbx_res_netI_over_sigmaI_2      ? 
_reflns.pdbx_chi_squared                 ? 
_reflns.pdbx_scaling_rejects             ? 
_reflns.pdbx_d_res_high_opt              ? 
_reflns.pdbx_d_res_low_opt               ? 
_reflns.pdbx_d_res_opt_method            ? 
_reflns.phase_calculation_details        ? 
_reflns.pdbx_Rrim_I_all                  ? 
_reflns.pdbx_Rpim_I_all                  ? 
_reflns.pdbx_d_opt                       ? 
_reflns.pdbx_number_measured_all         ? 
_reflns.pdbx_diffrn_id                   1 
_reflns.pdbx_ordinal                     1 
_reflns.pdbx_CC_half                     ? 
_reflns.pdbx_R_split                     ? 
# 
_refine.pdbx_refine_id                           'X-RAY DIFFRACTION' 
_refine.entry_id                                 4WFQ 
_refine.pdbx_diffrn_id                           1 
_refine.pdbx_TLS_residual_ADP_flag               ? 
_refine.ls_number_reflns_obs                     12054 
_refine.ls_number_reflns_all                     ? 
_refine.pdbx_ls_sigma_I                          ? 
_refine.pdbx_ls_sigma_F                          1.34 
_refine.pdbx_data_cutoff_high_absF               ? 
_refine.pdbx_data_cutoff_low_absF                ? 
_refine.pdbx_data_cutoff_high_rms_absF           ? 
_refine.ls_d_res_low                             28.680 
_refine.ls_d_res_high                            2.400 
_refine.ls_percent_reflns_obs                    99.71 
_refine.ls_R_factor_obs                          0.1955 
_refine.ls_R_factor_all                          ? 
_refine.ls_R_factor_R_work                       0.1946 
_refine.ls_R_factor_R_free                       0.2136 
_refine.ls_R_factor_R_free_error                 ? 
_refine.ls_R_factor_R_free_error_details         ? 
_refine.ls_percent_reflns_R_free                 5.04 
_refine.ls_number_reflns_R_free                  608 
_refine.ls_number_parameters                     ? 
_refine.ls_number_restraints                     ? 
_refine.occupancy_min                            ? 
_refine.occupancy_max                            ? 
_refine.correlation_coeff_Fo_to_Fc               ? 
_refine.correlation_coeff_Fo_to_Fc_free          ? 
_refine.B_iso_mean                               ? 
_refine.aniso_B[1][1]                            ? 
_refine.aniso_B[2][2]                            ? 
_refine.aniso_B[3][3]                            ? 
_refine.aniso_B[1][2]                            ? 
_refine.aniso_B[1][3]                            ? 
_refine.aniso_B[2][3]                            ? 
_refine.solvent_model_details                    'FLAT BULK SOLVENT MODEL' 
_refine.solvent_model_param_ksol                 ? 
_refine.solvent_model_param_bsol                 ? 
_refine.pdbx_solvent_vdw_probe_radii             1.11 
_refine.pdbx_solvent_ion_probe_radii             ? 
_refine.pdbx_solvent_shrinkage_radii             0.90 
_refine.pdbx_ls_cross_valid_method               'FREE R-VALUE' 
_refine.details                                  ? 
_refine.pdbx_starting_model                      ? 
_refine.pdbx_method_to_determine_struct          ? 
_refine.pdbx_isotropic_thermal_model             ? 
_refine.pdbx_stereochemistry_target_values       ML 
_refine.pdbx_stereochem_target_val_spec_case     ? 
_refine.pdbx_R_Free_selection_details            ? 
_refine.pdbx_overall_ESU_R                       ? 
_refine.pdbx_overall_ESU_R_Free                  ? 
_refine.overall_SU_ML                            0.20 
_refine.pdbx_overall_phase_error                 23.61 
_refine.overall_SU_B                             ? 
_refine.overall_SU_R_Cruickshank_DPI             ? 
_refine.pdbx_overall_SU_R_free_Cruickshank_DPI   ? 
_refine.pdbx_overall_SU_R_Blow_DPI               ? 
_refine.pdbx_overall_SU_R_free_Blow_DPI          ? 
# 
_refine_hist.pdbx_refine_id                   'X-RAY DIFFRACTION' 
_refine_hist.cycle_id                         LAST 
_refine_hist.pdbx_number_atoms_protein        1498 
_refine_hist.pdbx_number_atoms_nucleic_acid   0 
_refine_hist.pdbx_number_atoms_ligand         11 
_refine_hist.number_atoms_solvent             55 
_refine_hist.number_atoms_total               1564 
_refine_hist.d_res_high                       2.400 
_refine_hist.d_res_low                        28.680 
# 
loop_
_refine_ls_restr.type 
_refine_ls_restr.dev_ideal 
_refine_ls_restr.dev_ideal_target 
_refine_ls_restr.weight 
_refine_ls_restr.number 
_refine_ls_restr.pdbx_refine_id 
_refine_ls_restr.pdbx_restraint_function 
f_bond_d           0.008  ? ? 1531 'X-RAY DIFFRACTION' ? 
f_angle_d          1.170  ? ? 2071 'X-RAY DIFFRACTION' ? 
f_dihedral_angle_d 15.175 ? ? 584  'X-RAY DIFFRACTION' ? 
f_chiral_restr     0.083  ? ? 244  'X-RAY DIFFRACTION' ? 
f_plane_restr      0.005  ? ? 267  'X-RAY DIFFRACTION' ? 
# 
loop_
_refine_ls_shell.pdbx_refine_id 
_refine_ls_shell.pdbx_total_number_of_bins_used 
_refine_ls_shell.d_res_high 
_refine_ls_shell.d_res_low 
_refine_ls_shell.number_reflns_R_work 
_refine_ls_shell.R_factor_R_work 
_refine_ls_shell.percent_reflns_obs 
_refine_ls_shell.R_factor_R_free 
_refine_ls_shell.R_factor_R_free_error 
_refine_ls_shell.percent_reflns_R_free 
_refine_ls_shell.number_reflns_R_free 
_refine_ls_shell.number_reflns_all 
_refine_ls_shell.R_factor_all 
_refine_ls_shell.R_factor_obs 
_refine_ls_shell.number_reflns_obs 
'X-RAY DIFFRACTION' . 2.4001 2.6415  2757 0.2339 99.00  0.2759 . . 173 . . . . 
'X-RAY DIFFRACTION' . 2.6415 3.0233  2831 0.2373 100.00 0.3017 . . 159 . . . . 
'X-RAY DIFFRACTION' . 3.0233 3.8077  2865 0.1965 100.00 0.2081 . . 132 . . . . 
'X-RAY DIFFRACTION' . 3.8077 28.6818 2993 0.1732 100.00 0.1758 . . 144 . . . . 
# 
_struct.entry_id                     4WFQ 
_struct.title                        'Crystal structure of TFIIH subunit' 
_struct.pdbx_model_details           ? 
_struct.pdbx_formula_weight          ? 
_struct.pdbx_formula_weight_method   ? 
_struct.pdbx_model_type_details      ? 
_struct.pdbx_CASP_flag               ? 
# 
_struct_keywords.entry_id        4WFQ 
_struct_keywords.text            'Helicase activator, TRANSCRIPTION' 
_struct_keywords.pdbx_keywords   TRANSCRIPTION 
# 
loop_
_struct_asym.id 
_struct_asym.pdbx_blank_PDB_chainid_flag 
_struct_asym.pdbx_modified 
_struct_asym.entity_id 
_struct_asym.details 
A N N 1 ? 
B N N 2 ? 
C N N 3 ? 
D N N 4 ? 
# 
_struct_ref.id                         1 
_struct_ref.db_name                    UNP 
_struct_ref.db_code                    SSL1_YEAST 
_struct_ref.pdbx_db_accession          Q04673 
_struct_ref.pdbx_db_isoform            ? 
_struct_ref.entity_id                  1 
_struct_ref.pdbx_seq_one_letter_code   
;QRGIIRSLILTLDCSEAMLEKDLRPNRHAMIIQYAIDFVHEFFDQNPISQMGIIIMRNGLAQLVSQVSGNPQDHIDALKS
IRKQEPKGNPSLQNALEMARGLLLPVPAHCTREVLIVFGSLSTTDPGDIHQTIDSLVSEKIRVKVLGLSAQVAICKELCK
ATNYGDESFYKILLDETHLKELFNEAVTPLPV
;
_struct_ref.pdbx_align_begin           119 
# 
_struct_ref_seq.align_id                      1 
_struct_ref_seq.ref_id                        1 
_struct_ref_seq.pdbx_PDB_id_code              4WFQ 
_struct_ref_seq.pdbx_strand_id                A 
_struct_ref_seq.seq_align_beg                 1 
_struct_ref_seq.pdbx_seq_align_beg_ins_code   ? 
_struct_ref_seq.seq_align_end                 192 
_struct_ref_seq.pdbx_seq_align_end_ins_code   ? 
_struct_ref_seq.pdbx_db_accession             Q04673 
_struct_ref_seq.db_align_beg                  119 
_struct_ref_seq.pdbx_db_align_beg_ins_code    ? 
_struct_ref_seq.db_align_end                  310 
_struct_ref_seq.pdbx_db_align_end_ins_code    ? 
_struct_ref_seq.pdbx_auth_seq_align_beg       119 
_struct_ref_seq.pdbx_auth_seq_align_end       310 
# 
_pdbx_struct_assembly.id                   1 
_pdbx_struct_assembly.details              author_and_software_defined_assembly 
_pdbx_struct_assembly.method_details       PISA 
_pdbx_struct_assembly.oligomeric_details   monomeric 
_pdbx_struct_assembly.oligomeric_count     1 
# 
loop_
_pdbx_struct_assembly_prop.biol_id 
_pdbx_struct_assembly_prop.type 
_pdbx_struct_assembly_prop.value 
_pdbx_struct_assembly_prop.details 
1 'ABSA (A^2)' 230  ? 
1 MORE         -4   ? 
1 'SSA (A^2)'  9000 ? 
# 
_pdbx_struct_assembly_gen.assembly_id       1 
_pdbx_struct_assembly_gen.oper_expression   1 
_pdbx_struct_assembly_gen.asym_id_list      A,B,C,D 
# 
_pdbx_struct_oper_list.id                   1 
_pdbx_struct_oper_list.type                 'identity operation' 
_pdbx_struct_oper_list.name                 1_555 
_pdbx_struct_oper_list.symmetry_operation   x,y,z 
_pdbx_struct_oper_list.matrix[1][1]         1.0000000000 
_pdbx_struct_oper_list.matrix[1][2]         0.0000000000 
_pdbx_struct_oper_list.matrix[1][3]         0.0000000000 
_pdbx_struct_oper_list.vector[1]            0.0000000000 
_pdbx_struct_oper_list.matrix[2][1]         0.0000000000 
_pdbx_struct_oper_list.matrix[2][2]         1.0000000000 
_pdbx_struct_oper_list.matrix[2][3]         0.0000000000 
_pdbx_struct_oper_list.vector[2]            0.0000000000 
_pdbx_struct_oper_list.matrix[3][1]         0.0000000000 
_pdbx_struct_oper_list.matrix[3][2]         0.0000000000 
_pdbx_struct_oper_list.matrix[3][3]         1.0000000000 
_pdbx_struct_oper_list.vector[3]            0.0000000000 
# 
loop_
_struct_conf.conf_type_id 
_struct_conf.id 
_struct_conf.pdbx_PDB_helix_id 
_struct_conf.beg_label_comp_id 
_struct_conf.beg_label_asym_id 
_struct_conf.beg_label_seq_id 
_struct_conf.pdbx_beg_PDB_ins_code 
_struct_conf.end_label_comp_id 
_struct_conf.end_label_asym_id 
_struct_conf.end_label_seq_id 
_struct_conf.pdbx_end_PDB_ins_code 
_struct_conf.beg_auth_comp_id 
_struct_conf.beg_auth_asym_id 
_struct_conf.beg_auth_seq_id 
_struct_conf.end_auth_comp_id 
_struct_conf.end_auth_asym_id 
_struct_conf.end_auth_seq_id 
_struct_conf.pdbx_PDB_helix_class 
_struct_conf.details 
_struct_conf.pdbx_PDB_helix_length 
HELX_P HELX_P1 AA1 SER A 15  ? GLU A 20  ? SER A 133 GLU A 138 5 ? 6  
HELX_P HELX_P2 AA2 ASN A 26  ? ASN A 46  ? ASN A 144 ASN A 164 1 ? 21 
HELX_P HELX_P3 AA3 ASN A 70  ? ARG A 82  ? ASN A 188 ARG A 200 1 ? 13 
HELX_P HELX_P4 AA4 SER A 91  ? LEU A 104 ? SER A 209 LEU A 222 1 ? 14 
HELX_P HELX_P5 AA5 ASP A 128 ? GLU A 139 ? ASP A 246 GLU A 257 1 ? 12 
HELX_P HELX_P6 AA6 VAL A 152 ? THR A 162 ? VAL A 270 THR A 280 1 ? 11 
HELX_P HELX_P7 AA7 ASP A 175 ? THR A 188 ? ASP A 293 THR A 306 1 ? 14 
# 
_struct_conf_type.id          HELX_P 
_struct_conf_type.criteria    ? 
_struct_conf_type.reference   ? 
# 
_struct_mon_prot_cis.pdbx_id                1 
_struct_mon_prot_cis.label_comp_id          ARG 
_struct_mon_prot_cis.label_seq_id           24 
_struct_mon_prot_cis.label_asym_id          A 
_struct_mon_prot_cis.label_alt_id           . 
_struct_mon_prot_cis.pdbx_PDB_ins_code      ? 
_struct_mon_prot_cis.auth_comp_id           ARG 
_struct_mon_prot_cis.auth_seq_id            142 
_struct_mon_prot_cis.auth_asym_id           A 
_struct_mon_prot_cis.pdbx_label_comp_id_2   PRO 
_struct_mon_prot_cis.pdbx_label_seq_id_2    25 
_struct_mon_prot_cis.pdbx_label_asym_id_2   A 
_struct_mon_prot_cis.pdbx_PDB_ins_code_2    ? 
_struct_mon_prot_cis.pdbx_auth_comp_id_2    PRO 
_struct_mon_prot_cis.pdbx_auth_seq_id_2     143 
_struct_mon_prot_cis.pdbx_auth_asym_id_2    A 
_struct_mon_prot_cis.pdbx_PDB_model_num     1 
_struct_mon_prot_cis.pdbx_omega_angle       -1.56 
# 
_struct_sheet.id               AA1 
_struct_sheet.type             ? 
_struct_sheet.number_strands   6 
_struct_sheet.details          ? 
# 
loop_
_struct_sheet_order.sheet_id 
_struct_sheet_order.range_id_1 
_struct_sheet_order.range_id_2 
_struct_sheet_order.offset 
_struct_sheet_order.sense 
AA1 1 2 ? anti-parallel 
AA1 2 3 ? parallel      
AA1 3 4 ? parallel      
AA1 4 5 ? parallel      
AA1 5 6 ? parallel      
# 
loop_
_struct_sheet_range.sheet_id 
_struct_sheet_range.id 
_struct_sheet_range.beg_label_comp_id 
_struct_sheet_range.beg_label_asym_id 
_struct_sheet_range.beg_label_seq_id 
_struct_sheet_range.pdbx_beg_PDB_ins_code 
_struct_sheet_range.end_label_comp_id 
_struct_sheet_range.end_label_asym_id 
_struct_sheet_range.end_label_seq_id 
_struct_sheet_range.pdbx_end_PDB_ins_code 
_struct_sheet_range.beg_auth_comp_id 
_struct_sheet_range.beg_auth_asym_id 
_struct_sheet_range.beg_auth_seq_id 
_struct_sheet_range.end_auth_comp_id 
_struct_sheet_range.end_auth_asym_id 
_struct_sheet_range.end_auth_seq_id 
AA1 1 LEU A 60  ? SER A 68  ? LEU A 178 SER A 186 
AA1 2 GLN A 50  ? ARG A 57  ? GLN A 168 ARG A 175 
AA1 3 SER A 7   ? ASP A 13  ? SER A 125 ASP A 131 
AA1 4 GLU A 113 ? PHE A 118 ? GLU A 231 PHE A 236 
AA1 5 ARG A 142 ? LEU A 148 ? ARG A 260 LEU A 266 
AA1 6 TYR A 170 ? LEU A 173 ? TYR A 288 LEU A 291 
# 
loop_
_pdbx_struct_sheet_hbond.sheet_id 
_pdbx_struct_sheet_hbond.range_id_1 
_pdbx_struct_sheet_hbond.range_id_2 
_pdbx_struct_sheet_hbond.range_1_label_atom_id 
_pdbx_struct_sheet_hbond.range_1_label_comp_id 
_pdbx_struct_sheet_hbond.range_1_label_asym_id 
_pdbx_struct_sheet_hbond.range_1_label_seq_id 
_pdbx_struct_sheet_hbond.range_1_PDB_ins_code 
_pdbx_struct_sheet_hbond.range_1_auth_atom_id 
_pdbx_struct_sheet_hbond.range_1_auth_comp_id 
_pdbx_struct_sheet_hbond.range_1_auth_asym_id 
_pdbx_struct_sheet_hbond.range_1_auth_seq_id 
_pdbx_struct_sheet_hbond.range_2_label_atom_id 
_pdbx_struct_sheet_hbond.range_2_label_comp_id 
_pdbx_struct_sheet_hbond.range_2_label_asym_id 
_pdbx_struct_sheet_hbond.range_2_label_seq_id 
_pdbx_struct_sheet_hbond.range_2_PDB_ins_code 
_pdbx_struct_sheet_hbond.range_2_auth_atom_id 
_pdbx_struct_sheet_hbond.range_2_auth_comp_id 
_pdbx_struct_sheet_hbond.range_2_auth_asym_id 
_pdbx_struct_sheet_hbond.range_2_auth_seq_id 
AA1 1 2 O VAL A 64  ? O VAL A 182 N ILE A 53  ? N ILE A 171 
AA1 2 3 O ILE A 54  ? O ILE A 172 N LEU A 10  ? N LEU A 128 
AA1 3 4 N THR A 11  ? N THR A 129 O LEU A 115 ? O LEU A 233 
AA1 4 5 N ILE A 116 ? N ILE A 234 O LEU A 146 ? O LEU A 264 
AA1 5 6 N GLY A 147 ? N GLY A 265 O LYS A 171 ? O LYS A 289 
# 
loop_
_struct_site.id 
_struct_site.pdbx_evidence_code 
_struct_site.pdbx_auth_asym_id 
_struct_site.pdbx_auth_comp_id 
_struct_site.pdbx_auth_seq_id 
_struct_site.pdbx_auth_ins_code 
_struct_site.pdbx_num_residues 
_struct_site.details 
AC1 Software A SO4 501 ? 2 'binding site for residue SO4 A 501' 
AC2 Software A GOL 502 ? 2 'binding site for residue GOL A 502' 
# 
loop_
_struct_site_gen.id 
_struct_site_gen.site_id 
_struct_site_gen.pdbx_num_res 
_struct_site_gen.label_comp_id 
_struct_site_gen.label_asym_id 
_struct_site_gen.label_seq_id 
_struct_site_gen.pdbx_auth_ins_code 
_struct_site_gen.auth_comp_id 
_struct_site_gen.auth_asym_id 
_struct_site_gen.auth_seq_id 
_struct_site_gen.label_atom_id 
_struct_site_gen.label_alt_id 
_struct_site_gen.symmetry 
_struct_site_gen.details 
1 AC1 2 ARG A 27 ? ARG A 145 . ? 3_565 ? 
2 AC1 2 HOH D .  ? HOH A 626 . ? 1_555 ? 
3 AC2 2 GLN A 1  ? GLN A 119 . ? 1_555 ? 
4 AC2 2 ARG A 2  ? ARG A 120 . ? 1_555 ? 
# 
loop_
_pdbx_validate_close_contact.id 
_pdbx_validate_close_contact.PDB_model_num 
_pdbx_validate_close_contact.auth_atom_id_1 
_pdbx_validate_close_contact.auth_asym_id_1 
_pdbx_validate_close_contact.auth_comp_id_1 
_pdbx_validate_close_contact.auth_seq_id_1 
_pdbx_validate_close_contact.PDB_ins_code_1 
_pdbx_validate_close_contact.label_alt_id_1 
_pdbx_validate_close_contact.auth_atom_id_2 
_pdbx_validate_close_contact.auth_asym_id_2 
_pdbx_validate_close_contact.auth_comp_id_2 
_pdbx_validate_close_contact.auth_seq_id_2 
_pdbx_validate_close_contact.PDB_ins_code_2 
_pdbx_validate_close_contact.label_alt_id_2 
_pdbx_validate_close_contact.dist 
1 1 O A HOH 626 ? ? O A HOH 628 ? ? 2.02 
2 1 O A LEU 266 ? ? O A HOH 601 ? ? 2.05 
# 
loop_
_pdbx_validate_torsion.id 
_pdbx_validate_torsion.PDB_model_num 
_pdbx_validate_torsion.auth_comp_id 
_pdbx_validate_torsion.auth_asym_id 
_pdbx_validate_torsion.auth_seq_id 
_pdbx_validate_torsion.PDB_ins_code 
_pdbx_validate_torsion.label_alt_id 
_pdbx_validate_torsion.phi 
_pdbx_validate_torsion.psi 
1 1 ARG A 120 ? ? 63.14 -32.22 
2 1 SER A 267 ? ? 54.39 -68.96 
# 
loop_
_chem_comp_atom.comp_id 
_chem_comp_atom.atom_id 
_chem_comp_atom.type_symbol 
_chem_comp_atom.pdbx_aromatic_flag 
_chem_comp_atom.pdbx_stereo_config 
_chem_comp_atom.pdbx_ordinal 
ALA N    N N N 1   
ALA CA   C N S 2   
ALA C    C N N 3   
ALA O    O N N 4   
ALA CB   C N N 5   
ALA OXT  O N N 6   
ALA H    H N N 7   
ALA H2   H N N 8   
ALA HA   H N N 9   
ALA HB1  H N N 10  
ALA HB2  H N N 11  
ALA HB3  H N N 12  
ALA HXT  H N N 13  
ARG N    N N N 14  
ARG CA   C N S 15  
ARG C    C N N 16  
ARG O    O N N 17  
ARG CB   C N N 18  
ARG CG   C N N 19  
ARG CD   C N N 20  
ARG NE   N N N 21  
ARG CZ   C N N 22  
ARG NH1  N N N 23  
ARG NH2  N N N 24  
ARG OXT  O N N 25  
ARG H    H N N 26  
ARG H2   H N N 27  
ARG HA   H N N 28  
ARG HB2  H N N 29  
ARG HB3  H N N 30  
ARG HG2  H N N 31  
ARG HG3  H N N 32  
ARG HD2  H N N 33  
ARG HD3  H N N 34  
ARG HE   H N N 35  
ARG HH11 H N N 36  
ARG HH12 H N N 37  
ARG HH21 H N N 38  
ARG HH22 H N N 39  
ARG HXT  H N N 40  
ASN N    N N N 41  
ASN CA   C N S 42  
ASN C    C N N 43  
ASN O    O N N 44  
ASN CB   C N N 45  
ASN CG   C N N 46  
ASN OD1  O N N 47  
ASN ND2  N N N 48  
ASN OXT  O N N 49  
ASN H    H N N 50  
ASN H2   H N N 51  
ASN HA   H N N 52  
ASN HB2  H N N 53  
ASN HB3  H N N 54  
ASN HD21 H N N 55  
ASN HD22 H N N 56  
ASN HXT  H N N 57  
ASP N    N N N 58  
ASP CA   C N S 59  
ASP C    C N N 60  
ASP O    O N N 61  
ASP CB   C N N 62  
ASP CG   C N N 63  
ASP OD1  O N N 64  
ASP OD2  O N N 65  
ASP OXT  O N N 66  
ASP H    H N N 67  
ASP H2   H N N 68  
ASP HA   H N N 69  
ASP HB2  H N N 70  
ASP HB3  H N N 71  
ASP HD2  H N N 72  
ASP HXT  H N N 73  
CYS N    N N N 74  
CYS CA   C N R 75  
CYS C    C N N 76  
CYS O    O N N 77  
CYS CB   C N N 78  
CYS SG   S N N 79  
CYS OXT  O N N 80  
CYS H    H N N 81  
CYS H2   H N N 82  
CYS HA   H N N 83  
CYS HB2  H N N 84  
CYS HB3  H N N 85  
CYS HG   H N N 86  
CYS HXT  H N N 87  
GLN N    N N N 88  
GLN CA   C N S 89  
GLN C    C N N 90  
GLN O    O N N 91  
GLN CB   C N N 92  
GLN CG   C N N 93  
GLN CD   C N N 94  
GLN OE1  O N N 95  
GLN NE2  N N N 96  
GLN OXT  O N N 97  
GLN H    H N N 98  
GLN H2   H N N 99  
GLN HA   H N N 100 
GLN HB2  H N N 101 
GLN HB3  H N N 102 
GLN HG2  H N N 103 
GLN HG3  H N N 104 
GLN HE21 H N N 105 
GLN HE22 H N N 106 
GLN HXT  H N N 107 
GLU N    N N N 108 
GLU CA   C N S 109 
GLU C    C N N 110 
GLU O    O N N 111 
GLU CB   C N N 112 
GLU CG   C N N 113 
GLU CD   C N N 114 
GLU OE1  O N N 115 
GLU OE2  O N N 116 
GLU OXT  O N N 117 
GLU H    H N N 118 
GLU H2   H N N 119 
GLU HA   H N N 120 
GLU HB2  H N N 121 
GLU HB3  H N N 122 
GLU HG2  H N N 123 
GLU HG3  H N N 124 
GLU HE2  H N N 125 
GLU HXT  H N N 126 
GLY N    N N N 127 
GLY CA   C N N 128 
GLY C    C N N 129 
GLY O    O N N 130 
GLY OXT  O N N 131 
GLY H    H N N 132 
GLY H2   H N N 133 
GLY HA2  H N N 134 
GLY HA3  H N N 135 
GLY HXT  H N N 136 
GOL C1   C N N 137 
GOL O1   O N N 138 
GOL C2   C N N 139 
GOL O2   O N N 140 
GOL C3   C N N 141 
GOL O3   O N N 142 
GOL H11  H N N 143 
GOL H12  H N N 144 
GOL HO1  H N N 145 
GOL H2   H N N 146 
GOL HO2  H N N 147 
GOL H31  H N N 148 
GOL H32  H N N 149 
GOL HO3  H N N 150 
HIS N    N N N 151 
HIS CA   C N S 152 
HIS C    C N N 153 
HIS O    O N N 154 
HIS CB   C N N 155 
HIS CG   C Y N 156 
HIS ND1  N Y N 157 
HIS CD2  C Y N 158 
HIS CE1  C Y N 159 
HIS NE2  N Y N 160 
HIS OXT  O N N 161 
HIS H    H N N 162 
HIS H2   H N N 163 
HIS HA   H N N 164 
HIS HB2  H N N 165 
HIS HB3  H N N 166 
HIS HD1  H N N 167 
HIS HD2  H N N 168 
HIS HE1  H N N 169 
HIS HE2  H N N 170 
HIS HXT  H N N 171 
HOH O    O N N 172 
HOH H1   H N N 173 
HOH H2   H N N 174 
ILE N    N N N 175 
ILE CA   C N S 176 
ILE C    C N N 177 
ILE O    O N N 178 
ILE CB   C N S 179 
ILE CG1  C N N 180 
ILE CG2  C N N 181 
ILE CD1  C N N 182 
ILE OXT  O N N 183 
ILE H    H N N 184 
ILE H2   H N N 185 
ILE HA   H N N 186 
ILE HB   H N N 187 
ILE HG12 H N N 188 
ILE HG13 H N N 189 
ILE HG21 H N N 190 
ILE HG22 H N N 191 
ILE HG23 H N N 192 
ILE HD11 H N N 193 
ILE HD12 H N N 194 
ILE HD13 H N N 195 
ILE HXT  H N N 196 
LEU N    N N N 197 
LEU CA   C N S 198 
LEU C    C N N 199 
LEU O    O N N 200 
LEU CB   C N N 201 
LEU CG   C N N 202 
LEU CD1  C N N 203 
LEU CD2  C N N 204 
LEU OXT  O N N 205 
LEU H    H N N 206 
LEU H2   H N N 207 
LEU HA   H N N 208 
LEU HB2  H N N 209 
LEU HB3  H N N 210 
LEU HG   H N N 211 
LEU HD11 H N N 212 
LEU HD12 H N N 213 
LEU HD13 H N N 214 
LEU HD21 H N N 215 
LEU HD22 H N N 216 
LEU HD23 H N N 217 
LEU HXT  H N N 218 
LYS N    N N N 219 
LYS CA   C N S 220 
LYS C    C N N 221 
LYS O    O N N 222 
LYS CB   C N N 223 
LYS CG   C N N 224 
LYS CD   C N N 225 
LYS CE   C N N 226 
LYS NZ   N N N 227 
LYS OXT  O N N 228 
LYS H    H N N 229 
LYS H2   H N N 230 
LYS HA   H N N 231 
LYS HB2  H N N 232 
LYS HB3  H N N 233 
LYS HG2  H N N 234 
LYS HG3  H N N 235 
LYS HD2  H N N 236 
LYS HD3  H N N 237 
LYS HE2  H N N 238 
LYS HE3  H N N 239 
LYS HZ1  H N N 240 
LYS HZ2  H N N 241 
LYS HZ3  H N N 242 
LYS HXT  H N N 243 
MET N    N N N 244 
MET CA   C N S 245 
MET C    C N N 246 
MET O    O N N 247 
MET CB   C N N 248 
MET CG   C N N 249 
MET SD   S N N 250 
MET CE   C N N 251 
MET OXT  O N N 252 
MET H    H N N 253 
MET H2   H N N 254 
MET HA   H N N 255 
MET HB2  H N N 256 
MET HB3  H N N 257 
MET HG2  H N N 258 
MET HG3  H N N 259 
MET HE1  H N N 260 
MET HE2  H N N 261 
MET HE3  H N N 262 
MET HXT  H N N 263 
PHE N    N N N 264 
PHE CA   C N S 265 
PHE C    C N N 266 
PHE O    O N N 267 
PHE CB   C N N 268 
PHE CG   C Y N 269 
PHE CD1  C Y N 270 
PHE CD2  C Y N 271 
PHE CE1  C Y N 272 
PHE CE2  C Y N 273 
PHE CZ   C Y N 274 
PHE OXT  O N N 275 
PHE H    H N N 276 
PHE H2   H N N 277 
PHE HA   H N N 278 
PHE HB2  H N N 279 
PHE HB3  H N N 280 
PHE HD1  H N N 281 
PHE HD2  H N N 282 
PHE HE1  H N N 283 
PHE HE2  H N N 284 
PHE HZ   H N N 285 
PHE HXT  H N N 286 
PRO N    N N N 287 
PRO CA   C N S 288 
PRO C    C N N 289 
PRO O    O N N 290 
PRO CB   C N N 291 
PRO CG   C N N 292 
PRO CD   C N N 293 
PRO OXT  O N N 294 
PRO H    H N N 295 
PRO HA   H N N 296 
PRO HB2  H N N 297 
PRO HB3  H N N 298 
PRO HG2  H N N 299 
PRO HG3  H N N 300 
PRO HD2  H N N 301 
PRO HD3  H N N 302 
PRO HXT  H N N 303 
SER N    N N N 304 
SER CA   C N S 305 
SER C    C N N 306 
SER O    O N N 307 
SER CB   C N N 308 
SER OG   O N N 309 
SER OXT  O N N 310 
SER H    H N N 311 
SER H2   H N N 312 
SER HA   H N N 313 
SER HB2  H N N 314 
SER HB3  H N N 315 
SER HG   H N N 316 
SER HXT  H N N 317 
SO4 S    S N N 318 
SO4 O1   O N N 319 
SO4 O2   O N N 320 
SO4 O3   O N N 321 
SO4 O4   O N N 322 
THR N    N N N 323 
THR CA   C N S 324 
THR C    C N N 325 
THR O    O N N 326 
THR CB   C N R 327 
THR OG1  O N N 328 
THR CG2  C N N 329 
THR OXT  O N N 330 
THR H    H N N 331 
THR H2   H N N 332 
THR HA   H N N 333 
THR HB   H N N 334 
THR HG1  H N N 335 
THR HG21 H N N 336 
THR HG22 H N N 337 
THR HG23 H N N 338 
THR HXT  H N N 339 
TYR N    N N N 340 
TYR CA   C N S 341 
TYR C    C N N 342 
TYR O    O N N 343 
TYR CB   C N N 344 
TYR CG   C Y N 345 
TYR CD1  C Y N 346 
TYR CD2  C Y N 347 
TYR CE1  C Y N 348 
TYR CE2  C Y N 349 
TYR CZ   C Y N 350 
TYR OH   O N N 351 
TYR OXT  O N N 352 
TYR H    H N N 353 
TYR H2   H N N 354 
TYR HA   H N N 355 
TYR HB2  H N N 356 
TYR HB3  H N N 357 
TYR HD1  H N N 358 
TYR HD2  H N N 359 
TYR HE1  H N N 360 
TYR HE2  H N N 361 
TYR HH   H N N 362 
TYR HXT  H N N 363 
VAL N    N N N 364 
VAL CA   C N S 365 
VAL C    C N N 366 
VAL O    O N N 367 
VAL CB   C N N 368 
VAL CG1  C N N 369 
VAL CG2  C N N 370 
VAL OXT  O N N 371 
VAL H    H N N 372 
VAL H2   H N N 373 
VAL HA   H N N 374 
VAL HB   H N N 375 
VAL HG11 H N N 376 
VAL HG12 H N N 377 
VAL HG13 H N N 378 
VAL HG21 H N N 379 
VAL HG22 H N N 380 
VAL HG23 H N N 381 
VAL HXT  H N N 382 
# 
loop_
_chem_comp_bond.comp_id 
_chem_comp_bond.atom_id_1 
_chem_comp_bond.atom_id_2 
_chem_comp_bond.value_order 
_chem_comp_bond.pdbx_aromatic_flag 
_chem_comp_bond.pdbx_stereo_config 
_chem_comp_bond.pdbx_ordinal 
ALA N   CA   sing N N 1   
ALA N   H    sing N N 2   
ALA N   H2   sing N N 3   
ALA CA  C    sing N N 4   
ALA CA  CB   sing N N 5   
ALA CA  HA   sing N N 6   
ALA C   O    doub N N 7   
ALA C   OXT  sing N N 8   
ALA CB  HB1  sing N N 9   
ALA CB  HB2  sing N N 10  
ALA CB  HB3  sing N N 11  
ALA OXT HXT  sing N N 12  
ARG N   CA   sing N N 13  
ARG N   H    sing N N 14  
ARG N   H2   sing N N 15  
ARG CA  C    sing N N 16  
ARG CA  CB   sing N N 17  
ARG CA  HA   sing N N 18  
ARG C   O    doub N N 19  
ARG C   OXT  sing N N 20  
ARG CB  CG   sing N N 21  
ARG CB  HB2  sing N N 22  
ARG CB  HB3  sing N N 23  
ARG CG  CD   sing N N 24  
ARG CG  HG2  sing N N 25  
ARG CG  HG3  sing N N 26  
ARG CD  NE   sing N N 27  
ARG CD  HD2  sing N N 28  
ARG CD  HD3  sing N N 29  
ARG NE  CZ   sing N N 30  
ARG NE  HE   sing N N 31  
ARG CZ  NH1  sing N N 32  
ARG CZ  NH2  doub N N 33  
ARG NH1 HH11 sing N N 34  
ARG NH1 HH12 sing N N 35  
ARG NH2 HH21 sing N N 36  
ARG NH2 HH22 sing N N 37  
ARG OXT HXT  sing N N 38  
ASN N   CA   sing N N 39  
ASN N   H    sing N N 40  
ASN N   H2   sing N N 41  
ASN CA  C    sing N N 42  
ASN CA  CB   sing N N 43  
ASN CA  HA   sing N N 44  
ASN C   O    doub N N 45  
ASN C   OXT  sing N N 46  
ASN CB  CG   sing N N 47  
ASN CB  HB2  sing N N 48  
ASN CB  HB3  sing N N 49  
ASN CG  OD1  doub N N 50  
ASN CG  ND2  sing N N 51  
ASN ND2 HD21 sing N N 52  
ASN ND2 HD22 sing N N 53  
ASN OXT HXT  sing N N 54  
ASP N   CA   sing N N 55  
ASP N   H    sing N N 56  
ASP N   H2   sing N N 57  
ASP CA  C    sing N N 58  
ASP CA  CB   sing N N 59  
ASP CA  HA   sing N N 60  
ASP C   O    doub N N 61  
ASP C   OXT  sing N N 62  
ASP CB  CG   sing N N 63  
ASP CB  HB2  sing N N 64  
ASP CB  HB3  sing N N 65  
ASP CG  OD1  doub N N 66  
ASP CG  OD2  sing N N 67  
ASP OD2 HD2  sing N N 68  
ASP OXT HXT  sing N N 69  
CYS N   CA   sing N N 70  
CYS N   H    sing N N 71  
CYS N   H2   sing N N 72  
CYS CA  C    sing N N 73  
CYS CA  CB   sing N N 74  
CYS CA  HA   sing N N 75  
CYS C   O    doub N N 76  
CYS C   OXT  sing N N 77  
CYS CB  SG   sing N N 78  
CYS CB  HB2  sing N N 79  
CYS CB  HB3  sing N N 80  
CYS SG  HG   sing N N 81  
CYS OXT HXT  sing N N 82  
GLN N   CA   sing N N 83  
GLN N   H    sing N N 84  
GLN N   H2   sing N N 85  
GLN CA  C    sing N N 86  
GLN CA  CB   sing N N 87  
GLN CA  HA   sing N N 88  
GLN C   O    doub N N 89  
GLN C   OXT  sing N N 90  
GLN CB  CG   sing N N 91  
GLN CB  HB2  sing N N 92  
GLN CB  HB3  sing N N 93  
GLN CG  CD   sing N N 94  
GLN CG  HG2  sing N N 95  
GLN CG  HG3  sing N N 96  
GLN CD  OE1  doub N N 97  
GLN CD  NE2  sing N N 98  
GLN NE2 HE21 sing N N 99  
GLN NE2 HE22 sing N N 100 
GLN OXT HXT  sing N N 101 
GLU N   CA   sing N N 102 
GLU N   H    sing N N 103 
GLU N   H2   sing N N 104 
GLU CA  C    sing N N 105 
GLU CA  CB   sing N N 106 
GLU CA  HA   sing N N 107 
GLU C   O    doub N N 108 
GLU C   OXT  sing N N 109 
GLU CB  CG   sing N N 110 
GLU CB  HB2  sing N N 111 
GLU CB  HB3  sing N N 112 
GLU CG  CD   sing N N 113 
GLU CG  HG2  sing N N 114 
GLU CG  HG3  sing N N 115 
GLU CD  OE1  doub N N 116 
GLU CD  OE2  sing N N 117 
GLU OE2 HE2  sing N N 118 
GLU OXT HXT  sing N N 119 
GLY N   CA   sing N N 120 
GLY N   H    sing N N 121 
GLY N   H2   sing N N 122 
GLY CA  C    sing N N 123 
GLY CA  HA2  sing N N 124 
GLY CA  HA3  sing N N 125 
GLY C   O    doub N N 126 
GLY C   OXT  sing N N 127 
GLY OXT HXT  sing N N 128 
GOL C1  O1   sing N N 129 
GOL C1  C2   sing N N 130 
GOL C1  H11  sing N N 131 
GOL C1  H12  sing N N 132 
GOL O1  HO1  sing N N 133 
GOL C2  O2   sing N N 134 
GOL C2  C3   sing N N 135 
GOL C2  H2   sing N N 136 
GOL O2  HO2  sing N N 137 
GOL C3  O3   sing N N 138 
GOL C3  H31  sing N N 139 
GOL C3  H32  sing N N 140 
GOL O3  HO3  sing N N 141 
HIS N   CA   sing N N 142 
HIS N   H    sing N N 143 
HIS N   H2   sing N N 144 
HIS CA  C    sing N N 145 
HIS CA  CB   sing N N 146 
HIS CA  HA   sing N N 147 
HIS C   O    doub N N 148 
HIS C   OXT  sing N N 149 
HIS CB  CG   sing N N 150 
HIS CB  HB2  sing N N 151 
HIS CB  HB3  sing N N 152 
HIS CG  ND1  sing Y N 153 
HIS CG  CD2  doub Y N 154 
HIS ND1 CE1  doub Y N 155 
HIS ND1 HD1  sing N N 156 
HIS CD2 NE2  sing Y N 157 
HIS CD2 HD2  sing N N 158 
HIS CE1 NE2  sing Y N 159 
HIS CE1 HE1  sing N N 160 
HIS NE2 HE2  sing N N 161 
HIS OXT HXT  sing N N 162 
HOH O   H1   sing N N 163 
HOH O   H2   sing N N 164 
ILE N   CA   sing N N 165 
ILE N   H    sing N N 166 
ILE N   H2   sing N N 167 
ILE CA  C    sing N N 168 
ILE CA  CB   sing N N 169 
ILE CA  HA   sing N N 170 
ILE C   O    doub N N 171 
ILE C   OXT  sing N N 172 
ILE CB  CG1  sing N N 173 
ILE CB  CG2  sing N N 174 
ILE CB  HB   sing N N 175 
ILE CG1 CD1  sing N N 176 
ILE CG1 HG12 sing N N 177 
ILE CG1 HG13 sing N N 178 
ILE CG2 HG21 sing N N 179 
ILE CG2 HG22 sing N N 180 
ILE CG2 HG23 sing N N 181 
ILE CD1 HD11 sing N N 182 
ILE CD1 HD12 sing N N 183 
ILE CD1 HD13 sing N N 184 
ILE OXT HXT  sing N N 185 
LEU N   CA   sing N N 186 
LEU N   H    sing N N 187 
LEU N   H2   sing N N 188 
LEU CA  C    sing N N 189 
LEU CA  CB   sing N N 190 
LEU CA  HA   sing N N 191 
LEU C   O    doub N N 192 
LEU C   OXT  sing N N 193 
LEU CB  CG   sing N N 194 
LEU CB  HB2  sing N N 195 
LEU CB  HB3  sing N N 196 
LEU CG  CD1  sing N N 197 
LEU CG  CD2  sing N N 198 
LEU CG  HG   sing N N 199 
LEU CD1 HD11 sing N N 200 
LEU CD1 HD12 sing N N 201 
LEU CD1 HD13 sing N N 202 
LEU CD2 HD21 sing N N 203 
LEU CD2 HD22 sing N N 204 
LEU CD2 HD23 sing N N 205 
LEU OXT HXT  sing N N 206 
LYS N   CA   sing N N 207 
LYS N   H    sing N N 208 
LYS N   H2   sing N N 209 
LYS CA  C    sing N N 210 
LYS CA  CB   sing N N 211 
LYS CA  HA   sing N N 212 
LYS C   O    doub N N 213 
LYS C   OXT  sing N N 214 
LYS CB  CG   sing N N 215 
LYS CB  HB2  sing N N 216 
LYS CB  HB3  sing N N 217 
LYS CG  CD   sing N N 218 
LYS CG  HG2  sing N N 219 
LYS CG  HG3  sing N N 220 
LYS CD  CE   sing N N 221 
LYS CD  HD2  sing N N 222 
LYS CD  HD3  sing N N 223 
LYS CE  NZ   sing N N 224 
LYS CE  HE2  sing N N 225 
LYS CE  HE3  sing N N 226 
LYS NZ  HZ1  sing N N 227 
LYS NZ  HZ2  sing N N 228 
LYS NZ  HZ3  sing N N 229 
LYS OXT HXT  sing N N 230 
MET N   CA   sing N N 231 
MET N   H    sing N N 232 
MET N   H2   sing N N 233 
MET CA  C    sing N N 234 
MET CA  CB   sing N N 235 
MET CA  HA   sing N N 236 
MET C   O    doub N N 237 
MET C   OXT  sing N N 238 
MET CB  CG   sing N N 239 
MET CB  HB2  sing N N 240 
MET CB  HB3  sing N N 241 
MET CG  SD   sing N N 242 
MET CG  HG2  sing N N 243 
MET CG  HG3  sing N N 244 
MET SD  CE   sing N N 245 
MET CE  HE1  sing N N 246 
MET CE  HE2  sing N N 247 
MET CE  HE3  sing N N 248 
MET OXT HXT  sing N N 249 
PHE N   CA   sing N N 250 
PHE N   H    sing N N 251 
PHE N   H2   sing N N 252 
PHE CA  C    sing N N 253 
PHE CA  CB   sing N N 254 
PHE CA  HA   sing N N 255 
PHE C   O    doub N N 256 
PHE C   OXT  sing N N 257 
PHE CB  CG   sing N N 258 
PHE CB  HB2  sing N N 259 
PHE CB  HB3  sing N N 260 
PHE CG  CD1  doub Y N 261 
PHE CG  CD2  sing Y N 262 
PHE CD1 CE1  sing Y N 263 
PHE CD1 HD1  sing N N 264 
PHE CD2 CE2  doub Y N 265 
PHE CD2 HD2  sing N N 266 
PHE CE1 CZ   doub Y N 267 
PHE CE1 HE1  sing N N 268 
PHE CE2 CZ   sing Y N 269 
PHE CE2 HE2  sing N N 270 
PHE CZ  HZ   sing N N 271 
PHE OXT HXT  sing N N 272 
PRO N   CA   sing N N 273 
PRO N   CD   sing N N 274 
PRO N   H    sing N N 275 
PRO CA  C    sing N N 276 
PRO CA  CB   sing N N 277 
PRO CA  HA   sing N N 278 
PRO C   O    doub N N 279 
PRO C   OXT  sing N N 280 
PRO CB  CG   sing N N 281 
PRO CB  HB2  sing N N 282 
PRO CB  HB3  sing N N 283 
PRO CG  CD   sing N N 284 
PRO CG  HG2  sing N N 285 
PRO CG  HG3  sing N N 286 
PRO CD  HD2  sing N N 287 
PRO CD  HD3  sing N N 288 
PRO OXT HXT  sing N N 289 
SER N   CA   sing N N 290 
SER N   H    sing N N 291 
SER N   H2   sing N N 292 
SER CA  C    sing N N 293 
SER CA  CB   sing N N 294 
SER CA  HA   sing N N 295 
SER C   O    doub N N 296 
SER C   OXT  sing N N 297 
SER CB  OG   sing N N 298 
SER CB  HB2  sing N N 299 
SER CB  HB3  sing N N 300 
SER OG  HG   sing N N 301 
SER OXT HXT  sing N N 302 
SO4 S   O1   doub N N 303 
SO4 S   O2   doub N N 304 
SO4 S   O3   sing N N 305 
SO4 S   O4   sing N N 306 
THR N   CA   sing N N 307 
THR N   H    sing N N 308 
THR N   H2   sing N N 309 
THR CA  C    sing N N 310 
THR CA  CB   sing N N 311 
THR CA  HA   sing N N 312 
THR C   O    doub N N 313 
THR C   OXT  sing N N 314 
THR CB  OG1  sing N N 315 
THR CB  CG2  sing N N 316 
THR CB  HB   sing N N 317 
THR OG1 HG1  sing N N 318 
THR CG2 HG21 sing N N 319 
THR CG2 HG22 sing N N 320 
THR CG2 HG23 sing N N 321 
THR OXT HXT  sing N N 322 
TYR N   CA   sing N N 323 
TYR N   H    sing N N 324 
TYR N   H2   sing N N 325 
TYR CA  C    sing N N 326 
TYR CA  CB   sing N N 327 
TYR CA  HA   sing N N 328 
TYR C   O    doub N N 329 
TYR C   OXT  sing N N 330 
TYR CB  CG   sing N N 331 
TYR CB  HB2  sing N N 332 
TYR CB  HB3  sing N N 333 
TYR CG  CD1  doub Y N 334 
TYR CG  CD2  sing Y N 335 
TYR CD1 CE1  sing Y N 336 
TYR CD1 HD1  sing N N 337 
TYR CD2 CE2  doub Y N 338 
TYR CD2 HD2  sing N N 339 
TYR CE1 CZ   doub Y N 340 
TYR CE1 HE1  sing N N 341 
TYR CE2 CZ   sing Y N 342 
TYR CE2 HE2  sing N N 343 
TYR CZ  OH   sing N N 344 
TYR OH  HH   sing N N 345 
TYR OXT HXT  sing N N 346 
VAL N   CA   sing N N 347 
VAL N   H    sing N N 348 
VAL N   H2   sing N N 349 
VAL CA  C    sing N N 350 
VAL CA  CB   sing N N 351 
VAL CA  HA   sing N N 352 
VAL C   O    doub N N 353 
VAL C   OXT  sing N N 354 
VAL CB  CG1  sing N N 355 
VAL CB  CG2  sing N N 356 
VAL CB  HB   sing N N 357 
VAL CG1 HG11 sing N N 358 
VAL CG1 HG12 sing N N 359 
VAL CG1 HG13 sing N N 360 
VAL CG2 HG21 sing N N 361 
VAL CG2 HG22 sing N N 362 
VAL CG2 HG23 sing N N 363 
VAL OXT HXT  sing N N 364 
# 
_atom_sites.entry_id                    4WFQ 
_atom_sites.fract_transf_matrix[1][1]   0.00756271 
_atom_sites.fract_transf_matrix[1][2]   0.01038540 
_atom_sites.fract_transf_matrix[1][3]   0.00712831 
_atom_sites.fract_transf_matrix[2][1]   -0.00454617 
_atom_sites.fract_transf_matrix[2][2]   0.00466342 
_atom_sites.fract_transf_matrix[2][3]   0.01316965 
_atom_sites.fract_transf_matrix[3][1]   0.00660087 
_atom_sites.fract_transf_matrix[3][2]   -0.00841637 
_atom_sites.fract_transf_matrix[3][3]   0.00525888 
_atom_sites.fract_transf_vector[1]      0.231874 
_atom_sites.fract_transf_vector[2]      0.521642 
_atom_sites.fract_transf_vector[3]      0.213476 
# 
loop_
_atom_type.symbol 
C 
N 
O 
S 
# 
loop_
_atom_site.group_PDB 
_atom_site.id 
_atom_site.type_symbol 
_atom_site.label_atom_id 
_atom_site.label_alt_id 
_atom_site.label_comp_id 
_atom_site.label_asym_id 
_atom_site.label_entity_id 
_atom_site.label_seq_id 
_atom_site.pdbx_PDB_ins_code 
_atom_site.Cartn_x 
_atom_site.Cartn_y 
_atom_site.Cartn_z 
_atom_site.occupancy 
_atom_site.B_iso_or_equiv 
_atom_site.pdbx_formal_charge 
_atom_site.auth_seq_id 
_atom_site.auth_comp_id 
_atom_site.auth_asym_id 
_atom_site.auth_atom_id 
_atom_site.pdbx_PDB_model_num 
ATOM   1    N N   . GLN A 1 1   ? -7.752  -13.801 -11.615 1.00 59.26  ? 119 GLN A N   1 
ATOM   2    C CA  . GLN A 1 1   ? -8.234  -14.109 -12.956 1.00 56.46  ? 119 GLN A CA  1 
ATOM   3    C C   . GLN A 1 1   ? -7.392  -15.253 -13.507 1.00 59.02  ? 119 GLN A C   1 
ATOM   4    O O   . GLN A 1 1   ? -7.498  -15.617 -14.676 1.00 70.28  ? 119 GLN A O   1 
ATOM   5    C CB  . GLN A 1 1   ? -8.144  -12.874 -13.867 1.00 56.25  ? 119 GLN A CB  1 
ATOM   6    C CG  . GLN A 1 1   ? -7.213  -11.752 -13.340 1.00 50.88  ? 119 GLN A CG  1 
ATOM   7    C CD  . GLN A 1 1   ? -5.768  -12.224 -13.150 1.00 54.72  ? 119 GLN A CD  1 
ATOM   8    O OE1 . GLN A 1 1   ? -5.236  -12.979 -13.971 1.00 53.25  ? 119 GLN A OE1 1 
ATOM   9    N NE2 . GLN A 1 1   ? -5.139  -11.798 -12.050 1.00 50.22  ? 119 GLN A NE2 1 
ATOM   10   N N   . ARG A 1 2   ? -6.542  -15.810 -12.657 1.00 55.78  ? 120 ARG A N   1 
ATOM   11   C CA  . ARG A 1 2   ? -5.702  -16.959 -13.020 1.00 55.94  ? 120 ARG A CA  1 
ATOM   12   C C   . ARG A 1 2   ? -4.666  -16.753 -14.141 1.00 53.11  ? 120 ARG A C   1 
ATOM   13   O O   . ARG A 1 2   ? -3.596  -17.364 -14.104 1.00 56.36  ? 120 ARG A O   1 
ATOM   14   C CB  . ARG A 1 2   ? -6.553  -18.210 -13.260 1.00 51.96  ? 120 ARG A CB  1 
ATOM   15   C CG  . ARG A 1 2   ? -7.527  -18.475 -12.131 1.00 50.27  ? 120 ARG A CG  1 
ATOM   16   C CD  . ARG A 1 2   ? -7.826  -19.954 -11.949 1.00 47.90  ? 120 ARG A CD  1 
ATOM   17   N NE  . ARG A 1 2   ? -8.706  -20.171 -10.803 1.00 46.76  ? 120 ARG A NE  1 
ATOM   18   C CZ  . ARG A 1 2   ? -10.007 -19.900 -10.801 1.00 49.80  ? 120 ARG A CZ  1 
ATOM   19   N NH1 . ARG A 1 2   ? -10.581 -19.405 -11.892 1.00 53.58  ? 120 ARG A NH1 1 
ATOM   20   N NH2 . ARG A 1 2   ? -10.732 -20.124 -9.714  1.00 47.78  ? 120 ARG A NH2 1 
ATOM   21   N N   . GLY A 1 3   ? -4.964  -15.901 -15.119 1.00 51.06  ? 121 GLY A N   1 
ATOM   22   C CA  . GLY A 1 3   ? -4.025  -15.626 -16.201 1.00 51.91  ? 121 GLY A CA  1 
ATOM   23   C C   . GLY A 1 3   ? -2.744  -14.938 -15.736 1.00 56.77  ? 121 GLY A C   1 
ATOM   24   O O   . GLY A 1 3   ? -1.634  -15.249 -16.196 1.00 57.11  ? 121 GLY A O   1 
ATOM   25   N N   . ILE A 1 4   ? -2.896  -13.996 -14.812 1.00 53.03  ? 122 ILE A N   1 
ATOM   26   C CA  . ILE A 1 4   ? -1.749  -13.293 -14.242 1.00 56.40  ? 122 ILE A CA  1 
ATOM   27   C C   . ILE A 1 4   ? -1.623  -13.561 -12.736 1.00 50.74  ? 122 ILE A C   1 
ATOM   28   O O   . ILE A 1 4   ? -2.585  -13.366 -11.982 1.00 49.82  ? 122 ILE A O   1 
ATOM   29   C CB  . ILE A 1 4   ? -1.850  -11.761 -14.486 1.00 52.42  ? 122 ILE A CB  1 
ATOM   30   C CG1 . ILE A 1 4   ? -1.962  -11.454 -15.987 1.00 55.08  ? 122 ILE A CG1 1 
ATOM   31   C CG2 . ILE A 1 4   ? -0.652  -11.061 -13.918 1.00 48.06  ? 122 ILE A CG2 1 
ATOM   32   C CD1 . ILE A 1 4   ? -2.257  -9.985  -16.299 1.00 49.50  ? 122 ILE A CD1 1 
ATOM   33   N N   . ILE A 1 5   ? -0.450  -14.014 -12.298 1.00 49.29  ? 123 ILE A N   1 
ATOM   34   C CA  . ILE A 1 5   ? -0.168  -14.138 -10.868 1.00 47.50  ? 123 ILE A CA  1 
ATOM   35   C C   . ILE A 1 5   ? 0.414   -12.837 -10.336 1.00 44.10  ? 123 ILE A C   1 
ATOM   36   O O   . ILE A 1 5   ? 1.545   -12.485 -10.655 1.00 46.33  ? 123 ILE A O   1 
ATOM   37   C CB  . ILE A 1 5   ? 0.845   -15.251 -10.551 1.00 45.28  ? 123 ILE A CB  1 
ATOM   38   C CG1 . ILE A 1 5   ? 0.353   -16.593 -11.081 1.00 51.14  ? 123 ILE A CG1 1 
ATOM   39   C CG2 . ILE A 1 5   ? 1.069   -15.341 -9.045  1.00 39.58  ? 123 ILE A CG2 1 
ATOM   40   C CD1 . ILE A 1 5   ? 1.440   -17.665 -11.045 1.00 49.75  ? 123 ILE A CD1 1 
ATOM   41   N N   . ARG A 1 6   ? -0.353  -12.143 -9.502  1.00 46.65  ? 124 ARG A N   1 
ATOM   42   C CA  . ARG A 1 6   ? 0.066   -10.860 -8.945  1.00 44.26  ? 124 ARG A CA  1 
ATOM   43   C C   . ARG A 1 6   ? 0.666   -10.987 -7.547  1.00 43.79  ? 124 ARG A C   1 
ATOM   44   O O   . ARG A 1 6   ? 0.246   -11.835 -6.752  1.00 41.90  ? 124 ARG A O   1 
ATOM   45   C CB  . ARG A 1 6   ? -1.134  -9.903  -8.903  1.00 43.50  ? 124 ARG A CB  1 
ATOM   46   C CG  . ARG A 1 6   ? -1.821  -9.742  -10.249 1.00 45.35  ? 124 ARG A CG  1 
ATOM   47   C CD  . ARG A 1 6   ? -3.116  -8.953  -10.142 1.00 41.98  ? 124 ARG A CD  1 
ATOM   48   N NE  . ARG A 1 6   ? -2.885  -7.580  -9.713  1.00 40.12  ? 124 ARG A NE  1 
ATOM   49   C CZ  . ARG A 1 6   ? -3.851  -6.745  -9.339  1.00 50.01  ? 124 ARG A CZ  1 
ATOM   50   N NH1 . ARG A 1 6   ? -5.117  -7.147  -9.336  1.00 46.27  ? 124 ARG A NH1 1 
ATOM   51   N NH2 . ARG A 1 6   ? -3.557  -5.504  -8.961  1.00 49.38  ? 124 ARG A NH2 1 
ATOM   52   N N   . SER A 1 7   ? 1.655   -10.148 -7.254  1.00 43.35  ? 125 SER A N   1 
ATOM   53   C CA  . SER A 1 7   ? 2.103   -9.950  -5.879  1.00 42.81  ? 125 SER A CA  1 
ATOM   54   C C   . SER A 1 7   ? 1.852   -8.499  -5.526  1.00 46.05  ? 125 SER A C   1 
ATOM   55   O O   . SER A 1 7   ? 2.375   -7.586  -6.186  1.00 45.08  ? 125 SER A O   1 
ATOM   56   C CB  . SER A 1 7   ? 3.589   -10.246 -5.711  1.00 41.81  ? 125 SER A CB  1 
ATOM   57   O OG  . SER A 1 7   ? 3.884   -11.574 -6.097  1.00 41.21  ? 125 SER A OG  1 
ATOM   58   N N   . LEU A 1 8   ? 1.048   -8.294  -4.488  1.00 41.93  ? 126 LEU A N   1 
ATOM   59   C CA  . LEU A 1 8   ? 0.647   -6.963  -4.074  1.00 42.17  ? 126 LEU A CA  1 
ATOM   60   C C   . LEU A 1 8   ? 0.986   -6.756  -2.609  1.00 44.91  ? 126 LEU A C   1 
ATOM   61   O O   . LEU A 1 8   ? 0.484   -7.472  -1.733  1.00 43.25  ? 126 LEU A O   1 
ATOM   62   C CB  . LEU A 1 8   ? -0.854  -6.756  -4.302  1.00 41.08  ? 126 LEU A CB  1 
ATOM   63   C CG  . LEU A 1 8   ? -1.306  -5.306  -4.123  1.00 42.95  ? 126 LEU A CG  1 
ATOM   64   C CD1 . LEU A 1 8   ? -2.388  -4.961  -5.146  1.00 40.59  ? 126 LEU A CD1 1 
ATOM   65   C CD2 . LEU A 1 8   ? -1.795  -5.036  -2.694  1.00 40.86  ? 126 LEU A CD2 1 
ATOM   66   N N   . ILE A 1 9   ? 1.844   -5.777  -2.346  1.00 39.10  ? 127 ILE A N   1 
ATOM   67   C CA  . ILE A 1 9   ? 2.163   -5.414  -0.985  1.00 36.65  ? 127 ILE A CA  1 
ATOM   68   C C   . ILE A 1 9   ? 1.281   -4.219  -0.572  1.00 39.99  ? 127 ILE A C   1 
ATOM   69   O O   . ILE A 1 9   ? 1.505   -3.085  -1.005  1.00 38.74  ? 127 ILE A O   1 
ATOM   70   C CB  . ILE A 1 9   ? 3.676   -5.077  -0.835  1.00 38.42  ? 127 ILE A CB  1 
ATOM   71   C CG1 . ILE A 1 9   ? 4.537   -6.190  -1.446  1.00 39.56  ? 127 ILE A CG1 1 
ATOM   72   C CG2 . ILE A 1 9   ? 4.044   -4.825  0.641   1.00 37.05  ? 127 ILE A CG2 1 
ATOM   73   C CD1 . ILE A 1 9   ? 4.145   -7.636  -1.013  1.00 35.53  ? 127 ILE A CD1 1 
ATOM   74   N N   . LEU A 1 10  ? 0.255   -4.479  0.234   1.00 38.88  ? 128 LEU A N   1 
ATOM   75   C CA  . LEU A 1 10  ? -0.596  -3.412  0.747   1.00 38.44  ? 128 LEU A CA  1 
ATOM   76   C C   . LEU A 1 10  ? 0.130   -2.751  1.909   1.00 42.65  ? 128 LEU A C   1 
ATOM   77   O O   . LEU A 1 10  ? 0.488   -3.416  2.900   1.00 40.61  ? 128 LEU A O   1 
ATOM   78   C CB  . LEU A 1 10  ? -1.963  -3.948  1.196   1.00 36.12  ? 128 LEU A CB  1 
ATOM   79   C CG  . LEU A 1 10  ? -2.992  -2.959  1.780   1.00 38.93  ? 128 LEU A CG  1 
ATOM   80   C CD1 . LEU A 1 10  ? -3.265  -1.829  0.811   1.00 38.05  ? 128 LEU A CD1 1 
ATOM   81   C CD2 . LEU A 1 10  ? -4.318  -3.649  2.161   1.00 35.95  ? 128 LEU A CD2 1 
ATOM   82   N N   . THR A 1 11  ? 0.354   -1.443  1.773   1.00 38.99  ? 129 THR A N   1 
ATOM   83   C CA  . THR A 1 11  ? 1.128   -0.666  2.729   1.00 35.26  ? 129 THR A CA  1 
ATOM   84   C C   . THR A 1 11  ? 0.237   0.415   3.306   1.00 40.61  ? 129 THR A C   1 
ATOM   85   O O   . THR A 1 11  ? -0.217  1.302   2.577   1.00 45.94  ? 129 THR A O   1 
ATOM   86   C CB  . THR A 1 11  ? 2.339   -0.026  2.028   1.00 39.20  ? 129 THR A CB  1 
ATOM   87   O OG1 . THR A 1 11  ? 3.042   -1.040  1.291   1.00 40.79  ? 129 THR A OG1 1 
ATOM   88   C CG2 . THR A 1 11  ? 3.277   0.606   3.025   1.00 33.62  ? 129 THR A CG2 1 
ATOM   89   N N   . LEU A 1 12  ? -0.027  0.343   4.610   1.00 39.53  ? 130 LEU A N   1 
ATOM   90   C CA  . LEU A 1 12  ? -0.977  1.261   5.250   1.00 39.52  ? 130 LEU A CA  1 
ATOM   91   C C   . LEU A 1 12  ? -0.283  2.242   6.188   1.00 38.12  ? 130 LEU A C   1 
ATOM   92   O O   . LEU A 1 12  ? 0.522   1.852   7.027   1.00 42.04  ? 130 LEU A O   1 
ATOM   93   C CB  . LEU A 1 12  ? -2.073  0.494   6.019   1.00 34.86  ? 130 LEU A CB  1 
ATOM   94   C CG  . LEU A 1 12  ? -2.874  -0.566  5.245   1.00 41.48  ? 130 LEU A CG  1 
ATOM   95   C CD1 . LEU A 1 12  ? -3.897  -1.272  6.136   1.00 39.20  ? 130 LEU A CD1 1 
ATOM   96   C CD2 . LEU A 1 12  ? -3.563  0.046   4.032   1.00 34.21  ? 130 LEU A CD2 1 
ATOM   97   N N   . ASP A 1 13  ? -0.594  3.522   6.028   1.00 40.04  ? 131 ASP A N   1 
ATOM   98   C CA  . ASP A 1 13  ? -0.172  4.562   6.952   1.00 37.12  ? 131 ASP A CA  1 
ATOM   99   C C   . ASP A 1 13  ? -0.916  4.318   8.264   1.00 39.10  ? 131 ASP A C   1 
ATOM   100  O O   . ASP A 1 13  ? -2.140  4.375   8.310   1.00 37.35  ? 131 ASP A O   1 
ATOM   101  C CB  . ASP A 1 13  ? -0.564  5.929   6.364   1.00 36.24  ? 131 ASP A CB  1 
ATOM   102  C CG  . ASP A 1 13  ? 0.022   7.121   7.128   1.00 41.20  ? 131 ASP A CG  1 
ATOM   103  O OD1 . ASP A 1 13  ? 0.596   6.934   8.230   1.00 39.11  ? 131 ASP A OD1 1 
ATOM   104  O OD2 . ASP A 1 13  ? -0.108  8.271   6.617   1.00 39.87  ? 131 ASP A OD2 1 
ATOM   105  N N   . CYS A 1 14  ? -0.186  4.014   9.330   1.00 40.30  ? 132 CYS A N   1 
ATOM   106  C CA  . CYS A 1 14  ? -0.778  3.974   10.669  1.00 41.04  ? 132 CYS A CA  1 
ATOM   107  C C   . CYS A 1 14  ? -0.019  4.937   11.579  1.00 43.46  ? 132 CYS A C   1 
ATOM   108  O O   . CYS A 1 14  ? 0.232   4.641   12.752  1.00 41.81  ? 132 CYS A O   1 
ATOM   109  C CB  . CYS A 1 14  ? -0.739  2.559   11.250  1.00 39.76  ? 132 CYS A CB  1 
ATOM   110  S SG  . CYS A 1 14  ? -1.656  1.365   10.260  1.00 45.75  ? 132 CYS A SG  1 
ATOM   111  N N   . SER A 1 15  ? 0.367   6.081   11.018  1.00 36.87  ? 133 SER A N   1 
ATOM   112  C CA  . SER A 1 15  ? 1.116   7.076   11.765  1.00 41.37  ? 133 SER A CA  1 
ATOM   113  C C   . SER A 1 15  ? 0.164   8.106   12.380  1.00 44.79  ? 133 SER A C   1 
ATOM   114  O O   . SER A 1 15  ? -1.062  7.987   12.251  1.00 42.32  ? 133 SER A O   1 
ATOM   115  C CB  . SER A 1 15  ? 2.172   7.745   10.873  1.00 40.30  ? 133 SER A CB  1 
ATOM   116  O OG  . SER A 1 15  ? 1.568   8.592   9.910   1.00 39.69  ? 133 SER A OG  1 
ATOM   117  N N   . GLU A 1 16  ? 0.732   9.117   13.033  1.00 45.59  ? 134 GLU A N   1 
ATOM   118  C CA  . GLU A 1 16  ? -0.042  10.066  13.836  1.00 45.24  ? 134 GLU A CA  1 
ATOM   119  C C   . GLU A 1 16  ? -1.171  10.796  13.092  1.00 45.67  ? 134 GLU A C   1 
ATOM   120  O O   . GLU A 1 16  ? -2.226  11.071  13.668  1.00 46.58  ? 134 GLU A O   1 
ATOM   121  C CB  . GLU A 1 16  ? 0.896   11.086  14.470  1.00 46.22  ? 134 GLU A CB  1 
ATOM   122  C CG  . GLU A 1 16  ? 0.246   11.873  15.581  1.00 57.07  ? 134 GLU A CG  1 
ATOM   123  C CD  . GLU A 1 16  ? 1.181   12.885  16.185  1.00 65.12  ? 134 GLU A CD  1 
ATOM   124  O OE1 . GLU A 1 16  ? 2.412   12.676  16.098  1.00 68.52  ? 134 GLU A OE1 1 
ATOM   125  O OE2 . GLU A 1 16  ? 0.685   13.894  16.738  1.00 76.41  ? 134 GLU A OE2 1 
ATOM   126  N N   . ALA A 1 17  ? -0.952  11.109  11.820  1.00 43.28  ? 135 ALA A N   1 
ATOM   127  C CA  . ALA A 1 17  ? -1.973  11.777  11.020  1.00 46.00  ? 135 ALA A CA  1 
ATOM   128  C C   . ALA A 1 17  ? -3.272  10.972  10.982  1.00 49.02  ? 135 ALA A C   1 
ATOM   129  O O   . ALA A 1 17  ? -4.363  11.528  10.809  1.00 48.68  ? 135 ALA A O   1 
ATOM   130  C CB  . ALA A 1 17  ? -1.463  12.014  9.604   1.00 44.51  ? 135 ALA A CB  1 
ATOM   131  N N   . MET A 1 18  ? -3.163  9.658   11.143  1.00 49.28  ? 136 MET A N   1 
ATOM   132  C CA  . MET A 1 18  ? -4.326  8.804   10.947  1.00 44.14  ? 136 MET A CA  1 
ATOM   133  C C   . MET A 1 18  ? -5.299  8.844   12.134  1.00 44.57  ? 136 MET A C   1 
ATOM   134  O O   . MET A 1 18  ? -6.387  8.265   12.074  1.00 47.00  ? 136 MET A O   1 
ATOM   135  C CB  . MET A 1 18  ? -3.899  7.381   10.545  1.00 42.10  ? 136 MET A CB  1 
ATOM   136  C CG  . MET A 1 18  ? -3.066  7.345   9.258   1.00 40.59  ? 136 MET A CG  1 
ATOM   137  S SD  . MET A 1 18  ? -3.917  7.993   7.785   1.00 30.96  ? 136 MET A SD  1 
ATOM   138  C CE  . MET A 1 18  ? -4.981  6.580   7.469   1.00 38.38  ? 136 MET A CE  1 
ATOM   139  N N   . LEU A 1 19  ? -4.919  9.563   13.190  1.00 45.85  ? 137 LEU A N   1 
ATOM   140  C CA  . LEU A 1 19  ? -5.799  9.798   14.344  1.00 48.57  ? 137 LEU A CA  1 
ATOM   141  C C   . LEU A 1 19  ? -6.947  10.764  14.018  1.00 50.53  ? 137 LEU A C   1 
ATOM   142  O O   . LEU A 1 19  ? -7.966  10.797  14.714  1.00 53.47  ? 137 LEU A O   1 
ATOM   143  C CB  . LEU A 1 19  ? -5.003  10.376  15.517  1.00 42.55  ? 137 LEU A CB  1 
ATOM   144  C CG  . LEU A 1 19  ? -3.995  9.497   16.257  1.00 48.02  ? 137 LEU A CG  1 
ATOM   145  C CD1 . LEU A 1 19  ? -3.078  10.354  17.081  1.00 39.43  ? 137 LEU A CD1 1 
ATOM   146  C CD2 . LEU A 1 19  ? -4.729  8.528   17.153  1.00 44.20  ? 137 LEU A CD2 1 
ATOM   147  N N   . GLU A 1 20  ? -6.772  11.558  12.967  1.00 51.23  ? 138 GLU A N   1 
ATOM   148  C CA  . GLU A 1 20  ? -7.731  12.611  12.628  1.00 58.39  ? 138 GLU A CA  1 
ATOM   149  C C   . GLU A 1 20  ? -9.136  12.072  12.389  1.00 56.00  ? 138 GLU A C   1 
ATOM   150  O O   . GLU A 1 20  ? -9.320  11.064  11.698  1.00 54.00  ? 138 GLU A O   1 
ATOM   151  C CB  . GLU A 1 20  ? -7.250  13.430  11.421  1.00 62.77  ? 138 GLU A CB  1 
ATOM   152  C CG  . GLU A 1 20  ? -6.280  14.552  11.780  1.00 62.43  ? 138 GLU A CG  1 
ATOM   153  C CD  . GLU A 1 20  ? -6.785  15.393  12.940  1.00 71.67  ? 138 GLU A CD  1 
ATOM   154  O OE1 . GLU A 1 20  ? -6.212  15.288  14.048  1.00 73.50  ? 138 GLU A OE1 1 
ATOM   155  O OE2 . GLU A 1 20  ? -7.763  16.151  12.747  1.00 77.58  ? 138 GLU A OE2 1 
ATOM   156  N N   . LYS A 1 21  ? -10.122 12.759  12.960  1.00 58.44  ? 139 LYS A N   1 
ATOM   157  C CA  . LYS A 1 21  ? -11.494 12.267  12.971  1.00 56.92  ? 139 LYS A CA  1 
ATOM   158  C C   . LYS A 1 21  ? -12.382 12.843  11.873  1.00 59.79  ? 139 LYS A C   1 
ATOM   159  O O   . LYS A 1 21  ? -13.608 12.809  11.989  1.00 64.94  ? 139 LYS A O   1 
ATOM   160  C CB  . LYS A 1 21  ? -12.135 12.524  14.336  1.00 60.94  ? 139 LYS A CB  1 
ATOM   161  C CG  . LYS A 1 21  ? -11.588 11.685  15.476  1.00 60.29  ? 139 LYS A CG  1 
ATOM   162  C CD  . LYS A 1 21  ? -12.235 12.115  16.780  1.00 67.11  ? 139 LYS A CD  1 
ATOM   163  C CE  . LYS A 1 21  ? -11.863 11.211  17.940  1.00 71.07  ? 139 LYS A CE  1 
ATOM   164  N NZ  . LYS A 1 21  ? -12.422 11.754  19.211  1.00 76.38  ? 139 LYS A NZ  1 
ATOM   165  N N   . ASP A 1 22  ? -11.779 13.359  10.808  1.00 56.54  ? 140 ASP A N   1 
ATOM   166  C CA  . ASP A 1 22  ? -12.558 13.929  9.720   1.00 56.10  ? 140 ASP A CA  1 
ATOM   167  C C   . ASP A 1 22  ? -13.285 12.820  8.969   1.00 56.86  ? 140 ASP A C   1 
ATOM   168  O O   . ASP A 1 22  ? -14.498 12.902  8.752   1.00 60.77  ? 140 ASP A O   1 
ATOM   169  C CB  . ASP A 1 22  ? -11.669 14.761  8.784   1.00 59.46  ? 140 ASP A CB  1 
ATOM   170  C CG  . ASP A 1 22  ? -10.416 14.023  8.363   1.00 62.22  ? 140 ASP A CG  1 
ATOM   171  O OD1 . ASP A 1 22  ? -9.865  13.250  9.180   1.00 61.46  ? 140 ASP A OD1 1 
ATOM   172  O OD2 . ASP A 1 22  ? -9.983  14.208  7.209   1.00 67.04  ? 140 ASP A OD2 1 
ATOM   173  N N   . LEU A 1 23  ? -12.542 11.786  8.576   1.00 58.78  ? 141 LEU A N   1 
ATOM   174  C CA  . LEU A 1 23  ? -13.136 10.529  8.101   1.00 55.08  ? 141 LEU A CA  1 
ATOM   175  C C   . LEU A 1 23  ? -13.448 9.697   9.341   1.00 56.76  ? 141 LEU A C   1 
ATOM   176  O O   . LEU A 1 23  ? -12.642 9.648   10.261  1.00 55.81  ? 141 LEU A O   1 
ATOM   177  C CB  . LEU A 1 23  ? -12.191 9.771   7.162   1.00 56.08  ? 141 LEU A CB  1 
ATOM   178  C CG  . LEU A 1 23  ? -12.083 10.276  5.713   1.00 63.19  ? 141 LEU A CG  1 
ATOM   179  C CD1 . LEU A 1 23  ? -11.337 11.601  5.614   1.00 62.92  ? 141 LEU A CD1 1 
ATOM   180  C CD2 . LEU A 1 23  ? -11.410 9.240   4.840   1.00 65.29  ? 141 LEU A CD2 1 
ATOM   181  N N   . ARG A 1 24  ? -14.612 9.054   9.373   1.00 53.14  ? 142 ARG A N   1 
ATOM   182  C CA  . ARG A 1 24  ? -15.182 8.595   10.635  1.00 55.53  ? 142 ARG A CA  1 
ATOM   183  C C   . ARG A 1 24  ? -15.118 7.083   10.849  1.00 57.19  ? 142 ARG A C   1 
ATOM   184  O O   . ARG A 1 24  ? -15.251 6.311   9.894   1.00 56.82  ? 142 ARG A O   1 
ATOM   185  C CB  . ARG A 1 24  ? -16.628 9.102   10.776  1.00 61.10  ? 142 ARG A CB  1 
ATOM   186  C CG  . ARG A 1 24  ? -16.791 10.610  10.549  1.00 61.56  ? 142 ARG A CG  1 
ATOM   187  C CD  . ARG A 1 24  ? -17.315 11.310  11.784  1.00 64.09  ? 142 ARG A CD  1 
ATOM   188  N NE  . ARG A 1 24  ? -16.384 11.195  12.907  1.00 66.71  ? 142 ARG A NE  1 
ATOM   189  C CZ  . ARG A 1 24  ? -16.664 11.545  14.163  1.00 69.84  ? 142 ARG A CZ  1 
ATOM   190  N NH1 . ARG A 1 24  ? -15.741 11.398  15.110  1.00 69.95  ? 142 ARG A NH1 1 
ATOM   191  N NH2 . ARG A 1 24  ? -17.860 12.033  14.476  1.00 70.17  ? 142 ARG A NH2 1 
ATOM   192  N N   . PRO A 1 25  ? -14.924 6.652   12.114  1.00 54.42  ? 143 PRO A N   1 
ATOM   193  C CA  . PRO A 1 25  ? -14.734 7.485   13.318  1.00 51.79  ? 143 PRO A CA  1 
ATOM   194  C C   . PRO A 1 25  ? -13.359 8.156   13.363  1.00 54.33  ? 143 PRO A C   1 
ATOM   195  O O   . PRO A 1 25  ? -13.184 9.154   14.065  1.00 57.67  ? 143 PRO A O   1 
ATOM   196  C CB  . PRO A 1 25  ? -14.855 6.475   14.467  1.00 51.69  ? 143 PRO A CB  1 
ATOM   197  C CG  . PRO A 1 25  ? -14.465 5.143   13.855  1.00 45.83  ? 143 PRO A CG  1 
ATOM   198  C CD  . PRO A 1 25  ? -14.973 5.210   12.433  1.00 49.60  ? 143 PRO A CD  1 
ATOM   199  N N   . ASN A 1 26  ? -12.395 7.590   12.641  1.00 51.29  ? 144 ASN A N   1 
ATOM   200  C CA  . ASN A 1 26  ? -11.107 8.237   12.395  1.00 52.51  ? 144 ASN A CA  1 
ATOM   201  C C   . ASN A 1 26  ? -10.533 7.613   11.137  1.00 46.59  ? 144 ASN A C   1 
ATOM   202  O O   . ASN A 1 26  ? -11.044 6.594   10.686  1.00 51.10  ? 144 ASN A O   1 
ATOM   203  C CB  . ASN A 1 26  ? -10.164 8.071   13.576  1.00 50.79  ? 144 ASN A CB  1 
ATOM   204  C CG  . ASN A 1 26  ? -9.951  6.635   13.928  1.00 51.63  ? 144 ASN A CG  1 
ATOM   205  O OD1 . ASN A 1 26  ? -9.193  5.929   13.264  1.00 50.24  ? 144 ASN A OD1 1 
ATOM   206  N ND2 . ASN A 1 26  ? -10.652 6.171   14.958  1.00 59.70  ? 144 ASN A ND2 1 
ATOM   207  N N   . ARG A 1 27  ? -9.499  8.218   10.560  1.00 47.74  ? 145 ARG A N   1 
ATOM   208  C CA  . ARG A 1 27  ? -8.960  7.758   9.278   1.00 46.13  ? 145 ARG A CA  1 
ATOM   209  C C   . ARG A 1 27  ? -8.492  6.295   9.323   1.00 45.69  ? 145 ARG A C   1 
ATOM   210  O O   . ARG A 1 27  ? -8.785  5.509   8.427   1.00 46.12  ? 145 ARG A O   1 
ATOM   211  C CB  . ARG A 1 27  ? -7.805  8.664   8.843   1.00 47.67  ? 145 ARG A CB  1 
ATOM   212  C CG  . ARG A 1 27  ? -8.180  10.122  8.694   1.00 52.43  ? 145 ARG A CG  1 
ATOM   213  C CD  . ARG A 1 27  ? -6.952  11.003  8.479   1.00 54.00  ? 145 ARG A CD  1 
ATOM   214  N NE  . ARG A 1 27  ? -7.342  12.385  8.218   1.00 59.68  ? 145 ARG A NE  1 
ATOM   215  C CZ  . ARG A 1 27  ? -6.520  13.433  8.247   1.00 65.22  ? 145 ARG A CZ  1 
ATOM   216  N NH1 . ARG A 1 27  ? -5.232  13.279  8.537   1.00 58.63  ? 145 ARG A NH1 1 
ATOM   217  N NH2 . ARG A 1 27  ? -6.999  14.647  7.997   1.00 61.48  ? 145 ARG A NH2 1 
ATOM   218  N N   . HIS A 1 28  ? -7.753  5.959   10.375  1.00 46.45  ? 146 HIS A N   1 
ATOM   219  C CA  . HIS A 1 28  ? -7.265  4.609   10.642  1.00 44.82  ? 146 HIS A CA  1 
ATOM   220  C C   . HIS A 1 28  ? -8.383  3.553   10.562  1.00 47.30  ? 146 HIS A C   1 
ATOM   221  O O   . HIS A 1 28  ? -8.296  2.595   9.787   1.00 45.44  ? 146 HIS A O   1 
ATOM   222  C CB  . HIS A 1 28  ? -6.606  4.617   12.026  1.00 41.70  ? 146 HIS A CB  1 
ATOM   223  C CG  . HIS A 1 28  ? -6.098  3.288   12.492  1.00 48.47  ? 146 HIS A CG  1 
ATOM   224  N ND1 . HIS A 1 28  ? -5.041  2.635   11.886  1.00 50.70  ? 146 HIS A ND1 1 
ATOM   225  C CD2 . HIS A 1 28  ? -6.463  2.514   13.543  1.00 47.63  ? 146 HIS A CD2 1 
ATOM   226  C CE1 . HIS A 1 28  ? -4.802  1.501   12.527  1.00 51.41  ? 146 HIS A CE1 1 
ATOM   227  N NE2 . HIS A 1 28  ? -5.649  1.408   13.541  1.00 50.99  ? 146 HIS A NE2 1 
ATOM   228  N N   . ALA A 1 29  ? -9.435  3.733   11.356  1.00 46.34  ? 147 ALA A N   1 
ATOM   229  C CA  . ALA A 1 29  ? -10.550 2.784   11.371  1.00 49.37  ? 147 ALA A CA  1 
ATOM   230  C C   . ALA A 1 29  ? -11.205 2.656   9.999   1.00 45.14  ? 147 ALA A C   1 
ATOM   231  O O   . ALA A 1 29  ? -11.668 1.584   9.605   1.00 48.50  ? 147 ALA A O   1 
ATOM   232  C CB  . ALA A 1 29  ? -11.592 3.191   12.423  1.00 43.74  ? 147 ALA A CB  1 
ATOM   233  N N   . MET A 1 30  ? -11.238 3.750   9.256   1.00 45.64  ? 148 MET A N   1 
ATOM   234  C CA  . MET A 1 30  ? -11.911 3.716   7.967   1.00 49.79  ? 148 MET A CA  1 
ATOM   235  C C   . MET A 1 30  ? -11.102 2.969   6.919   1.00 49.39  ? 148 MET A C   1 
ATOM   236  O O   . MET A 1 30  ? -11.653 2.157   6.166   1.00 49.25  ? 148 MET A O   1 
ATOM   237  C CB  . MET A 1 30  ? -12.243 5.126   7.485   1.00 48.99  ? 148 MET A CB  1 
ATOM   238  C CG  . MET A 1 30  ? -13.425 5.149   6.539   1.00 60.67  ? 148 MET A CG  1 
ATOM   239  S SD  . MET A 1 30  ? -13.069 6.199   5.144   1.00 75.77  ? 148 MET A SD  1 
ATOM   240  C CE  . MET A 1 30  ? -11.459 5.599   4.750   1.00 48.35  ? 148 MET A CE  1 
ATOM   241  N N   . ILE A 1 31  ? -9.800  3.247   6.868   1.00 46.66  ? 149 ILE A N   1 
ATOM   242  C CA  . ILE A 1 31  ? -8.924  2.569   5.917   1.00 48.89  ? 149 ILE A CA  1 
ATOM   243  C C   . ILE A 1 31  ? -8.924  1.068   6.146   1.00 46.56  ? 149 ILE A C   1 
ATOM   244  O O   . ILE A 1 31  ? -9.008  0.289   5.195   1.00 51.22  ? 149 ILE A O   1 
ATOM   245  C CB  . ILE A 1 31  ? -7.469  3.056   6.025   1.00 50.57  ? 149 ILE A CB  1 
ATOM   246  C CG1 . ILE A 1 31  ? -7.395  4.569   5.805   1.00 54.08  ? 149 ILE A CG1 1 
ATOM   247  C CG2 . ILE A 1 31  ? -6.607  2.328   5.029   1.00 49.63  ? 149 ILE A CG2 1 
ATOM   248  C CD1 . ILE A 1 31  ? -7.994  5.042   4.501   1.00 51.97  ? 149 ILE A CD1 1 
ATOM   249  N N   . ILE A 1 32  ? -8.817  0.662   7.409   1.00 49.02  ? 150 ILE A N   1 
ATOM   250  C CA  . ILE A 1 32  ? -8.819  -0.759  7.742   1.00 46.72  ? 150 ILE A CA  1 
ATOM   251  C C   . ILE A 1 32  ? -10.098 -1.407  7.233   1.00 46.37  ? 150 ILE A C   1 
ATOM   252  O O   . ILE A 1 32  ? -10.050 -2.441  6.572   1.00 45.04  ? 150 ILE A O   1 
ATOM   253  C CB  . ILE A 1 32  ? -8.713  -1.007  9.261   1.00 46.25  ? 150 ILE A CB  1 
ATOM   254  C CG1 . ILE A 1 32  ? -7.384  -0.464  9.816   1.00 49.98  ? 150 ILE A CG1 1 
ATOM   255  C CG2 . ILE A 1 32  ? -8.883  -2.482  9.567   1.00 42.11  ? 150 ILE A CG2 1 
ATOM   256  C CD1 . ILE A 1 32  ? -6.176  -0.825  8.987   1.00 52.29  ? 150 ILE A CD1 1 
ATOM   257  N N   . GLN A 1 33  ? -11.236 -0.779  7.529   1.00 47.57  ? 151 GLN A N   1 
ATOM   258  C CA  . GLN A 1 33  ? -12.539 -1.295  7.113   1.00 50.50  ? 151 GLN A CA  1 
ATOM   259  C C   . GLN A 1 33  ? -12.564 -1.553  5.617   1.00 48.30  ? 151 GLN A C   1 
ATOM   260  O O   . GLN A 1 33  ? -12.993 -2.616  5.184   1.00 51.53  ? 151 GLN A O   1 
ATOM   261  C CB  . GLN A 1 33  ? -13.670 -0.333  7.514   1.00 52.96  ? 151 GLN A CB  1 
ATOM   262  C CG  . GLN A 1 33  ? -15.017 -0.627  6.839   1.00 59.12  ? 151 GLN A CG  1 
ATOM   263  C CD  . GLN A 1 33  ? -16.055 0.505   7.013   1.00 69.98  ? 151 GLN A CD  1 
ATOM   264  O OE1 . GLN A 1 33  ? -15.894 1.400   7.856   1.00 62.96  ? 151 GLN A OE1 1 
ATOM   265  N NE2 . GLN A 1 33  ? -17.123 0.463   6.204   1.00 64.13  ? 151 GLN A NE2 1 
ATOM   266  N N   . TYR A 1 34  ? -12.068 -0.601  4.830   1.00 50.16  ? 152 TYR A N   1 
ATOM   267  C CA  . TYR A 1 34  ? -12.061 -0.755  3.371   1.00 51.27  ? 152 TYR A CA  1 
ATOM   268  C C   . TYR A 1 34  ? -10.974 -1.699  2.856   1.00 45.95  ? 152 TYR A C   1 
ATOM   269  O O   . TYR A 1 34  ? -11.167 -2.370  1.837   1.00 49.21  ? 152 TYR A O   1 
ATOM   270  C CB  . TYR A 1 34  ? -12.009 0.612   2.673   1.00 49.70  ? 152 TYR A CB  1 
ATOM   271  C CG  . TYR A 1 34  ? -13.343 1.302   2.724   1.00 51.79  ? 152 TYR A CG  1 
ATOM   272  C CD1 . TYR A 1 34  ? -14.273 1.146   1.696   1.00 57.80  ? 152 TYR A CD1 1 
ATOM   273  C CD2 . TYR A 1 34  ? -13.697 2.079   3.816   1.00 54.52  ? 152 TYR A CD2 1 
ATOM   274  C CE1 . TYR A 1 34  ? -15.518 1.770   1.753   1.00 57.67  ? 152 TYR A CE1 1 
ATOM   275  C CE2 . TYR A 1 34  ? -14.936 2.706   3.882   1.00 59.10  ? 152 TYR A CE2 1 
ATOM   276  C CZ  . TYR A 1 34  ? -15.838 2.546   2.850   1.00 58.22  ? 152 TYR A CZ  1 
ATOM   277  O OH  . TYR A 1 34  ? -17.060 3.165   2.929   1.00 61.36  ? 152 TYR A OH  1 
ATOM   278  N N   . ALA A 1 35  ? -9.847  -1.760  3.560   1.00 42.85  ? 153 ALA A N   1 
ATOM   279  C CA  . ALA A 1 35  ? -8.789  -2.719  3.230   1.00 46.24  ? 153 ALA A CA  1 
ATOM   280  C C   . ALA A 1 35  ? -9.289  -4.160  3.368   1.00 47.65  ? 153 ALA A C   1 
ATOM   281  O O   . ALA A 1 35  ? -8.912  -5.051  2.591   1.00 42.61  ? 153 ALA A O   1 
ATOM   282  C CB  . ALA A 1 35  ? -7.573  -2.498  4.127   1.00 41.90  ? 153 ALA A CB  1 
ATOM   283  N N   . ILE A 1 36  ? -10.125 -4.375  4.383   1.00 48.28  ? 154 ILE A N   1 
ATOM   284  C CA  . ILE A 1 36  ? -10.735 -5.671  4.642   1.00 48.70  ? 154 ILE A CA  1 
ATOM   285  C C   . ILE A 1 36  ? -11.573 -6.076  3.439   1.00 48.16  ? 154 ILE A C   1 
ATOM   286  O O   . ILE A 1 36  ? -11.381 -7.165  2.885   1.00 46.48  ? 154 ILE A O   1 
ATOM   287  C CB  . ILE A 1 36  ? -11.598 -5.623  5.931   1.00 47.77  ? 154 ILE A CB  1 
ATOM   288  C CG1 . ILE A 1 36  ? -10.678 -5.641  7.160   1.00 46.51  ? 154 ILE A CG1 1 
ATOM   289  C CG2 . ILE A 1 36  ? -12.543 -6.794  5.990   1.00 42.59  ? 154 ILE A CG2 1 
ATOM   290  C CD1 . ILE A 1 36  ? -11.386 -5.417  8.499   1.00 46.29  ? 154 ILE A CD1 1 
ATOM   291  N N   . ASP A 1 37  ? -12.473 -5.181  3.023   1.00 45.75  ? 155 ASP A N   1 
ATOM   292  C CA  . ASP A 1 37  ? -13.276 -5.383  1.815   1.00 47.17  ? 155 ASP A CA  1 
ATOM   293  C C   . ASP A 1 37  ? -12.387 -5.640  0.600   1.00 47.33  ? 155 ASP A C   1 
ATOM   294  O O   . ASP A 1 37  ? -12.674 -6.515  -0.217  1.00 47.72  ? 155 ASP A O   1 
ATOM   295  C CB  . ASP A 1 37  ? -14.173 -4.159  1.534   1.00 47.51  ? 155 ASP A CB  1 
ATOM   296  C CG  . ASP A 1 37  ? -15.199 -3.912  2.628   1.00 52.66  ? 155 ASP A CG  1 
ATOM   297  O OD1 . ASP A 1 37  ? -15.569 -4.883  3.336   1.00 55.09  ? 155 ASP A OD1 1 
ATOM   298  O OD2 . ASP A 1 37  ? -15.637 -2.742  2.770   1.00 54.53  ? 155 ASP A OD2 1 
ATOM   299  N N   . PHE A 1 38  ? -11.314 -4.866  0.480   1.00 46.35  ? 156 PHE A N   1 
ATOM   300  C CA  . PHE A 1 38  ? -10.383 -5.025  -0.633  1.00 44.39  ? 156 PHE A CA  1 
ATOM   301  C C   . PHE A 1 38  ? -9.757  -6.427  -0.673  1.00 46.07  ? 156 PHE A C   1 
ATOM   302  O O   . PHE A 1 38  ? -9.631  -7.025  -1.745  1.00 45.67  ? 156 PHE A O   1 
ATOM   303  C CB  . PHE A 1 38  ? -9.298  -3.946  -0.583  1.00 44.65  ? 156 PHE A CB  1 
ATOM   304  C CG  . PHE A 1 38  ? -8.189  -4.159  -1.574  1.00 45.24  ? 156 PHE A CG  1 
ATOM   305  C CD1 . PHE A 1 38  ? -8.443  -4.129  -2.945  1.00 41.74  ? 156 PHE A CD1 1 
ATOM   306  C CD2 . PHE A 1 38  ? -6.888  -4.397  -1.137  1.00 43.98  ? 156 PHE A CD2 1 
ATOM   307  C CE1 . PHE A 1 38  ? -7.414  -4.338  -3.868  1.00 47.19  ? 156 PHE A CE1 1 
ATOM   308  C CE2 . PHE A 1 38  ? -5.852  -4.604  -2.043  1.00 42.03  ? 156 PHE A CE2 1 
ATOM   309  C CZ  . PHE A 1 38  ? -6.108  -4.573  -3.415  1.00 47.81  ? 156 PHE A CZ  1 
ATOM   310  N N   . VAL A 1 39  ? -9.381  -6.957  0.491   1.00 42.10  ? 157 VAL A N   1 
ATOM   311  C CA  . VAL A 1 39  ? -8.765  -8.282  0.553   1.00 45.54  ? 157 VAL A CA  1 
ATOM   312  C C   . VAL A 1 39  ? -9.694  -9.374  0.021   1.00 46.52  ? 157 VAL A C   1 
ATOM   313  O O   . VAL A 1 39  ? -9.287  -10.175 -0.823  1.00 44.97  ? 157 VAL A O   1 
ATOM   314  C CB  . VAL A 1 39  ? -8.286  -8.637  1.988   1.00 47.25  ? 157 VAL A CB  1 
ATOM   315  C CG1 . VAL A 1 39  ? -7.908  -10.122 2.080   1.00 41.97  ? 157 VAL A CG1 1 
ATOM   316  C CG2 . VAL A 1 39  ? -7.109  -7.749  2.389   1.00 40.72  ? 157 VAL A CG2 1 
ATOM   317  N N   . HIS A 1 40  ? -10.933 -9.394  0.515   1.00 45.72  ? 158 HIS A N   1 
ATOM   318  C CA  . HIS A 1 40  ? -11.956 -10.337 0.047   1.00 45.96  ? 158 HIS A CA  1 
ATOM   319  C C   . HIS A 1 40  ? -12.093 -10.268 -1.467  1.00 46.21  ? 158 HIS A C   1 
ATOM   320  O O   . HIS A 1 40  ? -12.120 -11.295 -2.150  1.00 43.74  ? 158 HIS A O   1 
ATOM   321  C CB  . HIS A 1 40  ? -13.331 -10.034 0.676   1.00 47.10  ? 158 HIS A CB  1 
ATOM   322  C CG  . HIS A 1 40  ? -13.433 -10.363 2.135   1.00 46.66  ? 158 HIS A CG  1 
ATOM   323  N ND1 . HIS A 1 40  ? -13.245 -11.638 2.631   1.00 51.90  ? 158 HIS A ND1 1 
ATOM   324  C CD2 . HIS A 1 40  ? -13.723 -9.587  3.206   1.00 46.43  ? 158 HIS A CD2 1 
ATOM   325  C CE1 . HIS A 1 40  ? -13.401 -11.628 3.942   1.00 48.64  ? 158 HIS A CE1 1 
ATOM   326  N NE2 . HIS A 1 40  ? -13.692 -10.393 4.318   1.00 49.70  ? 158 HIS A NE2 1 
ATOM   327  N N   . GLU A 1 41  ? -12.171 -9.049  -1.988  1.00 43.79  ? 159 GLU A N   1 
ATOM   328  C CA  . GLU A 1 41  ? -12.432 -8.838  -3.407  1.00 46.24  ? 159 GLU A CA  1 
ATOM   329  C C   . GLU A 1 41  ? -11.191 -9.157  -4.251  1.00 47.49  ? 159 GLU A C   1 
ATOM   330  O O   . GLU A 1 41  ? -11.290 -9.811  -5.299  1.00 44.52  ? 159 GLU A O   1 
ATOM   331  C CB  . GLU A 1 41  ? -12.944 -7.403  -3.631  1.00 47.77  ? 159 GLU A CB  1 
ATOM   332  C CG  . GLU A 1 41  ? -13.916 -7.214  -4.804  1.00 60.52  ? 159 GLU A CG  1 
ATOM   333  C CD  . GLU A 1 41  ? -15.148 -8.123  -4.746  1.00 69.40  ? 159 GLU A CD  1 
ATOM   334  O OE1 . GLU A 1 41  ? -15.746 -8.360  -5.820  1.00 76.01  ? 159 GLU A OE1 1 
ATOM   335  O OE2 . GLU A 1 41  ? -15.531 -8.594  -3.646  1.00 72.01  ? 159 GLU A OE2 1 
ATOM   336  N N   . PHE A 1 42  ? -10.021 -8.723  -3.782  1.00 46.30  ? 160 PHE A N   1 
ATOM   337  C CA  . PHE A 1 42  ? -8.775  -9.028  -4.473  1.00 41.79  ? 160 PHE A CA  1 
ATOM   338  C C   . PHE A 1 42  ? -8.622  -10.539 -4.666  1.00 42.42  ? 160 PHE A C   1 
ATOM   339  O O   . PHE A 1 42  ? -8.360  -10.997 -5.773  1.00 42.91  ? 160 PHE A O   1 
ATOM   340  C CB  . PHE A 1 42  ? -7.564  -8.447  -3.730  1.00 42.19  ? 160 PHE A CB  1 
ATOM   341  C CG  . PHE A 1 42  ? -6.231  -8.757  -4.388  1.00 42.31  ? 160 PHE A CG  1 
ATOM   342  C CD1 . PHE A 1 42  ? -5.692  -7.897  -5.343  1.00 43.63  ? 160 PHE A CD1 1 
ATOM   343  C CD2 . PHE A 1 42  ? -5.519  -9.911  -4.054  1.00 41.28  ? 160 PHE A CD2 1 
ATOM   344  C CE1 . PHE A 1 42  ? -4.470  -8.185  -5.955  1.00 43.51  ? 160 PHE A CE1 1 
ATOM   345  C CE2 . PHE A 1 42  ? -4.297  -10.200 -4.656  1.00 41.49  ? 160 PHE A CE2 1 
ATOM   346  C CZ  . PHE A 1 42  ? -3.775  -9.338  -5.614  1.00 41.54  ? 160 PHE A CZ  1 
ATOM   347  N N   . PHE A 1 43  ? -8.810  -11.322 -3.606  1.00 41.29  ? 161 PHE A N   1 
ATOM   348  C CA  . PHE A 1 43  ? -8.614  -12.771 -3.722  1.00 44.23  ? 161 PHE A CA  1 
ATOM   349  C C   . PHE A 1 43  ? -9.738  -13.495 -4.443  1.00 44.52  ? 161 PHE A C   1 
ATOM   350  O O   . PHE A 1 43  ? -9.513  -14.546 -5.035  1.00 46.03  ? 161 PHE A O   1 
ATOM   351  C CB  . PHE A 1 43  ? -8.287  -13.416 -2.369  1.00 41.06  ? 161 PHE A CB  1 
ATOM   352  C CG  . PHE A 1 43  ? -6.905  -13.087 -1.891  1.00 43.23  ? 161 PHE A CG  1 
ATOM   353  C CD1 . PHE A 1 43  ? -5.804  -13.711 -2.466  1.00 40.33  ? 161 PHE A CD1 1 
ATOM   354  C CD2 . PHE A 1 43  ? -6.696  -12.116 -0.920  1.00 42.20  ? 161 PHE A CD2 1 
ATOM   355  C CE1 . PHE A 1 43  ? -4.519  -13.392 -2.067  1.00 39.52  ? 161 PHE A CE1 1 
ATOM   356  C CE2 . PHE A 1 43  ? -5.403  -11.791 -0.501  1.00 41.86  ? 161 PHE A CE2 1 
ATOM   357  C CZ  . PHE A 1 43  ? -4.312  -12.432 -1.076  1.00 41.66  ? 161 PHE A CZ  1 
ATOM   358  N N   . ASP A 1 44  ? -10.942 -12.928 -4.415  1.00 46.46  ? 162 ASP A N   1 
ATOM   359  C CA  . ASP A 1 44  ? -12.044 -13.486 -5.196  1.00 46.04  ? 162 ASP A CA  1 
ATOM   360  C C   . ASP A 1 44  ? -11.812 -13.295 -6.703  1.00 48.49  ? 162 ASP A C   1 
ATOM   361  O O   . ASP A 1 44  ? -12.202 -14.139 -7.508  1.00 45.33  ? 162 ASP A O   1 
ATOM   362  C CB  . ASP A 1 44  ? -13.390 -12.892 -4.758  1.00 45.11  ? 162 ASP A CB  1 
ATOM   363  C CG  . ASP A 1 44  ? -14.566 -13.490 -5.517  1.00 52.05  ? 162 ASP A CG  1 
ATOM   364  O OD1 . ASP A 1 44  ? -15.095 -12.814 -6.434  1.00 55.92  ? 162 ASP A OD1 1 
ATOM   365  O OD2 . ASP A 1 44  ? -14.959 -14.642 -5.215  1.00 58.19  ? 162 ASP A OD2 1 
ATOM   366  N N   . GLN A 1 45  ? -11.153 -12.200 -7.078  1.00 46.52  ? 163 GLN A N   1 
ATOM   367  C CA  . GLN A 1 45  ? -10.944 -11.887 -8.494  1.00 42.93  ? 163 GLN A CA  1 
ATOM   368  C C   . GLN A 1 45  ? -9.541  -12.187 -8.991  1.00 45.82  ? 163 GLN A C   1 
ATOM   369  O O   . GLN A 1 45  ? -9.272  -12.064 -10.181 1.00 47.09  ? 163 GLN A O   1 
ATOM   370  C CB  . GLN A 1 45  ? -11.263 -10.424 -8.770  1.00 44.04  ? 163 GLN A CB  1 
ATOM   371  C CG  . GLN A 1 45  ? -12.709 -10.045 -8.566  1.00 47.90  ? 163 GLN A CG  1 
ATOM   372  C CD  . GLN A 1 45  ? -13.640 -10.824 -9.473  1.00 55.30  ? 163 GLN A CD  1 
ATOM   373  O OE1 . GLN A 1 45  ? -14.446 -11.635 -9.003  1.00 58.47  ? 163 GLN A OE1 1 
ATOM   374  N NE2 . GLN A 1 45  ? -13.533 -10.586 -10.779 1.00 51.15  ? 163 GLN A NE2 1 
ATOM   375  N N   . ASN A 1 46  ? -8.641  -12.542 -8.079  1.00 44.13  ? 164 ASN A N   1 
ATOM   376  C CA  . ASN A 1 46  ? -7.285  -12.952 -8.455  1.00 44.17  ? 164 ASN A CA  1 
ATOM   377  C C   . ASN A 1 46  ? -6.883  -14.217 -7.673  1.00 44.62  ? 164 ASN A C   1 
ATOM   378  O O   . ASN A 1 46  ? -5.943  -14.185 -6.880  1.00 44.86  ? 164 ASN A O   1 
ATOM   379  C CB  . ASN A 1 46  ? -6.280  -11.818 -8.188  1.00 43.22  ? 164 ASN A CB  1 
ATOM   380  C CG  . ASN A 1 46  ? -6.677  -10.489 -8.853  1.00 45.89  ? 164 ASN A CG  1 
ATOM   381  O OD1 . ASN A 1 46  ? -6.175  -10.142 -9.924  1.00 45.53  ? 164 ASN A OD1 1 
ATOM   382  N ND2 . ASN A 1 46  ? -7.561  -9.735  -8.204  1.00 38.89  ? 164 ASN A ND2 1 
ATOM   383  N N   . PRO A 1 47  ? -7.601  -15.333 -7.901  1.00 46.25  ? 165 PRO A N   1 
ATOM   384  C CA  . PRO A 1 47  ? -7.578  -16.520 -7.026  1.00 41.49  ? 165 PRO A CA  1 
ATOM   385  C C   . PRO A 1 47  ? -6.201  -17.162 -6.847  1.00 43.69  ? 165 PRO A C   1 
ATOM   386  O O   . PRO A 1 47  ? -5.996  -17.883 -5.867  1.00 44.25  ? 165 PRO A O   1 
ATOM   387  C CB  . PRO A 1 47  ? -8.514  -17.511 -7.739  1.00 45.46  ? 165 PRO A CB  1 
ATOM   388  C CG  . PRO A 1 47  ? -9.381  -16.663 -8.641  1.00 47.62  ? 165 PRO A CG  1 
ATOM   389  C CD  . PRO A 1 47  ? -8.498  -15.514 -9.062  1.00 46.10  ? 165 PRO A CD  1 
ATOM   390  N N   . ILE A 1 48  ? -5.284  -16.929 -7.779  1.00 41.68  ? 166 ILE A N   1 
ATOM   391  C CA  . ILE A 1 48  ? -3.928  -17.464 -7.642  1.00 44.00  ? 166 ILE A CA  1 
ATOM   392  C C   . ILE A 1 48  ? -2.850  -16.378 -7.485  1.00 43.13  ? 166 ILE A C   1 
ATOM   393  O O   . ILE A 1 48  ? -1.689  -16.604 -7.825  1.00 45.24  ? 166 ILE A O   1 
ATOM   394  C CB  . ILE A 1 48  ? -3.546  -18.427 -8.800  1.00 45.20  ? 166 ILE A CB  1 
ATOM   395  C CG1 . ILE A 1 48  ? -3.492  -17.699 -10.137 1.00 42.03  ? 166 ILE A CG1 1 
ATOM   396  C CG2 . ILE A 1 48  ? -4.527  -19.594 -8.906  1.00 41.81  ? 166 ILE A CG2 1 
ATOM   397  C CD1 . ILE A 1 48  ? -2.939  -18.584 -11.243 1.00 42.72  ? 166 ILE A CD1 1 
ATOM   398  N N   . SER A 1 49  ? -3.242  -15.215 -6.962  1.00 37.00  ? 167 SER A N   1 
ATOM   399  C CA  . SER A 1 49  ? -2.301  -14.145 -6.644  1.00 44.00  ? 167 SER A CA  1 
ATOM   400  C C   . SER A 1 49  ? -1.950  -14.135 -5.148  1.00 41.57  ? 167 SER A C   1 
ATOM   401  O O   . SER A 1 49  ? -2.407  -14.992 -4.399  1.00 41.24  ? 167 SER A O   1 
ATOM   402  C CB  . SER A 1 49  ? -2.877  -12.786 -7.069  1.00 40.82  ? 167 SER A CB  1 
ATOM   403  O OG  . SER A 1 49  ? -3.057  -12.745 -8.482  1.00 41.04  ? 167 SER A OG  1 
ATOM   404  N N   . GLN A 1 50  ? -1.136  -13.168 -4.720  1.00 43.54  ? 168 GLN A N   1 
ATOM   405  C CA  . GLN A 1 50  ? -0.680  -13.078 -3.328  1.00 39.42  ? 168 GLN A CA  1 
ATOM   406  C C   . GLN A 1 50  ? -0.586  -11.638 -2.845  1.00 39.68  ? 168 GLN A C   1 
ATOM   407  O O   . GLN A 1 50  ? -0.354  -10.721 -3.637  1.00 39.08  ? 168 GLN A O   1 
ATOM   408  C CB  . GLN A 1 50  ? 0.712   -13.692 -3.177  1.00 43.69  ? 168 GLN A CB  1 
ATOM   409  C CG  . GLN A 1 50  ? 0.847   -15.064 -3.741  1.00 50.94  ? 168 GLN A CG  1 
ATOM   410  C CD  . GLN A 1 50  ? 1.547   -15.072 -5.080  1.00 46.29  ? 168 GLN A CD  1 
ATOM   411  O OE1 . GLN A 1 50  ? 2.333   -14.175 -5.403  1.00 47.93  ? 168 GLN A OE1 1 
ATOM   412  N NE2 . GLN A 1 50  ? 1.272   -16.097 -5.865  1.00 52.74  ? 168 GLN A NE2 1 
ATOM   413  N N   . MET A 1 51  ? -0.725  -11.465 -1.534  1.00 36.41  ? 169 MET A N   1 
ATOM   414  C CA  . MET A 1 51  ? -0.669  -10.160 -0.901  1.00 39.91  ? 169 MET A CA  1 
ATOM   415  C C   . MET A 1 51  ? 0.180   -10.316 0.348   1.00 37.81  ? 169 MET A C   1 
ATOM   416  O O   . MET A 1 51  ? 0.252   -11.399 0.917   1.00 40.64  ? 169 MET A O   1 
ATOM   417  C CB  . MET A 1 51  ? -2.083  -9.672  -0.523  1.00 38.44  ? 169 MET A CB  1 
ATOM   418  C CG  . MET A 1 51  ? -2.172  -8.215  0.004   1.00 41.36  ? 169 MET A CG  1 
ATOM   419  S SD  . MET A 1 51  ? -3.877  -7.694  0.371   1.00 33.79  ? 169 MET A SD  1 
ATOM   420  C CE  . MET A 1 51  ? -4.630  -8.231  -1.162  1.00 33.23  ? 169 MET A CE  1 
ATOM   421  N N   . GLY A 1 52  ? 0.858   -9.246  0.740   1.00 33.94  ? 170 GLY A N   1 
ATOM   422  C CA  . GLY A 1 52  ? 1.475   -9.154  2.048   1.00 36.76  ? 170 GLY A CA  1 
ATOM   423  C C   . GLY A 1 52  ? 1.059   -7.788  2.540   1.00 37.57  ? 170 GLY A C   1 
ATOM   424  O O   . GLY A 1 52  ? 0.825   -6.904  1.726   1.00 39.00  ? 170 GLY A O   1 
ATOM   425  N N   . ILE A 1 53  ? 0.913   -7.612  3.847   1.00 40.48  ? 171 ILE A N   1 
ATOM   426  C CA  . ILE A 1 53  ? 0.534   -6.309  4.365   1.00 40.75  ? 171 ILE A CA  1 
ATOM   427  C C   . ILE A 1 53  ? 1.595   -5.732  5.296   1.00 42.19  ? 171 ILE A C   1 
ATOM   428  O O   . ILE A 1 53  ? 2.088   -6.414  6.210   1.00 40.77  ? 171 ILE A O   1 
ATOM   429  C CB  . ILE A 1 53  ? -0.840  -6.336  5.072   1.00 39.27  ? 171 ILE A CB  1 
ATOM   430  C CG1 . ILE A 1 53  ? -1.911  -6.902  4.139   1.00 36.05  ? 171 ILE A CG1 1 
ATOM   431  C CG2 . ILE A 1 53  ? -1.249  -4.930  5.523   1.00 34.71  ? 171 ILE A CG2 1 
ATOM   432  C CD1 . ILE A 1 53  ? -3.306  -6.928  4.767   1.00 34.74  ? 171 ILE A CD1 1 
ATOM   433  N N   . ILE A 1 54  ? 1.929   -4.466  5.045   1.00 37.83  ? 172 ILE A N   1 
ATOM   434  C CA  . ILE A 1 54  ? 2.912   -3.702  5.813   1.00 39.79  ? 172 ILE A CA  1 
ATOM   435  C C   . ILE A 1 54  ? 2.248   -2.442  6.387   1.00 41.56  ? 172 ILE A C   1 
ATOM   436  O O   . ILE A 1 54  ? 1.381   -1.842  5.743   1.00 40.75  ? 172 ILE A O   1 
ATOM   437  C CB  . ILE A 1 54  ? 4.033   -3.225  4.872   1.00 41.99  ? 172 ILE A CB  1 
ATOM   438  C CG1 . ILE A 1 54  ? 4.911   -4.390  4.442   1.00 40.17  ? 172 ILE A CG1 1 
ATOM   439  C CG2 . ILE A 1 54  ? 4.889   -2.128  5.500   1.00 43.69  ? 172 ILE A CG2 1 
ATOM   440  C CD1 . ILE A 1 54  ? 5.975   -3.924  3.444   1.00 44.14  ? 172 ILE A CD1 1 
ATOM   441  N N   . ILE A 1 55  ? 2.656   -2.027  7.586   1.00 41.58  ? 173 ILE A N   1 
ATOM   442  C CA  . ILE A 1 55  ? 2.206   -0.753  8.143   1.00 41.10  ? 173 ILE A CA  1 
ATOM   443  C C   . ILE A 1 55  ? 3.370   0.210   8.371   1.00 40.75  ? 173 ILE A C   1 
ATOM   444  O O   . ILE A 1 55  ? 4.510   -0.224  8.587   1.00 40.86  ? 173 ILE A O   1 
ATOM   445  C CB  . ILE A 1 55  ? 1.402   -0.941  9.463   1.00 40.98  ? 173 ILE A CB  1 
ATOM   446  C CG1 . ILE A 1 55  ? 2.306   -1.492  10.578  1.00 41.19  ? 173 ILE A CG1 1 
ATOM   447  C CG2 . ILE A 1 55  ? 0.188   -1.831  9.210   1.00 38.74  ? 173 ILE A CG2 1 
ATOM   448  C CD1 . ILE A 1 55  ? 1.700   -1.392  12.003  1.00 40.97  ? 173 ILE A CD1 1 
ATOM   449  N N   . MET A 1 56  ? 3.073   1.512   8.304   1.00 40.29  ? 174 MET A N   1 
ATOM   450  C CA  . MET A 1 56  ? 4.023   2.568   8.652   1.00 38.82  ? 174 MET A CA  1 
ATOM   451  C C   . MET A 1 56  ? 3.570   3.145   9.993   1.00 39.52  ? 174 MET A C   1 
ATOM   452  O O   . MET A 1 56  ? 2.479   3.696   10.090  1.00 43.29  ? 174 MET A O   1 
ATOM   453  C CB  . MET A 1 56  ? 4.062   3.664   7.559   1.00 33.86  ? 174 MET A CB  1 
ATOM   454  C CG  . MET A 1 56  ? 4.766   3.246   6.264   1.00 36.04  ? 174 MET A CG  1 
ATOM   455  S SD  . MET A 1 56  ? 4.701   4.472   4.924   1.00 29.01  ? 174 MET A SD  1 
ATOM   456  C CE  . MET A 1 56  ? 2.916   4.579   4.821   1.00 31.04  ? 174 MET A CE  1 
ATOM   457  N N   . ARG A 1 57  ? 4.390   2.983   11.027  1.00 40.21  ? 175 ARG A N   1 
ATOM   458  C CA  . ARG A 1 57  ? 4.046   3.395   12.396  1.00 43.16  ? 175 ARG A CA  1 
ATOM   459  C C   . ARG A 1 57  ? 5.327   3.605   13.211  1.00 43.54  ? 175 ARG A C   1 
ATOM   460  O O   . ARG A 1 57  ? 6.303   2.873   13.015  1.00 45.43  ? 175 ARG A O   1 
ATOM   461  C CB  . ARG A 1 57  ? 3.166   2.326   13.073  1.00 39.46  ? 175 ARG A CB  1 
ATOM   462  C CG  . ARG A 1 57  ? 2.601   2.714   14.461  1.00 42.76  ? 175 ARG A CG  1 
ATOM   463  C CD  . ARG A 1 57  ? 1.556   1.696   14.929  1.00 45.10  ? 175 ARG A CD  1 
ATOM   464  N NE  . ARG A 1 57  ? 0.832   2.052   16.159  1.00 46.75  ? 175 ARG A NE  1 
ATOM   465  C CZ  . ARG A 1 57  ? 1.279   1.831   17.397  1.00 51.33  ? 175 ARG A CZ  1 
ATOM   466  N NH1 . ARG A 1 57  ? 2.473   1.287   17.594  1.00 50.44  ? 175 ARG A NH1 1 
ATOM   467  N NH2 . ARG A 1 57  ? 0.546   2.173   18.444  1.00 50.53  ? 175 ARG A NH2 1 
ATOM   468  N N   . ASN A 1 58  ? 5.324   4.598   14.105  1.00 42.80  ? 176 ASN A N   1 
ATOM   469  C CA  . ASN A 1 58  ? 6.499   4.950   14.936  1.00 46.03  ? 176 ASN A CA  1 
ATOM   470  C C   . ASN A 1 58  ? 7.846   5.045   14.206  1.00 44.78  ? 176 ASN A C   1 
ATOM   471  O O   . ASN A 1 58  ? 8.857   4.590   14.734  1.00 46.11  ? 176 ASN A O   1 
ATOM   472  C CB  . ASN A 1 58  ? 6.673   3.973   16.110  1.00 45.20  ? 176 ASN A CB  1 
ATOM   473  C CG  . ASN A 1 58  ? 5.653   4.180   17.210  1.00 47.06  ? 176 ASN A CG  1 
ATOM   474  O OD1 . ASN A 1 58  ? 4.954   5.188   17.242  1.00 52.36  ? 176 ASN A OD1 1 
ATOM   475  N ND2 . ASN A 1 58  ? 5.571   3.222   18.127  1.00 52.00  ? 176 ASN A ND2 1 
ATOM   476  N N   . GLY A 1 59  ? 7.865   5.611   13.002  1.00 42.30  ? 177 GLY A N   1 
ATOM   477  C CA  . GLY A 1 59  ? 9.103   5.739   12.242  1.00 38.62  ? 177 GLY A CA  1 
ATOM   478  C C   . GLY A 1 59  ? 9.501   4.474   11.499  1.00 41.08  ? 177 GLY A C   1 
ATOM   479  O O   . GLY A 1 59  ? 10.403  4.491   10.662  1.00 44.05  ? 177 GLY A O   1 
ATOM   480  N N   . LEU A 1 60  ? 8.815   3.374   11.795  1.00 43.58  ? 178 LEU A N   1 
ATOM   481  C CA  . LEU A 1 60  ? 9.182   2.060   11.271  1.00 45.83  ? 178 LEU A CA  1 
ATOM   482  C C   . LEU A 1 60  ? 8.191   1.548   10.220  1.00 43.55  ? 178 LEU A C   1 
ATOM   483  O O   . LEU A 1 60  ? 7.044   2.008   10.148  1.00 40.13  ? 178 LEU A O   1 
ATOM   484  C CB  . LEU A 1 60  ? 9.228   1.035   12.420  1.00 46.52  ? 178 LEU A CB  1 
ATOM   485  C CG  . LEU A 1 60  ? 10.008  1.390   13.693  1.00 50.01  ? 178 LEU A CG  1 
ATOM   486  C CD1 . LEU A 1 60  ? 9.565   0.514   14.842  1.00 48.62  ? 178 LEU A CD1 1 
ATOM   487  C CD2 . LEU A 1 60  ? 11.496  1.243   13.470  1.00 40.46  ? 178 LEU A CD2 1 
ATOM   488  N N   . ALA A 1 61  ? 8.659   0.598   9.411   1.00 42.95  ? 179 ALA A N   1 
ATOM   489  C CA  . ALA A 1 61  ? 7.796   -0.312  8.665   1.00 41.96  ? 179 ALA A CA  1 
ATOM   490  C C   . ALA A 1 61  ? 7.642   -1.590  9.493   1.00 43.31  ? 179 ALA A C   1 
ATOM   491  O O   . ALA A 1 61  ? 8.628   -2.124  9.991   1.00 45.16  ? 179 ALA A O   1 
ATOM   492  C CB  . ALA A 1 61  ? 8.429   -0.646  7.326   1.00 40.33  ? 179 ALA A CB  1 
ATOM   493  N N   . GLN A 1 62  ? 6.419   -2.085  9.656   1.00 42.92  ? 180 GLN A N   1 
ATOM   494  C CA  . GLN A 1 62  ? 6.229   -3.389  10.299  1.00 42.89  ? 180 GLN A CA  1 
ATOM   495  C C   . GLN A 1 62  ? 5.384   -4.347  9.461   1.00 40.28  ? 180 GLN A C   1 
ATOM   496  O O   . GLN A 1 62  ? 4.337   -3.983  8.927   1.00 39.85  ? 180 GLN A O   1 
ATOM   497  C CB  . GLN A 1 62  ? 5.627   -3.236  11.700  1.00 45.26  ? 180 GLN A CB  1 
ATOM   498  C CG  . GLN A 1 62  ? 6.515   -2.454  12.666  1.00 53.83  ? 180 GLN A CG  1 
ATOM   499  C CD  . GLN A 1 62  ? 5.859   -2.216  14.019  1.00 53.46  ? 180 GLN A CD  1 
ATOM   500  O OE1 . GLN A 1 62  ? 6.229   -2.836  15.023  1.00 53.38  ? 180 GLN A OE1 1 
ATOM   501  N NE2 . GLN A 1 62  ? 4.879   -1.314  14.049  1.00 52.76  ? 180 GLN A NE2 1 
ATOM   502  N N   . LEU A 1 63  ? 5.846   -5.580  9.346   1.00 41.01  ? 181 LEU A N   1 
ATOM   503  C CA  . LEU A 1 63  ? 5.117   -6.588  8.596   1.00 45.01  ? 181 LEU A CA  1 
ATOM   504  C C   . LEU A 1 63  ? 3.976   -7.112  9.462   1.00 43.99  ? 181 LEU A C   1 
ATOM   505  O O   . LEU A 1 63  ? 4.200   -7.569  10.579  1.00 39.95  ? 181 LEU A O   1 
ATOM   506  C CB  . LEU A 1 63  ? 6.066   -7.718  8.219   1.00 40.54  ? 181 LEU A CB  1 
ATOM   507  C CG  . LEU A 1 63  ? 5.506   -8.881  7.411   1.00 43.18  ? 181 LEU A CG  1 
ATOM   508  C CD1 . LEU A 1 63  ? 5.155   -8.412  6.004   1.00 38.21  ? 181 LEU A CD1 1 
ATOM   509  C CD2 . LEU A 1 63  ? 6.539   -10.015 7.395   1.00 41.00  ? 181 LEU A CD2 1 
ATOM   510  N N   . VAL A 1 64  ? 2.747   -7.036  8.966   1.00 42.97  ? 182 VAL A N   1 
ATOM   511  C CA  . VAL A 1 64  ? 1.630   -7.537  9.763   1.00 44.16  ? 182 VAL A CA  1 
ATOM   512  C C   . VAL A 1 64  ? 1.071   -8.825  9.178   1.00 43.78  ? 182 VAL A C   1 
ATOM   513  O O   . VAL A 1 64  ? 0.556   -9.675  9.905   1.00 44.76  ? 182 VAL A O   1 
ATOM   514  C CB  . VAL A 1 64  ? 0.538   -6.454  10.022  1.00 46.23  ? 182 VAL A CB  1 
ATOM   515  C CG1 . VAL A 1 64  ? 1.106   -5.343  10.905  1.00 46.35  ? 182 VAL A CG1 1 
ATOM   516  C CG2 . VAL A 1 64  ? 0.018   -5.870  8.725   1.00 40.99  ? 182 VAL A CG2 1 
ATOM   517  N N   . SER A 1 65  ? 1.199   -8.989  7.864   1.00 42.14  ? 183 SER A N   1 
ATOM   518  C CA  . SER A 1 65  ? 0.886   -10.280 7.258   1.00 43.93  ? 183 SER A CA  1 
ATOM   519  C C   . SER A 1 65  ? 1.879   -10.627 6.173   1.00 43.01  ? 183 SER A C   1 
ATOM   520  O O   . SER A 1 65  ? 2.197   -9.805  5.299   1.00 41.93  ? 183 SER A O   1 
ATOM   521  C CB  . SER A 1 65  ? -0.545  -10.336 6.716   1.00 39.78  ? 183 SER A CB  1 
ATOM   522  O OG  . SER A 1 65  ? -0.697  -9.416  5.659   1.00 45.14  ? 183 SER A OG  1 
ATOM   523  N N   . GLN A 1 66  ? 2.367   -11.858 6.249   1.00 44.73  ? 184 GLN A N   1 
ATOM   524  C CA  . GLN A 1 66  ? 3.352   -12.367 5.313   1.00 42.27  ? 184 GLN A CA  1 
ATOM   525  C C   . GLN A 1 66  ? 2.689   -12.659 3.979   1.00 42.22  ? 184 GLN A C   1 
ATOM   526  O O   . GLN A 1 66  ? 1.456   -12.779 3.906   1.00 40.51  ? 184 GLN A O   1 
ATOM   527  C CB  . GLN A 1 66  ? 3.977   -13.645 5.876   1.00 43.11  ? 184 GLN A CB  1 
ATOM   528  C CG  . GLN A 1 66  ? 4.519   -13.498 7.293   1.00 45.39  ? 184 GLN A CG  1 
ATOM   529  C CD  . GLN A 1 66  ? 5.273   -14.736 7.735   1.00 49.13  ? 184 GLN A CD  1 
ATOM   530  O OE1 . GLN A 1 66  ? 6.219   -15.174 7.063   1.00 49.90  ? 184 GLN A OE1 1 
ATOM   531  N NE2 . GLN A 1 66  ? 4.851   -15.320 8.854   1.00 42.38  ? 184 GLN A NE2 1 
ATOM   532  N N   . VAL A 1 67  ? 3.506   -12.766 2.930   1.00 39.47  ? 185 VAL A N   1 
ATOM   533  C CA  . VAL A 1 67  ? 2.994   -12.964 1.582   1.00 39.47  ? 185 VAL A CA  1 
ATOM   534  C C   . VAL A 1 67  ? 2.372   -14.348 1.424   1.00 42.37  ? 185 VAL A C   1 
ATOM   535  O O   . VAL A 1 67  ? 3.043   -15.361 1.600   1.00 44.42  ? 185 VAL A O   1 
ATOM   536  C CB  . VAL A 1 67  ? 4.100   -12.793 0.527   1.00 42.25  ? 185 VAL A CB  1 
ATOM   537  C CG1 . VAL A 1 67  ? 3.507   -12.890 -0.873  1.00 34.30  ? 185 VAL A CG1 1 
ATOM   538  C CG2 . VAL A 1 67  ? 4.803   -11.457 0.722   1.00 36.41  ? 185 VAL A CG2 1 
ATOM   539  N N   . SER A 1 68  ? 1.084   -14.376 1.092   1.00 40.90  ? 186 SER A N   1 
ATOM   540  C CA  . SER A 1 68  ? 0.364   -15.626 0.863   1.00 46.03  ? 186 SER A CA  1 
ATOM   541  C C   . SER A 1 68  ? -0.891  -15.350 0.064   1.00 44.12  ? 186 SER A C   1 
ATOM   542  O O   . SER A 1 68  ? -1.296  -14.188 -0.090  1.00 42.53  ? 186 SER A O   1 
ATOM   543  C CB  . SER A 1 68  ? -0.032  -16.287 2.186   1.00 44.35  ? 186 SER A CB  1 
ATOM   544  O OG  . SER A 1 68  ? -1.072  -15.551 2.810   1.00 43.25  ? 186 SER A OG  1 
ATOM   545  N N   . GLY A 1 69  ? -1.512  -16.422 -0.431  1.00 43.18  ? 187 GLY A N   1 
ATOM   546  C CA  . GLY A 1 69  ? -2.774  -16.321 -1.146  1.00 41.12  ? 187 GLY A CA  1 
ATOM   547  C C   . GLY A 1 69  ? -3.968  -16.686 -0.273  1.00 43.88  ? 187 GLY A C   1 
ATOM   548  O O   . GLY A 1 69  ? -5.049  -16.991 -0.782  1.00 42.95  ? 187 GLY A O   1 
ATOM   549  N N   . ASN A 1 70  ? -3.762  -16.651 1.044   1.00 42.00  ? 188 ASN A N   1 
ATOM   550  C CA  . ASN A 1 70  ? -4.812  -16.919 2.022   1.00 45.22  ? 188 ASN A CA  1 
ATOM   551  C C   . ASN A 1 70  ? -5.372  -15.623 2.597   1.00 45.51  ? 188 ASN A C   1 
ATOM   552  O O   . ASN A 1 70  ? -4.732  -14.989 3.447   1.00 44.43  ? 188 ASN A O   1 
ATOM   553  C CB  . ASN A 1 70  ? -4.262  -17.779 3.165   1.00 43.94  ? 188 ASN A CB  1 
ATOM   554  C CG  . ASN A 1 70  ? -5.338  -18.195 4.185   1.00 43.58  ? 188 ASN A CG  1 
ATOM   555  O OD1 . ASN A 1 70  ? -5.035  -18.906 5.142   1.00 50.55  ? 188 ASN A OD1 1 
ATOM   556  N ND2 . ASN A 1 70  ? -6.580  -17.780 3.976   1.00 42.96  ? 188 ASN A ND2 1 
ATOM   557  N N   . PRO A 1 71  ? -6.593  -15.267 2.174   1.00 43.30  ? 189 PRO A N   1 
ATOM   558  C CA  . PRO A 1 71  ? -7.294  -14.045 2.573   1.00 41.88  ? 189 PRO A CA  1 
ATOM   559  C C   . PRO A 1 71  ? -7.421  -13.933 4.085   1.00 44.60  ? 189 PRO A C   1 
ATOM   560  O O   . PRO A 1 71  ? -7.306  -12.828 4.611   1.00 47.31  ? 189 PRO A O   1 
ATOM   561  C CB  . PRO A 1 71  ? -8.690  -14.213 1.957   1.00 45.19  ? 189 PRO A CB  1 
ATOM   562  C CG  . PRO A 1 71  ? -8.554  -15.277 0.908   1.00 43.24  ? 189 PRO A CG  1 
ATOM   563  C CD  . PRO A 1 71  ? -7.431  -16.155 1.340   1.00 45.60  ? 189 PRO A CD  1 
ATOM   564  N N   . GLN A 1 72  ? -7.642  -15.049 4.776   1.00 47.00  ? 190 GLN A N   1 
ATOM   565  C CA  . GLN A 1 72  ? -7.824  -15.016 6.229   1.00 45.70  ? 190 GLN A CA  1 
ATOM   566  C C   . GLN A 1 72  ? -6.584  -14.495 6.967   1.00 47.09  ? 190 GLN A C   1 
ATOM   567  O O   . GLN A 1 72  ? -6.711  -13.833 8.001   1.00 47.09  ? 190 GLN A O   1 
ATOM   568  C CB  . GLN A 1 72  ? -8.233  -16.396 6.762   1.00 47.31  ? 190 GLN A CB  1 
ATOM   569  C CG  . GLN A 1 72  ? -8.773  -16.402 8.202   1.00 47.14  ? 190 GLN A CG  1 
ATOM   570  C CD  . GLN A 1 72  ? -10.004 -15.520 8.373   1.00 54.09  ? 190 GLN A CD  1 
ATOM   571  O OE1 . GLN A 1 72  ? -10.977 -15.636 7.615   1.00 54.44  ? 190 GLN A OE1 1 
ATOM   572  N NE2 . GLN A 1 72  ? -9.964  -14.621 9.370   1.00 47.19  ? 190 GLN A NE2 1 
ATOM   573  N N   . ASP A 1 73  ? -5.391  -14.791 6.449   1.00 45.91  ? 191 ASP A N   1 
ATOM   574  C CA  . ASP A 1 73  ? -4.158  -14.262 7.043   1.00 47.93  ? 191 ASP A CA  1 
ATOM   575  C C   . ASP A 1 73  ? -4.195  -12.730 7.063   1.00 47.78  ? 191 ASP A C   1 
ATOM   576  O O   . ASP A 1 73  ? -3.856  -12.090 8.062   1.00 48.67  ? 191 ASP A O   1 
ATOM   577  C CB  . ASP A 1 73  ? -2.925  -14.698 6.239   1.00 51.76  ? 191 ASP A CB  1 
ATOM   578  C CG  . ASP A 1 73  ? -2.584  -16.154 6.425   1.00 57.80  ? 191 ASP A CG  1 
ATOM   579  O OD1 . ASP A 1 73  ? -3.044  -16.754 7.426   1.00 61.88  ? 191 ASP A OD1 1 
ATOM   580  O OD2 . ASP A 1 73  ? -1.836  -16.689 5.570   1.00 57.44  ? 191 ASP A OD2 1 
ATOM   581  N N   . HIS A 1 74  ? -4.619  -12.159 5.944   1.00 41.46  ? 192 HIS A N   1 
ATOM   582  C CA  . HIS A 1 74  ? -4.588  -10.723 5.753   1.00 43.71  ? 192 HIS A CA  1 
ATOM   583  C C   . HIS A 1 74  ? -5.734  -10.051 6.489   1.00 45.30  ? 192 HIS A C   1 
ATOM   584  O O   . HIS A 1 74  ? -5.554  -8.977  7.078   1.00 43.07  ? 192 HIS A O   1 
ATOM   585  C CB  . HIS A 1 74  ? -4.543  -10.416 4.254   1.00 41.06  ? 192 HIS A CB  1 
ATOM   586  C CG  . HIS A 1 74  ? -3.421  -11.119 3.559   1.00 42.42  ? 192 HIS A CG  1 
ATOM   587  N ND1 . HIS A 1 74  ? -3.623  -12.126 2.636   1.00 43.18  ? 192 HIS A ND1 1 
ATOM   588  C CD2 . HIS A 1 74  ? -2.077  -11.009 3.705   1.00 37.44  ? 192 HIS A CD2 1 
ATOM   589  C CE1 . HIS A 1 74  ? -2.452  -12.587 2.227   1.00 40.70  ? 192 HIS A CE1 1 
ATOM   590  N NE2 . HIS A 1 74  ? -1.498  -11.928 2.863   1.00 39.26  ? 192 HIS A NE2 1 
ATOM   591  N N   . ILE A 1 75  ? -6.894  -10.707 6.503   1.00 45.27  ? 193 ILE A N   1 
ATOM   592  C CA  . ILE A 1 75  ? -8.008  -10.252 7.336   1.00 44.43  ? 193 ILE A CA  1 
ATOM   593  C C   . ILE A 1 75  ? -7.598  -10.237 8.822   1.00 47.27  ? 193 ILE A C   1 
ATOM   594  O O   . ILE A 1 75  ? -7.850  -9.257  9.526   1.00 45.32  ? 193 ILE A O   1 
ATOM   595  C CB  . ILE A 1 75  ? -9.269  -11.137 7.144   1.00 47.52  ? 193 ILE A CB  1 
ATOM   596  C CG1 . ILE A 1 75  ? -9.757  -11.074 5.692   1.00 44.97  ? 193 ILE A CG1 1 
ATOM   597  C CG2 . ILE A 1 75  ? -10.386 -10.694 8.081   1.00 45.15  ? 193 ILE A CG2 1 
ATOM   598  C CD1 . ILE A 1 75  ? -10.049 -9.679  5.232   1.00 47.48  ? 193 ILE A CD1 1 
ATOM   599  N N   . ASP A 1 76  ? -6.952  -11.309 9.291   1.00 45.14  ? 194 ASP A N   1 
ATOM   600  C CA  . ASP A 1 76  ? -6.537  -11.394 10.703  1.00 50.80  ? 194 ASP A CA  1 
ATOM   601  C C   . ASP A 1 76  ? -5.527  -10.300 11.067  1.00 49.04  ? 194 ASP A C   1 
ATOM   602  O O   . ASP A 1 76  ? -5.620  -9.701  12.137  1.00 50.81  ? 194 ASP A O   1 
ATOM   603  C CB  . ASP A 1 76  ? -5.960  -12.781 11.058  1.00 45.15  ? 194 ASP A CB  1 
ATOM   604  C CG  . ASP A 1 76  ? -6.997  -13.894 10.989  1.00 49.91  ? 194 ASP A CG  1 
ATOM   605  O OD1 . ASP A 1 76  ? -8.214  -13.595 10.947  1.00 48.69  ? 194 ASP A OD1 1 
ATOM   606  O OD2 . ASP A 1 76  ? -6.585  -15.079 10.977  1.00 52.80  ? 194 ASP A OD2 1 
ATOM   607  N N   . ALA A 1 77  ? -4.565  -10.048 10.179  1.00 46.37  ? 195 ALA A N   1 
ATOM   608  C CA  . ALA A 1 77  ? -3.628  -8.938  10.364  1.00 46.29  ? 195 ALA A CA  1 
ATOM   609  C C   . ALA A 1 77  ? -4.352  -7.594  10.508  1.00 46.66  ? 195 ALA A C   1 
ATOM   610  O O   . ALA A 1 77  ? -4.080  -6.836  11.437  1.00 46.57  ? 195 ALA A O   1 
ATOM   611  C CB  . ALA A 1 77  ? -2.637  -8.884  9.213   1.00 41.38  ? 195 ALA A CB  1 
ATOM   612  N N   . LEU A 1 78  ? -5.281  -7.308  9.595   1.00 43.51  ? 196 LEU A N   1 
ATOM   613  C CA  . LEU A 1 78  ? -6.028  -6.051  9.628   1.00 43.80  ? 196 LEU A CA  1 
ATOM   614  C C   . LEU A 1 78  ? -6.895  -5.904  10.890  1.00 48.81  ? 196 LEU A C   1 
ATOM   615  O O   . LEU A 1 78  ? -7.061  -4.800  11.413  1.00 50.46  ? 196 LEU A O   1 
ATOM   616  C CB  . LEU A 1 78  ? -6.880  -5.885  8.357   1.00 41.73  ? 196 LEU A CB  1 
ATOM   617  C CG  . LEU A 1 78  ? -6.118  -5.718  7.034   1.00 44.40  ? 196 LEU A CG  1 
ATOM   618  C CD1 . LEU A 1 78  ? -7.068  -5.648  5.849   1.00 41.88  ? 196 LEU A CD1 1 
ATOM   619  C CD2 . LEU A 1 78  ? -5.239  -4.478  7.089   1.00 43.92  ? 196 LEU A CD2 1 
ATOM   620  N N   . LYS A 1 79  ? -7.431  -7.012  11.394  1.00 48.70  ? 197 LYS A N   1 
ATOM   621  C CA  . LYS A 1 79  ? -8.271  -6.967  12.591  1.00 49.27  ? 197 LYS A CA  1 
ATOM   622  C C   . LYS A 1 79  ? -7.471  -6.773  13.885  1.00 49.63  ? 197 LYS A C   1 
ATOM   623  O O   . LYS A 1 79  ? -7.955  -6.150  14.820  1.00 54.49  ? 197 LYS A O   1 
ATOM   624  C CB  . LYS A 1 79  ? -9.179  -8.204  12.676  1.00 47.25  ? 197 LYS A CB  1 
ATOM   625  C CG  . LYS A 1 79  ? -10.307 -8.184  11.657  1.00 51.59  ? 197 LYS A CG  1 
ATOM   626  C CD  . LYS A 1 79  ? -11.346 -9.290  11.872  1.00 48.11  ? 197 LYS A CD  1 
ATOM   627  C CE  . LYS A 1 79  ? -12.522 -9.123  10.891  1.00 50.38  ? 197 LYS A CE  1 
ATOM   628  N NZ  . LYS A 1 79  ? -13.526 -10.227 10.994  1.00 58.23  ? 197 LYS A NZ  1 
ATOM   629  N N   . SER A 1 80  ? -6.246  -7.287  13.946  1.00 48.31  ? 198 SER A N   1 
ATOM   630  C CA  . SER A 1 80  ? -5.431  -7.054  15.145  1.00 55.55  ? 198 SER A CA  1 
ATOM   631  C C   . SER A 1 80  ? -4.829  -5.647  15.134  1.00 58.58  ? 198 SER A C   1 
ATOM   632  O O   . SER A 1 80  ? -4.435  -5.112  16.171  1.00 70.63  ? 198 SER A O   1 
ATOM   633  C CB  . SER A 1 80  ? -4.343  -8.116  15.307  1.00 49.47  ? 198 SER A CB  1 
ATOM   634  O OG  . SER A 1 80  ? -3.367  -8.018  14.291  1.00 58.38  ? 198 SER A OG  1 
ATOM   635  N N   . ILE A 1 81  ? -4.792  -5.051  13.950  1.00 49.07  ? 199 ILE A N   1 
ATOM   636  C CA  . ILE A 1 81  ? -4.231  -3.723  13.746  1.00 54.89  ? 199 ILE A CA  1 
ATOM   637  C C   . ILE A 1 81  ? -5.264  -2.621  14.051  1.00 55.67  ? 199 ILE A C   1 
ATOM   638  O O   . ILE A 1 81  ? -4.910  -1.544  14.537  1.00 50.57  ? 199 ILE A O   1 
ATOM   639  C CB  . ILE A 1 81  ? -3.677  -3.606  12.289  1.00 49.12  ? 199 ILE A CB  1 
ATOM   640  C CG1 . ILE A 1 81  ? -2.254  -4.159  12.216  1.00 52.38  ? 199 ILE A CG1 1 
ATOM   641  C CG2 . ILE A 1 81  ? -3.673  -2.194  11.785  1.00 53.81  ? 199 ILE A CG2 1 
ATOM   642  C CD1 . ILE A 1 81  ? -1.268  -3.369  13.028  1.00 58.73  ? 199 ILE A CD1 1 
ATOM   643  N N   . ARG A 1 82  ? -6.543  -2.895  13.792  1.00 53.32  ? 200 ARG A N   1 
ATOM   644  C CA  . ARG A 1 82  ? -7.570  -1.860  13.951  1.00 57.26  ? 200 ARG A CA  1 
ATOM   645  C C   . ARG A 1 82  ? -7.868  -1.552  15.413  1.00 54.30  ? 200 ARG A C   1 
ATOM   646  O O   . ARG A 1 82  ? -8.496  -0.544  15.724  1.00 58.01  ? 200 ARG A O   1 
ATOM   647  C CB  . ARG A 1 82  ? -8.869  -2.219  13.210  1.00 53.05  ? 200 ARG A CB  1 
ATOM   648  C CG  . ARG A 1 82  ? -9.721  -3.256  13.905  1.00 56.13  ? 200 ARG A CG  1 
ATOM   649  C CD  . ARG A 1 82  ? -11.198 -2.932  13.760  1.00 53.70  ? 200 ARG A CD  1 
ATOM   650  N NE  . ARG A 1 82  ? -11.865 -3.727  12.734  1.00 54.80  ? 200 ARG A NE  1 
ATOM   651  C CZ  . ARG A 1 82  ? -12.314 -4.967  12.918  1.00 57.28  ? 200 ARG A CZ  1 
ATOM   652  N NH1 . ARG A 1 82  ? -12.151 -5.580  14.085  1.00 62.70  ? 200 ARG A NH1 1 
ATOM   653  N NH2 . ARG A 1 82  ? -12.919 -5.603  11.928  1.00 53.92  ? 200 ARG A NH2 1 
ATOM   654  N N   . LYS A 1 83  ? -7.414  -2.423  16.304  1.00 55.50  ? 201 LYS A N   1 
ATOM   655  C CA  . LYS A 1 83  ? -7.633  -2.225  17.729  1.00 56.21  ? 201 LYS A CA  1 
ATOM   656  C C   . LYS A 1 83  ? -6.530  -1.368  18.343  1.00 54.45  ? 201 LYS A C   1 
ATOM   657  O O   . LYS A 1 83  ? -6.618  -0.963  19.497  1.00 59.16  ? 201 LYS A O   1 
ATOM   658  C CB  . LYS A 1 83  ? -7.730  -3.579  18.445  1.00 62.82  ? 201 LYS A CB  1 
ATOM   659  C CG  . LYS A 1 83  ? -8.974  -4.399  18.080  1.00 65.11  ? 201 LYS A CG  1 
ATOM   660  C CD  . LYS A 1 83  ? -9.275  -5.503  19.115  1.00 70.17  ? 201 LYS A CD  1 
ATOM   661  C CE  . LYS A 1 83  ? -8.605  -6.832  18.774  1.00 66.67  ? 201 LYS A CE  1 
ATOM   662  N NZ  . LYS A 1 83  ? -7.114  -6.800  18.925  1.00 73.20  ? 201 LYS A NZ  1 
ATOM   663  N N   . GLN A 1 84  ? -5.493  -1.084  17.567  1.00 53.24  ? 202 GLN A N   1 
ATOM   664  C CA  . GLN A 1 84  ? -4.375  -0.300  18.070  1.00 53.49  ? 202 GLN A CA  1 
ATOM   665  C C   . GLN A 1 84  ? -4.337  1.109   17.479  1.00 56.15  ? 202 GLN A C   1 
ATOM   666  O O   . GLN A 1 84  ? -4.823  1.352   16.369  1.00 58.48  ? 202 GLN A O   1 
ATOM   667  C CB  . GLN A 1 84  ? -3.055  -1.036  17.821  1.00 55.61  ? 202 GLN A CB  1 
ATOM   668  C CG  . GLN A 1 84  ? -3.134  -2.524  18.169  1.00 62.00  ? 202 GLN A CG  1 
ATOM   669  C CD  . GLN A 1 84  ? -1.804  -3.103  18.626  1.00 64.88  ? 202 GLN A CD  1 
ATOM   670  O OE1 . GLN A 1 84  ? -0.985  -2.406  19.238  1.00 67.49  ? 202 GLN A OE1 1 
ATOM   671  N NE2 . GLN A 1 84  ? -1.583  -4.386  18.335  1.00 58.08  ? 202 GLN A NE2 1 
ATOM   672  N N   . GLU A 1 85  ? -3.754  2.027   18.236  1.00 52.56  ? 203 GLU A N   1 
ATOM   673  C CA  . GLU A 1 85  ? -3.747  3.441   17.898  1.00 53.24  ? 203 GLU A CA  1 
ATOM   674  C C   . GLU A 1 85  ? -2.627  3.794   16.932  1.00 51.94  ? 203 GLU A C   1 
ATOM   675  O O   . GLU A 1 85  ? -1.464  3.461   17.185  1.00 48.41  ? 203 GLU A O   1 
ATOM   676  C CB  . GLU A 1 85  ? -3.593  4.278   19.177  1.00 55.00  ? 203 GLU A CB  1 
ATOM   677  C CG  . GLU A 1 85  ? -4.751  4.139   20.143  1.00 60.63  ? 203 GLU A CG  1 
ATOM   678  C CD  . GLU A 1 85  ? -6.061  4.585   19.521  1.00 68.49  ? 203 GLU A CD  1 
ATOM   679  O OE1 . GLU A 1 85  ? -6.263  5.814   19.391  1.00 72.07  ? 203 GLU A OE1 1 
ATOM   680  O OE2 . GLU A 1 85  ? -6.880  3.711   19.146  1.00 69.97  ? 203 GLU A OE2 1 
ATOM   681  N N   . PRO A 1 86  ? -2.973  4.494   15.834  1.00 48.23  ? 204 PRO A N   1 
ATOM   682  C CA  . PRO A 1 86  ? -1.967  5.045   14.915  1.00 45.58  ? 204 PRO A CA  1 
ATOM   683  C C   . PRO A 1 86  ? -1.030  5.970   15.696  1.00 43.47  ? 204 PRO A C   1 
ATOM   684  O O   . PRO A 1 86  ? -1.476  6.571   16.666  1.00 44.98  ? 204 PRO A O   1 
ATOM   685  C CB  . PRO A 1 86  ? -2.791  5.882   13.928  1.00 46.26  ? 204 PRO A CB  1 
ATOM   686  C CG  . PRO A 1 86  ? -4.194  5.556   14.173  1.00 50.34  ? 204 PRO A CG  1 
ATOM   687  C CD  . PRO A 1 86  ? -4.340  4.928   15.512  1.00 44.18  ? 204 PRO A CD  1 
ATOM   688  N N   . LYS A 1 87  ? 0.227   6.105   15.284  1.00 43.51  ? 205 LYS A N   1 
ATOM   689  C CA  . LYS A 1 87  ? 1.197   6.818   16.109  1.00 45.85  ? 205 LYS A CA  1 
ATOM   690  C C   . LYS A 1 87  ? 2.516   7.101   15.372  1.00 45.55  ? 205 LYS A C   1 
ATOM   691  O O   . LYS A 1 87  ? 2.899   6.356   14.471  1.00 41.47  ? 205 LYS A O   1 
ATOM   692  C CB  . LYS A 1 87  ? 1.467   6.003   17.384  1.00 49.50  ? 205 LYS A CB  1 
ATOM   693  C CG  . LYS A 1 87  ? 2.294   6.710   18.446  1.00 49.43  ? 205 LYS A CG  1 
ATOM   694  C CD  . LYS A 1 87  ? 2.463   5.830   19.674  1.00 53.67  ? 205 LYS A CD  1 
ATOM   695  C CE  . LYS A 1 87  ? 3.245   6.550   20.762  1.00 57.00  ? 205 LYS A CE  1 
ATOM   696  N NZ  . LYS A 1 87  ? 3.225   5.770   22.039  1.00 68.83  ? 205 LYS A NZ  1 
ATOM   697  N N   . GLY A 1 88  ? 3.190   8.191   15.750  1.00 44.80  ? 206 GLY A N   1 
ATOM   698  C CA  . GLY A 1 88  ? 4.521   8.489   15.251  1.00 43.23  ? 206 GLY A CA  1 
ATOM   699  C C   . GLY A 1 88  ? 4.604   8.917   13.795  1.00 46.43  ? 206 GLY A C   1 
ATOM   700  O O   . GLY A 1 88  ? 3.609   9.321   13.189  1.00 42.65  ? 206 GLY A O   1 
ATOM   701  N N   . ASN A 1 89  ? 5.807   8.823   13.235  1.00 44.66  ? 207 ASN A N   1 
ATOM   702  C CA  . ASN A 1 89  ? 6.070   9.254   11.865  1.00 43.68  ? 207 ASN A CA  1 
ATOM   703  C C   . ASN A 1 89  ? 5.911   8.137   10.853  1.00 40.43  ? 207 ASN A C   1 
ATOM   704  O O   . ASN A 1 89  ? 6.162   6.966   11.155  1.00 39.99  ? 207 ASN A O   1 
ATOM   705  C CB  . ASN A 1 89  ? 7.495   9.811   11.750  1.00 45.52  ? 207 ASN A CB  1 
ATOM   706  C CG  . ASN A 1 89  ? 7.745   10.934  12.717  1.00 46.91  ? 207 ASN A CG  1 
ATOM   707  O OD1 . ASN A 1 89  ? 6.888   11.801  12.905  1.00 51.79  ? 207 ASN A OD1 1 
ATOM   708  N ND2 . ASN A 1 89  ? 8.905   10.911  13.369  1.00 45.27  ? 207 ASN A ND2 1 
ATOM   709  N N   . PRO A 1 90  ? 5.487   8.498   9.637   1.00 43.52  ? 208 PRO A N   1 
ATOM   710  C CA  . PRO A 1 90  ? 5.483   7.536   8.536   1.00 38.98  ? 208 PRO A CA  1 
ATOM   711  C C   . PRO A 1 90  ? 6.822   7.604   7.810   1.00 41.69  ? 208 PRO A C   1 
ATOM   712  O O   . PRO A 1 90  ? 7.387   8.687   7.651   1.00 43.65  ? 208 PRO A O   1 
ATOM   713  C CB  . PRO A 1 90  ? 4.368   8.058   7.635   1.00 38.17  ? 208 PRO A CB  1 
ATOM   714  C CG  . PRO A 1 90  ? 4.405   9.551   7.844   1.00 40.31  ? 208 PRO A CG  1 
ATOM   715  C CD  . PRO A 1 90  ? 4.829   9.770   9.275   1.00 40.77  ? 208 PRO A CD  1 
ATOM   716  N N   . SER A 1 91  ? 7.328   6.457   7.382   1.00 42.14  ? 209 SER A N   1 
ATOM   717  C CA  . SER A 1 91  ? 8.547   6.405   6.595   1.00 42.52  ? 209 SER A CA  1 
ATOM   718  C C   . SER A 1 91  ? 8.271   5.615   5.318   1.00 42.87  ? 209 SER A C   1 
ATOM   719  O O   . SER A 1 91  ? 8.159   4.380   5.354   1.00 44.18  ? 209 SER A O   1 
ATOM   720  C CB  . SER A 1 91  ? 9.667   5.732   7.398   1.00 43.42  ? 209 SER A CB  1 
ATOM   721  O OG  . SER A 1 91  ? 10.707  5.285   6.541   1.00 44.27  ? 209 SER A OG  1 
ATOM   722  N N   . LEU A 1 92  ? 8.152   6.313   4.192   1.00 41.80  ? 210 LEU A N   1 
ATOM   723  C CA  . LEU A 1 92  ? 7.967   5.621   2.917   1.00 42.36  ? 210 LEU A CA  1 
ATOM   724  C C   . LEU A 1 92  ? 9.185   4.755   2.600   1.00 45.75  ? 210 LEU A C   1 
ATOM   725  O O   . LEU A 1 92  ? 9.053   3.645   2.081   1.00 45.38  ? 210 LEU A O   1 
ATOM   726  C CB  . LEU A 1 92  ? 7.693   6.609   1.781   1.00 38.90  ? 210 LEU A CB  1 
ATOM   727  C CG  . LEU A 1 92  ? 6.333   7.318   1.828   1.00 44.26  ? 210 LEU A CG  1 
ATOM   728  C CD1 . LEU A 1 92  ? 6.374   8.611   1.035   1.00 42.57  ? 210 LEU A CD1 1 
ATOM   729  C CD2 . LEU A 1 92  ? 5.213   6.404   1.310   1.00 38.71  ? 210 LEU A CD2 1 
ATOM   730  N N   . GLN A 1 93  ? 10.377  5.245   2.926   1.00 42.38  ? 211 GLN A N   1 
ATOM   731  C CA  . GLN A 1 93  ? 11.569  4.483   2.587   1.00 48.10  ? 211 GLN A CA  1 
ATOM   732  C C   . GLN A 1 93  ? 11.594  3.122   3.280   1.00 41.75  ? 211 GLN A C   1 
ATOM   733  O O   . GLN A 1 93  ? 11.788  2.102   2.624   1.00 40.63  ? 211 GLN A O   1 
ATOM   734  C CB  . GLN A 1 93  ? 12.860  5.261   2.884   1.00 48.63  ? 211 GLN A CB  1 
ATOM   735  C CG  . GLN A 1 93  ? 14.108  4.426   2.626   1.00 45.94  ? 211 GLN A CG  1 
ATOM   736  C CD  . GLN A 1 93  ? 15.382  5.241   2.672   1.00 52.92  ? 211 GLN A CD  1 
ATOM   737  O OE1 . GLN A 1 93  ? 15.581  6.072   3.570   1.00 49.06  ? 211 GLN A OE1 1 
ATOM   738  N NE2 . GLN A 1 93  ? 16.261  5.008   1.698   1.00 50.60  ? 211 GLN A NE2 1 
ATOM   739  N N   . ASN A 1 94  ? 11.387  3.108   4.596   1.00 41.76  ? 212 ASN A N   1 
ATOM   740  C CA  . ASN A 1 94  ? 11.387  1.846   5.347   1.00 44.30  ? 212 ASN A CA  1 
ATOM   741  C C   . ASN A 1 94  ? 10.346  0.865   4.803   1.00 44.69  ? 212 ASN A C   1 
ATOM   742  O O   . ASN A 1 94  ? 10.600  -0.347  4.708   1.00 44.65  ? 212 ASN A O   1 
ATOM   743  C CB  . ASN A 1 94  ? 11.153  2.081   6.848   1.00 42.27  ? 212 ASN A CB  1 
ATOM   744  C CG  . ASN A 1 94  ? 12.358  2.712   7.541   1.00 44.67  ? 212 ASN A CG  1 
ATOM   745  O OD1 . ASN A 1 94  ? 12.236  3.301   8.618   1.00 44.72  ? 212 ASN A OD1 1 
ATOM   746  N ND2 . ASN A 1 94  ? 13.528  2.593   6.922   1.00 47.51  ? 212 ASN A ND2 1 
ATOM   747  N N   . ALA A 1 95  ? 9.186   1.404   4.430   1.00 41.90  ? 213 ALA A N   1 
ATOM   748  C CA  . ALA A 1 95  ? 8.108   0.597   3.878   1.00 42.09  ? 213 ALA A CA  1 
ATOM   749  C C   . ALA A 1 95  ? 8.490   0.027   2.515   1.00 41.77  ? 213 ALA A C   1 
ATOM   750  O O   . ALA A 1 95  ? 8.278   -1.166  2.249   1.00 41.91  ? 213 ALA A O   1 
ATOM   751  C CB  . ALA A 1 95  ? 6.820   1.414   3.790   1.00 33.46  ? 213 ALA A CB  1 
ATOM   752  N N   . LEU A 1 96  ? 9.065   0.869   1.657   1.00 39.84  ? 214 LEU A N   1 
ATOM   753  C CA  . LEU A 1 96  ? 9.475   0.429   0.320   1.00 43.00  ? 214 LEU A CA  1 
ATOM   754  C C   . LEU A 1 96  ? 10.641  -0.573  0.353   1.00 42.09  ? 214 LEU A C   1 
ATOM   755  O O   . LEU A 1 96  ? 10.691  -1.492  -0.461  1.00 44.46  ? 214 LEU A O   1 
ATOM   756  C CB  . LEU A 1 96  ? 9.816   1.637   -0.568  1.00 39.81  ? 214 LEU A CB  1 
ATOM   757  C CG  . LEU A 1 96  ? 8.628   2.522   -0.976  1.00 43.26  ? 214 LEU A CG  1 
ATOM   758  C CD1 . LEU A 1 96  ? 9.109   3.850   -1.563  1.00 41.57  ? 214 LEU A CD1 1 
ATOM   759  C CD2 . LEU A 1 96  ? 7.706   1.791   -1.955  1.00 40.53  ? 214 LEU A CD2 1 
ATOM   760  N N   . GLU A 1 97  ? 11.570  -0.403  1.291   1.00 38.86  ? 215 GLU A N   1 
ATOM   761  C CA  . GLU A 1 97  ? 12.649  -1.377  1.464   1.00 44.96  ? 215 GLU A CA  1 
ATOM   762  C C   . GLU A 1 97  ? 12.120  -2.724  1.983   1.00 46.41  ? 215 GLU A C   1 
ATOM   763  O O   . GLU A 1 97  ? 12.550  -3.782  1.512   1.00 46.21  ? 215 GLU A O   1 
ATOM   764  C CB  . GLU A 1 97  ? 13.764  -0.840  2.387   1.00 44.77  ? 215 GLU A CB  1 
ATOM   765  C CG  . GLU A 1 97  ? 14.652  0.263   1.791   1.00 41.25  ? 215 GLU A CG  1 
ATOM   766  C CD  . GLU A 1 97  ? 15.464  -0.194  0.582   1.00 50.89  ? 215 GLU A CD  1 
ATOM   767  O OE1 . GLU A 1 97  ? 15.756  -1.407  0.473   1.00 51.06  ? 215 GLU A OE1 1 
ATOM   768  O OE2 . GLU A 1 97  ? 15.806  0.665   -0.267  1.00 52.67  ? 215 GLU A OE2 1 
ATOM   769  N N   . MET A 1 98  ? 11.188  -2.688  2.942   1.00 44.25  ? 216 MET A N   1 
ATOM   770  C CA  . MET A 1 98  ? 10.562  -3.920  3.433   1.00 40.46  ? 216 MET A CA  1 
ATOM   771  C C   . MET A 1 98  ? 9.857   -4.625  2.267   1.00 42.86  ? 216 MET A C   1 
ATOM   772  O O   . MET A 1 98  ? 9.994   -5.837  2.076   1.00 43.79  ? 216 MET A O   1 
ATOM   773  C CB  . MET A 1 98  ? 9.589   -3.628  4.599   1.00 38.16  ? 216 MET A CB  1 
ATOM   774  C CG  . MET A 1 98  ? 8.849   -4.862  5.125   1.00 41.26  ? 216 MET A CG  1 
ATOM   775  S SD  . MET A 1 98  ? 7.873   -4.581  6.627   1.00 29.48  ? 216 MET A SD  1 
ATOM   776  C CE  . MET A 1 98  ? 9.228   -4.444  7.807   1.00 34.84  ? 216 MET A CE  1 
ATOM   777  N N   . ALA A 1 99  ? 9.147   -3.841  1.458   1.00 39.99  ? 217 ALA A N   1 
ATOM   778  C CA  . ALA A 1 99  ? 8.423   -4.379  0.324   1.00 41.08  ? 217 ALA A CA  1 
ATOM   779  C C   . ALA A 1 99  ? 9.359   -5.096  -0.639  1.00 45.07  ? 217 ALA A C   1 
ATOM   780  O O   . ALA A 1 99  ? 8.995   -6.129  -1.205  1.00 47.12  ? 217 ALA A O   1 
ATOM   781  C CB  . ALA A 1 99  ? 7.653   -3.279  -0.395  1.00 38.92  ? 217 ALA A CB  1 
ATOM   782  N N   . ARG A 1 100 ? 10.564  -4.557  -0.828  1.00 45.57  ? 218 ARG A N   1 
ATOM   783  C CA  . ARG A 1 100 ? 11.563  -5.244  -1.651  1.00 45.98  ? 218 ARG A CA  1 
ATOM   784  C C   . ARG A 1 100 ? 11.907  -6.619  -1.078  1.00 45.91  ? 218 ARG A C   1 
ATOM   785  O O   . ARG A 1 100 ? 11.972  -7.602  -1.817  1.00 48.06  ? 218 ARG A O   1 
ATOM   786  C CB  . ARG A 1 100 ? 12.826  -4.401  -1.791  1.00 47.31  ? 218 ARG A CB  1 
ATOM   787  C CG  . ARG A 1 100 ? 12.630  -3.124  -2.599  1.00 46.88  ? 218 ARG A CG  1 
ATOM   788  C CD  . ARG A 1 100 ? 13.903  -2.285  -2.589  1.00 51.16  ? 218 ARG A CD  1 
ATOM   789  N NE  . ARG A 1 100 ? 14.957  -2.925  -3.371  1.00 51.71  ? 218 ARG A NE  1 
ATOM   790  C CZ  . ARG A 1 100 ? 16.204  -3.123  -2.953  1.00 51.18  ? 218 ARG A CZ  1 
ATOM   791  N NH1 . ARG A 1 100 ? 16.583  -2.723  -1.744  1.00 48.29  ? 218 ARG A NH1 1 
ATOM   792  N NH2 . ARG A 1 100 ? 17.074  -3.720  -3.760  1.00 49.00  ? 218 ARG A NH2 1 
ATOM   793  N N   . GLY A 1 101 ? 12.108  -6.688  0.237   1.00 40.50  ? 219 GLY A N   1 
ATOM   794  C CA  . GLY A 1 101 ? 12.383  -7.951  0.899   1.00 40.74  ? 219 GLY A CA  1 
ATOM   795  C C   . GLY A 1 101 ? 11.262  -8.964  0.745   1.00 45.05  ? 219 GLY A C   1 
ATOM   796  O O   . GLY A 1 101 ? 11.500  -10.166 0.687   1.00 44.26  ? 219 GLY A O   1 
ATOM   797  N N   . LEU A 1 102 ? 10.029  -8.473  0.681   1.00 44.70  ? 220 LEU A N   1 
ATOM   798  C CA  . LEU A 1 102 ? 8.880   -9.341  0.481   1.00 42.81  ? 220 LEU A CA  1 
ATOM   799  C C   . LEU A 1 102 ? 8.754   -9.825  -0.975  1.00 43.64  ? 220 LEU A C   1 
ATOM   800  O O   . LEU A 1 102 ? 8.428   -10.989 -1.224  1.00 42.14  ? 220 LEU A O   1 
ATOM   801  C CB  . LEU A 1 102 ? 7.606   -8.617  0.938   1.00 42.55  ? 220 LEU A CB  1 
ATOM   802  C CG  . LEU A 1 102 ? 7.611   -8.258  2.428   1.00 44.04  ? 220 LEU A CG  1 
ATOM   803  C CD1 . LEU A 1 102 ? 6.367   -7.481  2.790   1.00 38.12  ? 220 LEU A CD1 1 
ATOM   804  C CD2 . LEU A 1 102 ? 7.731   -9.519  3.283   1.00 38.64  ? 220 LEU A CD2 1 
ATOM   805  N N   . LEU A 1 103 ? 9.040   -8.933  -1.924  1.00 42.53  ? 221 LEU A N   1 
ATOM   806  C CA  . LEU A 1 103 ? 8.847   -9.198  -3.355  1.00 45.42  ? 221 LEU A CA  1 
ATOM   807  C C   . LEU A 1 103 ? 9.972   -10.019 -4.011  1.00 49.79  ? 221 LEU A C   1 
ATOM   808  O O   . LEU A 1 103 ? 9.711   -10.920 -4.815  1.00 51.08  ? 221 LEU A O   1 
ATOM   809  C CB  . LEU A 1 103 ? 8.689   -7.872  -4.107  1.00 45.47  ? 221 LEU A CB  1 
ATOM   810  C CG  . LEU A 1 103 ? 7.302   -7.357  -4.519  1.00 50.82  ? 221 LEU A CG  1 
ATOM   811  C CD1 . LEU A 1 103 ? 6.195   -8.283  -4.062  1.00 42.62  ? 221 LEU A CD1 1 
ATOM   812  C CD2 . LEU A 1 103 ? 7.068   -5.936  -4.022  1.00 44.73  ? 221 LEU A CD2 1 
ATOM   813  N N   . LEU A 1 104 ? 11.218  -9.694  -3.672  1.00 50.37  ? 222 LEU A N   1 
ATOM   814  C CA  . LEU A 1 104 ? 12.387  -10.295 -4.320  1.00 51.19  ? 222 LEU A CA  1 
ATOM   815  C C   . LEU A 1 104 ? 12.502  -11.838 -4.276  1.00 46.40  ? 222 LEU A C   1 
ATOM   816  O O   . LEU A 1 104 ? 12.889  -12.436 -5.268  1.00 52.43  ? 222 LEU A O   1 
ATOM   817  C CB  . LEU A 1 104 ? 13.691  -9.591  -3.881  1.00 50.33  ? 222 LEU A CB  1 
ATOM   818  C CG  . LEU A 1 104 ? 13.790  -8.107  -4.307  1.00 59.96  ? 222 LEU A CG  1 
ATOM   819  C CD1 . LEU A 1 104 ? 15.179  -7.513  -4.054  1.00 56.07  ? 222 LEU A CD1 1 
ATOM   820  C CD2 . LEU A 1 104 ? 13.361  -7.862  -5.763  1.00 52.79  ? 222 LEU A CD2 1 
ATOM   821  N N   . PRO A 1 105 ? 12.163  -12.483 -3.144  1.00 51.07  ? 223 PRO A N   1 
ATOM   822  C CA  . PRO A 1 105 ? 12.189  -13.962 -3.127  1.00 47.66  ? 223 PRO A CA  1 
ATOM   823  C C   . PRO A 1 105 ? 11.158  -14.623 -4.040  1.00 52.53  ? 223 PRO A C   1 
ATOM   824  O O   . PRO A 1 105 ? 11.260  -15.817 -4.323  1.00 54.09  ? 223 PRO A O   1 
ATOM   825  C CB  . PRO A 1 105 ? 11.848  -14.303 -1.669  1.00 44.32  ? 223 PRO A CB  1 
ATOM   826  C CG  . PRO A 1 105 ? 12.319  -13.103 -0.880  1.00 47.66  ? 223 PRO A CG  1 
ATOM   827  C CD  . PRO A 1 105 ? 12.047  -11.919 -1.782  1.00 49.00  ? 223 PRO A CD  1 
ATOM   828  N N   . VAL A 1 106 ? 10.164  -13.861 -4.477  1.00 51.13  ? 224 VAL A N   1 
ATOM   829  C CA  . VAL A 1 106 ? 9.072   -14.413 -5.257  1.00 48.58  ? 224 VAL A CA  1 
ATOM   830  C C   . VAL A 1 106 ? 9.510   -14.584 -6.706  1.00 51.93  ? 224 VAL A C   1 
ATOM   831  O O   . VAL A 1 106 ? 10.135  -13.688 -7.265  1.00 57.27  ? 224 VAL A O   1 
ATOM   832  C CB  . VAL A 1 106 ? 7.823   -13.505 -5.131  1.00 51.52  ? 224 VAL A CB  1 
ATOM   833  C CG1 . VAL A 1 106 ? 6.725   -13.880 -6.137  1.00 47.01  ? 224 VAL A CG1 1 
ATOM   834  C CG2 . VAL A 1 106 ? 7.310   -13.560 -3.702  1.00 47.55  ? 224 VAL A CG2 1 
ATOM   835  N N   . PRO A 1 107 ? 9.208   -15.754 -7.308  1.00 55.44  ? 225 PRO A N   1 
ATOM   836  C CA  . PRO A 1 107 ? 9.539   -16.086 -8.703  1.00 52.19  ? 225 PRO A CA  1 
ATOM   837  C C   . PRO A 1 107 ? 9.222   -14.958 -9.685  1.00 58.13  ? 225 PRO A C   1 
ATOM   838  O O   . PRO A 1 107 ? 8.153   -14.351 -9.593  1.00 59.60  ? 225 PRO A O   1 
ATOM   839  C CB  . PRO A 1 107 ? 8.655   -17.302 -8.983  1.00 52.85  ? 225 PRO A CB  1 
ATOM   840  C CG  . PRO A 1 107 ? 8.576   -17.995 -7.649  1.00 53.70  ? 225 PRO A CG  1 
ATOM   841  C CD  . PRO A 1 107 ? 8.564   -16.887 -6.611  1.00 47.46  ? 225 PRO A CD  1 
ATOM   842  N N   . ALA A 1 108 ? 10.135  -14.723 -10.627 1.00 60.21  ? 226 ALA A N   1 
ATOM   843  C CA  . ALA A 1 108 ? 10.176  -13.506 -11.448 1.00 61.50  ? 226 ALA A CA  1 
ATOM   844  C C   . ALA A 1 108 ? 8.962   -13.229 -12.317 1.00 61.41  ? 226 ALA A C   1 
ATOM   845  O O   . ALA A 1 108 ? 8.729   -12.084 -12.718 1.00 66.93  ? 226 ALA A O   1 
ATOM   846  C CB  . ALA A 1 108 ? 11.432  -13.506 -12.318 1.00 62.38  ? 226 ALA A CB  1 
ATOM   847  N N   . HIS A 1 109 ? 8.199   -14.264 -12.637 1.00 61.69  ? 227 HIS A N   1 
ATOM   848  C CA  . HIS A 1 109 ? 7.100   -14.080 -13.578 1.00 60.93  ? 227 HIS A CA  1 
ATOM   849  C C   . HIS A 1 109 ? 5.786   -13.598 -12.948 1.00 59.07  ? 227 HIS A C   1 
ATOM   850  O O   . HIS A 1 109 ? 4.768   -13.508 -13.625 1.00 60.05  ? 227 HIS A O   1 
ATOM   851  C CB  . HIS A 1 109 ? 6.920   -15.325 -14.453 1.00 69.50  ? 227 HIS A CB  1 
ATOM   852  C CG  . HIS A 1 109 ? 7.795   -15.325 -15.670 1.00 81.60  ? 227 HIS A CG  1 
ATOM   853  N ND1 . HIS A 1 109 ? 9.139   -15.661 -15.631 1.00 81.63  ? 227 HIS A ND1 1 
ATOM   854  C CD2 . HIS A 1 109 ? 7.534   -15.000 -16.960 1.00 78.47  ? 227 HIS A CD2 1 
ATOM   855  C CE1 . HIS A 1 109 ? 9.652   -15.558 -16.841 1.00 86.42  ? 227 HIS A CE1 1 
ATOM   856  N NE2 . HIS A 1 109 ? 8.697   -15.157 -17.669 1.00 86.87  ? 227 HIS A NE2 1 
ATOM   857  N N   . CYS A 1 110 ? 5.823   -13.265 -11.659 1.00 55.65  ? 228 CYS A N   1 
ATOM   858  C CA  . CYS A 1 110 ? 4.688   -12.628 -10.999 1.00 53.16  ? 228 CYS A CA  1 
ATOM   859  C C   . CYS A 1 110 ? 4.837   -11.110 -11.054 1.00 52.82  ? 228 CYS A C   1 
ATOM   860  O O   . CYS A 1 110 ? 5.957   -10.595 -11.046 1.00 51.05  ? 228 CYS A O   1 
ATOM   861  C CB  . CYS A 1 110 ? 4.611   -13.063 -9.535  1.00 51.49  ? 228 CYS A CB  1 
ATOM   862  S SG  . CYS A 1 110 ? 4.803   -14.844 -9.270  1.00 50.42  ? 228 CYS A SG  1 
ATOM   863  N N   . THR A 1 111 ? 3.721   -10.387 -11.094 1.00 46.30  ? 229 THR A N   1 
ATOM   864  C CA  . THR A 1 111 ? 3.807   -8.939  -11.017 1.00 42.98  ? 229 THR A CA  1 
ATOM   865  C C   . THR A 1 111 ? 4.385   -8.530  -9.663  1.00 48.95  ? 229 THR A C   1 
ATOM   866  O O   . THR A 1 111 ? 4.358   -9.299  -8.688  1.00 48.66  ? 229 THR A O   1 
ATOM   867  C CB  . THR A 1 111 ? 2.447   -8.230  -11.248 1.00 47.81  ? 229 THR A CB  1 
ATOM   868  O OG1 . THR A 1 111 ? 1.617   -8.382  -10.090 1.00 47.12  ? 229 THR A OG1 1 
ATOM   869  C CG2 . THR A 1 111 ? 1.734   -8.773  -12.499 1.00 38.30  ? 229 THR A CG2 1 
ATOM   870  N N   . ARG A 1 112 ? 4.923   -7.319  -9.618  1.00 43.58  ? 230 ARG A N   1 
ATOM   871  C CA  . ARG A 1 112 ? 5.468   -6.762  -8.406  1.00 43.11  ? 230 ARG A CA  1 
ATOM   872  C C   . ARG A 1 112 ? 4.786   -5.428  -8.142  1.00 49.30  ? 230 ARG A C   1 
ATOM   873  O O   . ARG A 1 112 ? 5.113   -4.415  -8.768  1.00 50.64  ? 230 ARG A O   1 
ATOM   874  C CB  . ARG A 1 112 ? 6.978   -6.588  -8.540  1.00 46.34  ? 230 ARG A CB  1 
ATOM   875  C CG  . ARG A 1 112 ? 7.734   -7.918  -8.608  1.00 49.03  ? 230 ARG A CG  1 
ATOM   876  C CD  . ARG A 1 112 ? 9.213   -7.688  -8.849  1.00 51.07  ? 230 ARG A CD  1 
ATOM   877  N NE  . ARG A 1 112 ? 9.998   -8.923  -8.799  1.00 60.66  ? 230 ARG A NE  1 
ATOM   878  C CZ  . ARG A 1 112 ? 11.324  -8.969  -8.926  1.00 64.96  ? 230 ARG A CZ  1 
ATOM   879  N NH1 . ARG A 1 112 ? 12.020  -7.847  -9.111  1.00 55.61  ? 230 ARG A NH1 1 
ATOM   880  N NH2 . ARG A 1 112 ? 11.954  -10.137 -8.865  1.00 60.13  ? 230 ARG A NH2 1 
ATOM   881  N N   . GLU A 1 113 ? 3.832   -5.438  -7.215  1.00 47.28  ? 231 GLU A N   1 
ATOM   882  C CA  . GLU A 1 113 ? 3.007   -4.273  -6.969  1.00 42.48  ? 231 GLU A CA  1 
ATOM   883  C C   . GLU A 1 113 ? 3.067   -3.887  -5.507  1.00 46.49  ? 231 GLU A C   1 
ATOM   884  O O   . GLU A 1 113 ? 3.069   -4.759  -4.625  1.00 40.16  ? 231 GLU A O   1 
ATOM   885  C CB  . GLU A 1 113 ? 1.555   -4.554  -7.378  1.00 42.25  ? 231 GLU A CB  1 
ATOM   886  C CG  . GLU A 1 113 ? 1.392   -5.095  -8.792  1.00 44.98  ? 231 GLU A CG  1 
ATOM   887  C CD  . GLU A 1 113 ? -0.026  -5.552  -9.082  1.00 45.61  ? 231 GLU A CD  1 
ATOM   888  O OE1 . GLU A 1 113 ? -0.960  -4.854  -8.647  1.00 45.36  ? 231 GLU A OE1 1 
ATOM   889  O OE2 . GLU A 1 113 ? -0.215  -6.610  -9.733  1.00 46.06  ? 231 GLU A OE2 1 
ATOM   890  N N   . VAL A 1 114 ? 3.126   -2.576  -5.271  1.00 42.19  ? 232 VAL A N   1 
ATOM   891  C CA  . VAL A 1 114 ? 3.027   -2.000  -3.938  1.00 41.28  ? 232 VAL A CA  1 
ATOM   892  C C   . VAL A 1 114 ? 1.872   -1.008  -3.964  1.00 42.44  ? 232 VAL A C   1 
ATOM   893  O O   . VAL A 1 114 ? 1.822   -0.141  -4.831  1.00 44.21  ? 232 VAL A O   1 
ATOM   894  C CB  . VAL A 1 114 ? 4.324   -1.254  -3.551  1.00 43.18  ? 232 VAL A CB  1 
ATOM   895  C CG1 . VAL A 1 114 ? 4.113   -0.419  -2.302  1.00 32.76  ? 232 VAL A CG1 1 
ATOM   896  C CG2 . VAL A 1 114 ? 5.479   -2.230  -3.376  1.00 38.57  ? 232 VAL A CG2 1 
ATOM   897  N N   . LEU A 1 115 ? 0.929   -1.145  -3.036  1.00 43.65  ? 233 LEU A N   1 
ATOM   898  C CA  . LEU A 1 115 ? -0.222  -0.244  -2.975  1.00 41.09  ? 233 LEU A CA  1 
ATOM   899  C C   . LEU A 1 115 ? -0.226  0.453   -1.631  1.00 42.99  ? 233 LEU A C   1 
ATOM   900  O O   . LEU A 1 115 ? -0.412  -0.189  -0.586  1.00 42.35  ? 233 LEU A O   1 
ATOM   901  C CB  . LEU A 1 115 ? -1.540  -1.009  -3.180  1.00 40.77  ? 233 LEU A CB  1 
ATOM   902  C CG  . LEU A 1 115 ? -2.855  -0.208  -3.100  1.00 46.04  ? 233 LEU A CG  1 
ATOM   903  C CD1 . LEU A 1 115 ? -2.835  0.885   -4.138  1.00 48.23  ? 233 LEU A CD1 1 
ATOM   904  C CD2 . LEU A 1 115 ? -4.098  -1.100  -3.306  1.00 43.15  ? 233 LEU A CD2 1 
ATOM   905  N N   . ILE A 1 116 ? -0.018  1.763   -1.651  1.00 41.66  ? 234 ILE A N   1 
ATOM   906  C CA  . ILE A 1 116 ? 0.167   2.509   -0.417  1.00 39.65  ? 234 ILE A CA  1 
ATOM   907  C C   . ILE A 1 116 ? -1.021  3.412   -0.173  1.00 43.15  ? 234 ILE A C   1 
ATOM   908  O O   . ILE A 1 116 ? -1.460  4.134   -1.072  1.00 45.63  ? 234 ILE A O   1 
ATOM   909  C CB  . ILE A 1 116 ? 1.426   3.397   -0.481  1.00 42.85  ? 234 ILE A CB  1 
ATOM   910  C CG1 . ILE A 1 116 ? 2.653   2.577   -0.885  1.00 41.44  ? 234 ILE A CG1 1 
ATOM   911  C CG2 . ILE A 1 116 ? 1.687   4.070   0.863   1.00 38.50  ? 234 ILE A CG2 1 
ATOM   912  C CD1 . ILE A 1 116 ? 3.941   3.423   -0.899  1.00 41.98  ? 234 ILE A CD1 1 
ATOM   913  N N   . VAL A 1 117 ? -1.544  3.379   1.047   1.00 42.68  ? 235 VAL A N   1 
ATOM   914  C CA  . VAL A 1 117 ? -2.576  4.317   1.448   1.00 41.11  ? 235 VAL A CA  1 
ATOM   915  C C   . VAL A 1 117 ? -1.902  5.327   2.352   1.00 42.91  ? 235 VAL A C   1 
ATOM   916  O O   . VAL A 1 117 ? -1.453  4.977   3.449   1.00 41.76  ? 235 VAL A O   1 
ATOM   917  C CB  . VAL A 1 117 ? -3.759  3.613   2.173   1.00 41.63  ? 235 VAL A CB  1 
ATOM   918  C CG1 . VAL A 1 117 ? -4.836  4.634   2.601   1.00 35.25  ? 235 VAL A CG1 1 
ATOM   919  C CG2 . VAL A 1 117 ? -4.362  2.543   1.266   1.00 39.60  ? 235 VAL A CG2 1 
ATOM   920  N N   . PHE A 1 118 ? -1.819  6.575   1.885   1.00 44.05  ? 236 PHE A N   1 
ATOM   921  C CA  . PHE A 1 118 ? -1.046  7.604   2.578   1.00 42.42  ? 236 PHE A CA  1 
ATOM   922  C C   . PHE A 1 118 ? -1.909  8.755   3.082   1.00 43.00  ? 236 PHE A C   1 
ATOM   923  O O   . PHE A 1 118 ? -2.629  9.394   2.313   1.00 47.53  ? 236 PHE A O   1 
ATOM   924  C CB  . PHE A 1 118 ? 0.064   8.135   1.669   1.00 41.19  ? 236 PHE A CB  1 
ATOM   925  C CG  . PHE A 1 118 ? 1.224   8.722   2.414   1.00 40.60  ? 236 PHE A CG  1 
ATOM   926  C CD1 . PHE A 1 118 ? 1.960   7.942   3.303   1.00 43.88  ? 236 PHE A CD1 1 
ATOM   927  C CD2 . PHE A 1 118 ? 1.582   10.041  2.231   1.00 39.76  ? 236 PHE A CD2 1 
ATOM   928  C CE1 . PHE A 1 118 ? 3.037   8.479   3.996   1.00 42.58  ? 236 PHE A CE1 1 
ATOM   929  C CE2 . PHE A 1 118 ? 2.652   10.586  2.917   1.00 45.54  ? 236 PHE A CE2 1 
ATOM   930  C CZ  . PHE A 1 118 ? 3.389   9.804   3.799   1.00 44.90  ? 236 PHE A CZ  1 
ATOM   931  N N   . GLY A 1 119 ? -1.827  9.023   4.379   1.00 39.83  ? 237 GLY A N   1 
ATOM   932  C CA  . GLY A 1 119 ? -2.654  10.060  4.975   1.00 44.57  ? 237 GLY A CA  1 
ATOM   933  C C   . GLY A 1 119 ? -1.852  11.176  5.618   1.00 43.30  ? 237 GLY A C   1 
ATOM   934  O O   . GLY A 1 119 ? -2.414  12.038  6.286   1.00 45.86  ? 237 GLY A O   1 
ATOM   935  N N   . SER A 1 120 ? -0.536  11.162  5.414   1.00 42.27  ? 238 SER A N   1 
ATOM   936  C CA  . SER A 1 120 ? 0.345   12.120  6.081   1.00 44.22  ? 238 SER A CA  1 
ATOM   937  C C   . SER A 1 120 ? 0.864   13.181  5.116   1.00 46.14  ? 238 SER A C   1 
ATOM   938  O O   . SER A 1 120 ? 0.676   13.076  3.903   1.00 43.12  ? 238 SER A O   1 
ATOM   939  C CB  . SER A 1 120 ? 1.523   11.399  6.738   1.00 42.95  ? 238 SER A CB  1 
ATOM   940  O OG  . SER A 1 120 ? 1.066   10.459  7.698   1.00 43.45  ? 238 SER A OG  1 
ATOM   941  N N   . LEU A 1 121 ? 1.533   14.193  5.658   1.00 46.18  ? 239 LEU A N   1 
ATOM   942  C CA  . LEU A 1 121 ? 1.941   15.340  4.856   1.00 46.52  ? 239 LEU A CA  1 
ATOM   943  C C   . LEU A 1 121 ? 3.402   15.289  4.453   1.00 48.68  ? 239 LEU A C   1 
ATOM   944  O O   . LEU A 1 121 ? 3.860   16.120  3.664   1.00 48.21  ? 239 LEU A O   1 
ATOM   945  C CB  . LEU A 1 121 ? 1.667   16.625  5.628   1.00 42.21  ? 239 LEU A CB  1 
ATOM   946  C CG  . LEU A 1 121 ? 0.199   16.778  6.003   1.00 45.97  ? 239 LEU A CG  1 
ATOM   947  C CD1 . LEU A 1 121 ? -0.037  18.101  6.707   1.00 48.02  ? 239 LEU A CD1 1 
ATOM   948  C CD2 . LEU A 1 121 ? -0.659  16.657  4.751   1.00 49.23  ? 239 LEU A CD2 1 
ATOM   949  N N   . SER A 1 122 ? 4.122   14.313  4.998   1.00 46.10  ? 240 SER A N   1 
ATOM   950  C CA  . SER A 1 122 ? 5.553   14.163  4.744   1.00 51.42  ? 240 SER A CA  1 
ATOM   951  C C   . SER A 1 122 ? 6.020   12.747  5.078   1.00 47.94  ? 240 SER A C   1 
ATOM   952  O O   . SER A 1 122 ? 5.290   11.965  5.698   1.00 44.86  ? 240 SER A O   1 
ATOM   953  C CB  . SER A 1 122 ? 6.344   15.163  5.586   1.00 43.12  ? 240 SER A CB  1 
ATOM   954  O OG  . SER A 1 122 ? 5.991   15.018  6.956   1.00 49.55  ? 240 SER A OG  1 
ATOM   955  N N   . THR A 1 123 ? 7.242   12.426  4.665   1.00 47.76  ? 241 THR A N   1 
ATOM   956  C CA  . THR A 1 123 ? 7.856   11.153  5.001   1.00 45.01  ? 241 THR A CA  1 
ATOM   957  C C   . THR A 1 123 ? 9.099   11.434  5.838   1.00 49.12  ? 241 THR A C   1 
ATOM   958  O O   . THR A 1 123 ? 9.832   12.385  5.565   1.00 49.95  ? 241 THR A O   1 
ATOM   959  C CB  . THR A 1 123 ? 8.216   10.361  3.730   1.00 44.64  ? 241 THR A CB  1 
ATOM   960  O OG1 . THR A 1 123 ? 8.888   9.154   4.090   1.00 44.15  ? 241 THR A OG1 1 
ATOM   961  C CG2 . THR A 1 123 ? 9.116   11.185  2.813   1.00 44.65  ? 241 THR A CG2 1 
ATOM   962  N N   . THR A 1 124 ? 9.318   10.628  6.874   1.00 47.40  ? 242 THR A N   1 
ATOM   963  C CA  . THR A 1 124 ? 10.511  10.746  7.702   1.00 46.56  ? 242 THR A CA  1 
ATOM   964  C C   . THR A 1 124 ? 11.381  9.499   7.515   1.00 50.54  ? 242 THR A C   1 
ATOM   965  O O   . THR A 1 124 ? 11.054  8.423   8.011   1.00 52.24  ? 242 THR A O   1 
ATOM   966  C CB  . THR A 1 124 ? 10.145  10.903  9.184   1.00 48.11  ? 242 THR A CB  1 
ATOM   967  O OG1 . THR A 1 124 ? 9.360   12.091  9.356   1.00 50.54  ? 242 THR A OG1 1 
ATOM   968  C CG2 . THR A 1 124 ? 11.409  10.991  10.042  1.00 45.05  ? 242 THR A CG2 1 
ATOM   969  N N   . ASP A 1 125 ? 12.489  9.654   6.799   1.00 52.87  ? 243 ASP A N   1 
ATOM   970  C CA  . ASP A 1 125 ? 13.261  8.513   6.319   1.00 51.70  ? 243 ASP A CA  1 
ATOM   971  C C   . ASP A 1 125 ? 14.701  8.522   6.846   1.00 55.06  ? 243 ASP A C   1 
ATOM   972  O O   . ASP A 1 125 ? 15.283  9.593   7.044   1.00 56.91  ? 243 ASP A O   1 
ATOM   973  C CB  . ASP A 1 125 ? 13.244  8.512   4.785   1.00 50.75  ? 243 ASP A CB  1 
ATOM   974  C CG  . ASP A 1 125 ? 11.842  8.313   4.212   1.00 49.88  ? 243 ASP A CG  1 
ATOM   975  O OD1 . ASP A 1 125 ? 11.116  7.406   4.682   1.00 48.00  ? 243 ASP A OD1 1 
ATOM   976  O OD2 . ASP A 1 125 ? 11.466  9.056   3.280   1.00 50.37  ? 243 ASP A OD2 1 
ATOM   977  N N   . PRO A 1 126 ? 15.280  7.323   7.068   1.00 55.14  ? 244 PRO A N   1 
ATOM   978  C CA  . PRO A 1 126 ? 16.644  7.178   7.599   1.00 51.85  ? 244 PRO A CA  1 
ATOM   979  C C   . PRO A 1 126 ? 17.729  7.501   6.581   1.00 51.85  ? 244 PRO A C   1 
ATOM   980  O O   . PRO A 1 126 ? 18.835  7.819   6.988   1.00 55.10  ? 244 PRO A O   1 
ATOM   981  C CB  . PRO A 1 126 ? 16.750  5.680   7.931   1.00 53.23  ? 244 PRO A CB  1 
ATOM   982  C CG  . PRO A 1 126 ? 15.409  5.083   7.639   1.00 55.25  ? 244 PRO A CG  1 
ATOM   983  C CD  . PRO A 1 126 ? 14.681  6.018   6.739   1.00 52.70  ? 244 PRO A CD  1 
ATOM   984  N N   . GLY A 1 127 ? 17.428  7.393   5.288   1.00 53.81  ? 245 GLY A N   1 
ATOM   985  C CA  . GLY A 1 127 ? 18.438  7.569   4.259   1.00 46.50  ? 245 GLY A CA  1 
ATOM   986  C C   . GLY A 1 127 ? 17.965  8.283   3.007   1.00 51.98  ? 245 GLY A C   1 
ATOM   987  O O   . GLY A 1 127 ? 17.115  9.179   3.069   1.00 54.97  ? 245 GLY A O   1 
ATOM   988  N N   . ASP A 1 128 ? 18.526  7.898   1.865   1.00 53.44  ? 246 ASP A N   1 
ATOM   989  C CA  . ASP A 1 128 ? 18.169  8.526   0.598   1.00 54.19  ? 246 ASP A CA  1 
ATOM   990  C C   . ASP A 1 128 ? 17.049  7.758   -0.083  1.00 56.34  ? 246 ASP A C   1 
ATOM   991  O O   . ASP A 1 128 ? 17.270  6.666   -0.618  1.00 56.56  ? 246 ASP A O   1 
ATOM   992  C CB  . ASP A 1 128 ? 19.385  8.604   -0.328  1.00 56.54  ? 246 ASP A CB  1 
ATOM   993  C CG  . ASP A 1 128 ? 19.081  9.321   -1.630  1.00 60.49  ? 246 ASP A CG  1 
ATOM   994  O OD1 . ASP A 1 128 ? 18.009  9.957   -1.738  1.00 65.92  ? 246 ASP A OD1 1 
ATOM   995  O OD2 . ASP A 1 128 ? 19.924  9.260   -2.552  1.00 65.21  ? 246 ASP A OD2 1 
ATOM   996  N N   . ILE A 1 129 ? 15.847  8.333   -0.076  1.00 58.20  ? 247 ILE A N   1 
ATOM   997  C CA  . ILE A 1 129 ? 14.697  7.650   -0.658  1.00 55.50  ? 247 ILE A CA  1 
ATOM   998  C C   . ILE A 1 129 ? 14.822  7.509   -2.173  1.00 54.34  ? 247 ILE A C   1 
ATOM   999  O O   . ILE A 1 129 ? 14.303  6.554   -2.758  1.00 55.45  ? 247 ILE A O   1 
ATOM   1000 C CB  . ILE A 1 129 ? 13.343  8.298   -0.237  1.00 54.16  ? 247 ILE A CB  1 
ATOM   1001 C CG1 . ILE A 1 129 ? 12.190  7.300   -0.408  1.00 45.89  ? 247 ILE A CG1 1 
ATOM   1002 C CG2 . ILE A 1 129 ? 13.089  9.614   -0.987  1.00 51.61  ? 247 ILE A CG2 1 
ATOM   1003 C CD1 . ILE A 1 129 ? 10.850  7.806   0.126   1.00 46.24  ? 247 ILE A CD1 1 
ATOM   1004 N N   . HIS A 1 130 ? 15.541  8.435   -2.803  1.00 55.34  ? 248 HIS A N   1 
ATOM   1005 C CA  . HIS A 1 130 ? 15.727  8.388   -4.262  1.00 58.03  ? 248 HIS A CA  1 
ATOM   1006 C C   . HIS A 1 130 ? 16.607  7.212   -4.707  1.00 51.93  ? 248 HIS A C   1 
ATOM   1007 O O   . HIS A 1 130 ? 16.493  6.736   -5.837  1.00 52.61  ? 248 HIS A O   1 
ATOM   1008 C CB  . HIS A 1 130 ? 16.259  9.722   -4.793  1.00 55.59  ? 248 HIS A CB  1 
ATOM   1009 C CG  . HIS A 1 130 ? 15.354  10.877  -4.508  1.00 58.77  ? 248 HIS A CG  1 
ATOM   1010 N ND1 . HIS A 1 130 ? 14.290  11.210  -5.325  1.00 58.67  ? 248 HIS A ND1 1 
ATOM   1011 C CD2 . HIS A 1 130 ? 15.338  11.773  -3.493  1.00 60.32  ? 248 HIS A CD2 1 
ATOM   1012 C CE1 . HIS A 1 130 ? 13.668  12.264  -4.826  1.00 59.70  ? 248 HIS A CE1 1 
ATOM   1013 N NE2 . HIS A 1 130 ? 14.285  12.624  -3.713  1.00 61.75  ? 248 HIS A NE2 1 
ATOM   1014 N N   . GLN A 1 131 ? 17.472  6.744   -3.815  1.00 50.89  ? 249 GLN A N   1 
ATOM   1015 C CA  . GLN A 1 131 ? 18.227  5.520   -4.069  1.00 57.99  ? 249 GLN A CA  1 
ATOM   1016 C C   . GLN A 1 131 ? 17.293  4.308   -4.037  1.00 57.09  ? 249 GLN A C   1 
ATOM   1017 O O   . GLN A 1 131 ? 17.389  3.398   -4.884  1.00 50.20  ? 249 GLN A O   1 
ATOM   1018 C CB  . GLN A 1 131 ? 19.331  5.346   -3.020  1.00 58.16  ? 249 GLN A CB  1 
ATOM   1019 C CG  . GLN A 1 131 ? 20.597  6.130   -3.298  1.00 66.82  ? 249 GLN A CG  1 
ATOM   1020 C CD  . GLN A 1 131 ? 21.657  5.898   -2.238  1.00 72.89  ? 249 GLN A CD  1 
ATOM   1021 O OE1 . GLN A 1 131 ? 21.546  4.979   -1.420  1.00 73.19  ? 249 GLN A OE1 1 
ATOM   1022 N NE2 . GLN A 1 131 ? 22.689  6.738   -2.239  1.00 80.02  ? 249 GLN A NE2 1 
ATOM   1023 N N   . THR A 1 132 ? 16.405  4.303   -3.041  1.00 54.32  ? 250 THR A N   1 
ATOM   1024 C CA  . THR A 1 132 ? 15.391  3.263   -2.906  1.00 52.28  ? 250 THR A CA  1 
ATOM   1025 C C   . THR A 1 132 ? 14.512  3.243   -4.153  1.00 50.53  ? 250 THR A C   1 
ATOM   1026 O O   . THR A 1 132 ? 14.228  2.179   -4.710  1.00 49.91  ? 250 THR A O   1 
ATOM   1027 C CB  . THR A 1 132 ? 14.553  3.480   -1.627  1.00 51.44  ? 250 THR A CB  1 
ATOM   1028 O OG1 . THR A 1 132 ? 15.373  3.227   -0.476  1.00 48.48  ? 250 THR A OG1 1 
ATOM   1029 C CG2 . THR A 1 132 ? 13.348  2.560   -1.603  1.00 46.93  ? 250 THR A CG2 1 
ATOM   1030 N N   . ILE A 1 133 ? 14.122  4.425   -4.620  1.00 48.06  ? 251 ILE A N   1 
ATOM   1031 C CA  . ILE A 1 133 ? 13.319  4.511   -5.834  1.00 47.97  ? 251 ILE A CA  1 
ATOM   1032 C C   . ILE A 1 133 ? 14.046  3.925   -7.049  1.00 53.59  ? 251 ILE A C   1 
ATOM   1033 O O   . ILE A 1 133 ? 13.444  3.161   -7.810  1.00 50.83  ? 251 ILE A O   1 
ATOM   1034 C CB  . ILE A 1 133 ? 12.883  5.949   -6.118  1.00 50.80  ? 251 ILE A CB  1 
ATOM   1035 C CG1 . ILE A 1 133 ? 12.054  6.478   -4.938  1.00 52.56  ? 251 ILE A CG1 1 
ATOM   1036 C CG2 . ILE A 1 133 ? 12.089  6.018   -7.423  1.00 42.42  ? 251 ILE A CG2 1 
ATOM   1037 C CD1 . ILE A 1 133 ? 11.431  7.848   -5.173  1.00 52.54  ? 251 ILE A CD1 1 
ATOM   1038 N N   . ASP A 1 134 ? 15.327  4.274   -7.221  1.00 53.94  ? 252 ASP A N   1 
ATOM   1039 C CA  . ASP A 1 134 ? 16.176  3.680   -8.262  1.00 51.31  ? 252 ASP A CA  1 
ATOM   1040 C C   . ASP A 1 134 ? 16.070  2.161   -8.236  1.00 51.13  ? 252 ASP A C   1 
ATOM   1041 O O   . ASP A 1 134 ? 15.756  1.541   -9.255  1.00 53.03  ? 252 ASP A O   1 
ATOM   1042 C CB  . ASP A 1 134 ? 17.648  4.077   -8.073  1.00 54.79  ? 252 ASP A CB  1 
ATOM   1043 C CG  . ASP A 1 134 ? 17.926  5.530   -8.428  1.00 59.11  ? 252 ASP A CG  1 
ATOM   1044 O OD1 . ASP A 1 134 ? 17.165  6.130   -9.223  1.00 62.64  ? 252 ASP A OD1 1 
ATOM   1045 O OD2 . ASP A 1 134 ? 18.930  6.067   -7.913  1.00 61.64  ? 252 ASP A OD2 1 
ATOM   1046 N N   . SER A 1 135 ? 16.316  1.576   -7.064  1.00 49.07  ? 253 SER A N   1 
ATOM   1047 C CA  . SER A 1 135 ? 16.186  0.129   -6.866  1.00 50.19  ? 253 SER A CA  1 
ATOM   1048 C C   . SER A 1 135 ? 14.835  -0.404  -7.340  1.00 53.96  ? 253 SER A C   1 
ATOM   1049 O O   . SER A 1 135 ? 14.781  -1.394  -8.064  1.00 53.97  ? 253 SER A O   1 
ATOM   1050 C CB  . SER A 1 135 ? 16.376  -0.236  -5.396  1.00 44.90  ? 253 SER A CB  1 
ATOM   1051 O OG  . SER A 1 135 ? 17.643  0.187   -4.929  1.00 50.43  ? 253 SER A OG  1 
ATOM   1052 N N   . LEU A 1 136 ? 13.753  0.266   -6.939  1.00 52.07  ? 254 LEU A N   1 
ATOM   1053 C CA  . LEU A 1 136 ? 12.396  -0.146  -7.311  1.00 54.34  ? 254 LEU A CA  1 
ATOM   1054 C C   . LEU A 1 136 ? 12.214  -0.222  -8.827  1.00 53.66  ? 254 LEU A C   1 
ATOM   1055 O O   . LEU A 1 136 ? 11.633  -1.181  -9.344  1.00 52.78  ? 254 LEU A O   1 
ATOM   1056 C CB  . LEU A 1 136 ? 11.346  0.804   -6.708  1.00 52.02  ? 254 LEU A CB  1 
ATOM   1057 C CG  . LEU A 1 136 ? 11.293  0.922   -5.182  1.00 53.05  ? 254 LEU A CG  1 
ATOM   1058 C CD1 . LEU A 1 136 ? 10.150  1.838   -4.761  1.00 47.07  ? 254 LEU A CD1 1 
ATOM   1059 C CD2 . LEU A 1 136 ? 11.145  -0.441  -4.540  1.00 49.75  ? 254 LEU A CD2 1 
ATOM   1060 N N   . VAL A 1 137 ? 12.712  0.787   -9.534  1.00 55.29  ? 255 VAL A N   1 
ATOM   1061 C CA  . VAL A 1 137 ? 12.579  0.841   -10.986 1.00 54.30  ? 255 VAL A CA  1 
ATOM   1062 C C   . VAL A 1 137 ? 13.313  -0.321  -11.649 1.00 57.03  ? 255 VAL A C   1 
ATOM   1063 O O   . VAL A 1 137 ? 12.757  -1.000  -12.516 1.00 55.11  ? 255 VAL A O   1 
ATOM   1064 C CB  . VAL A 1 137 ? 13.101  2.177   -11.543 1.00 52.57  ? 255 VAL A CB  1 
ATOM   1065 C CG1 . VAL A 1 137 ? 13.175  2.133   -13.066 1.00 55.56  ? 255 VAL A CG1 1 
ATOM   1066 C CG2 . VAL A 1 137 ? 12.205  3.312   -11.083 1.00 52.64  ? 255 VAL A CG2 1 
ATOM   1067 N N   . SER A 1 138 ? 14.548  -0.563  -11.212 1.00 56.10  ? 256 SER A N   1 
ATOM   1068 C CA  . SER A 1 138 ? 15.377  -1.590  -11.830 1.00 55.48  ? 256 SER A CA  1 
ATOM   1069 C C   . SER A 1 138 ? 14.797  -2.984  -11.587 1.00 58.92  ? 256 SER A C   1 
ATOM   1070 O O   . SER A 1 138 ? 14.772  -3.815  -12.500 1.00 57.89  ? 256 SER A O   1 
ATOM   1071 C CB  . SER A 1 138 ? 16.838  -1.476  -11.369 1.00 56.93  ? 256 SER A CB  1 
ATOM   1072 O OG  . SER A 1 138 ? 17.079  -2.206  -10.180 1.00 66.66  ? 256 SER A OG  1 
ATOM   1073 N N   . GLU A 1 139 ? 14.300  -3.239  -10.376 1.00 58.22  ? 257 GLU A N   1 
ATOM   1074 C CA  . GLU A 1 139 ? 13.628  -4.520  -10.133 1.00 55.92  ? 257 GLU A CA  1 
ATOM   1075 C C   . GLU A 1 139 ? 12.124  -4.528  -10.486 1.00 49.17  ? 257 GLU A C   1 
ATOM   1076 O O   . GLU A 1 139 ? 11.394  -5.453  -10.144 1.00 53.99  ? 257 GLU A O   1 
ATOM   1077 C CB  . GLU A 1 139 ? 13.933  -5.072  -8.732  1.00 55.97  ? 257 GLU A CB  1 
ATOM   1078 C CG  . GLU A 1 139 ? 13.695  -4.116  -7.601  1.00 58.70  ? 257 GLU A CG  1 
ATOM   1079 C CD  . GLU A 1 139 ? 14.670  -4.311  -6.449  1.00 57.74  ? 257 GLU A CD  1 
ATOM   1080 O OE1 . GLU A 1 139 ? 15.770  -4.870  -6.661  1.00 56.27  ? 257 GLU A OE1 1 
ATOM   1081 O OE2 . GLU A 1 139 ? 14.332  -3.891  -5.323  1.00 57.90  ? 257 GLU A OE2 1 
ATOM   1082 N N   . LYS A 1 140 ? 11.684  -3.499  -11.201 1.00 54.65  ? 258 LYS A N   1 
ATOM   1083 C CA  . LYS A 1 140 ? 10.353  -3.472  -11.805 1.00 55.58  ? 258 LYS A CA  1 
ATOM   1084 C C   . LYS A 1 140 ? 9.190   -3.557  -10.811 1.00 51.54  ? 258 LYS A C   1 
ATOM   1085 O O   . LYS A 1 140 ? 8.160   -4.189  -11.076 1.00 49.62  ? 258 LYS A O   1 
ATOM   1086 C CB  . LYS A 1 140 ? 10.249  -4.543  -12.903 1.00 60.57  ? 258 LYS A CB  1 
ATOM   1087 C CG  . LYS A 1 140 ? 10.996  -4.153  -14.180 1.00 62.82  ? 258 LYS A CG  1 
ATOM   1088 C CD  . LYS A 1 140 ? 11.391  -5.346  -15.044 1.00 67.00  ? 258 LYS A CD  1 
ATOM   1089 C CE  . LYS A 1 140 ? 12.106  -4.870  -16.320 1.00 82.61  ? 258 LYS A CE  1 
ATOM   1090 N NZ  . LYS A 1 140 ? 12.602  -5.987  -17.186 1.00 89.12  ? 258 LYS A NZ  1 
ATOM   1091 N N   . ILE A 1 141 ? 9.362   -2.905  -9.667  1.00 50.67  ? 259 ILE A N   1 
ATOM   1092 C CA  . ILE A 1 141 ? 8.286   -2.800  -8.687  1.00 50.65  ? 259 ILE A CA  1 
ATOM   1093 C C   . ILE A 1 141 ? 7.451   -1.554  -8.961  1.00 50.38  ? 259 ILE A C   1 
ATOM   1094 O O   . ILE A 1 141 ? 7.949   -0.425  -8.900  1.00 49.21  ? 259 ILE A O   1 
ATOM   1095 C CB  . ILE A 1 141 ? 8.834   -2.766  -7.253  1.00 48.72  ? 259 ILE A CB  1 
ATOM   1096 C CG1 . ILE A 1 141 ? 9.683   -4.021  -7.001  1.00 45.22  ? 259 ILE A CG1 1 
ATOM   1097 C CG2 . ILE A 1 141 ? 7.681   -2.650  -6.252  1.00 43.03  ? 259 ILE A CG2 1 
ATOM   1098 C CD1 . ILE A 1 141 ? 10.481  -3.981  -5.718  1.00 44.78  ? 259 ILE A CD1 1 
ATOM   1099 N N   . ARG A 1 142 ? 6.182   -1.767  -9.282  1.00 49.38  ? 260 ARG A N   1 
ATOM   1100 C CA  . ARG A 1 142 ? 5.280   -0.666  -9.578  1.00 50.72  ? 260 ARG A CA  1 
ATOM   1101 C C   . ARG A 1 142 ? 4.557   -0.229  -8.311  1.00 49.49  ? 260 ARG A C   1 
ATOM   1102 O O   . ARG A 1 142 ? 4.077   -1.059  -7.526  1.00 47.35  ? 260 ARG A O   1 
ATOM   1103 C CB  . ARG A 1 142 ? 4.307   -1.075  -10.686 1.00 53.90  ? 260 ARG A CB  1 
ATOM   1104 C CG  . ARG A 1 142 ? 5.049   -1.589  -11.921 1.00 56.38  ? 260 ARG A CG  1 
ATOM   1105 C CD  . ARG A 1 142 ? 4.124   -1.879  -13.072 1.00 56.57  ? 260 ARG A CD  1 
ATOM   1106 N NE  . ARG A 1 142 ? 3.403   -0.683  -13.484 1.00 62.60  ? 260 ARG A NE  1 
ATOM   1107 C CZ  . ARG A 1 142 ? 2.445   -0.669  -14.403 1.00 65.26  ? 260 ARG A CZ  1 
ATOM   1108 N NH1 . ARG A 1 142 ? 2.093   -1.789  -15.015 1.00 69.95  ? 260 ARG A NH1 1 
ATOM   1109 N NH2 . ARG A 1 142 ? 1.834   0.466   -14.705 1.00 66.20  ? 260 ARG A NH2 1 
ATOM   1110 N N   . VAL A 1 143 ? 4.506   1.081   -8.099  1.00 43.66  ? 261 VAL A N   1 
ATOM   1111 C CA  . VAL A 1 143 ? 3.990   1.627   -6.859  1.00 41.07  ? 261 VAL A CA  1 
ATOM   1112 C C   . VAL A 1 143 ? 2.780   2.499   -7.149  1.00 42.19  ? 261 VAL A C   1 
ATOM   1113 O O   . VAL A 1 143 ? 2.807   3.336   -8.043  1.00 47.37  ? 261 VAL A O   1 
ATOM   1114 C CB  . VAL A 1 143 ? 5.083   2.446   -6.124  1.00 41.70  ? 261 VAL A CB  1 
ATOM   1115 C CG1 . VAL A 1 143 ? 4.590   2.906   -4.761  1.00 44.52  ? 261 VAL A CG1 1 
ATOM   1116 C CG2 . VAL A 1 143 ? 6.338   1.606   -5.959  1.00 41.67  ? 261 VAL A CG2 1 
ATOM   1117 N N   . LYS A 1 144 ? 1.698   2.280   -6.421  1.00 41.18  ? 262 LYS A N   1 
ATOM   1118 C CA  . LYS A 1 144 ? 0.532   3.133   -6.540  1.00 40.95  ? 262 LYS A CA  1 
ATOM   1119 C C   . LYS A 1 144 ? 0.289   3.726   -5.159  1.00 46.24  ? 262 LYS A C   1 
ATOM   1120 O O   . LYS A 1 144 ? 0.444   3.042   -4.148  1.00 50.20  ? 262 LYS A O   1 
ATOM   1121 C CB  . LYS A 1 144 ? -0.691  2.347   -7.034  1.00 42.05  ? 262 LYS A CB  1 
ATOM   1122 C CG  . LYS A 1 144 ? -2.043  3.065   -6.801  1.00 49.80  ? 262 LYS A CG  1 
ATOM   1123 C CD  . LYS A 1 144 ? -3.072  2.796   -7.920  1.00 48.66  ? 262 LYS A CD  1 
ATOM   1124 C CE  . LYS A 1 144 ? -3.412  1.326   -8.077  1.00 56.77  ? 262 LYS A CE  1 
ATOM   1125 N NZ  . LYS A 1 144 ? -4.451  1.088   -9.130  1.00 53.42  ? 262 LYS A NZ  1 
ATOM   1126 N N   . VAL A 1 145 ? -0.064  5.002   -5.113  1.00 42.33  ? 263 VAL A N   1 
ATOM   1127 C CA  . VAL A 1 145 ? -0.377  5.643   -3.852  1.00 43.94  ? 263 VAL A CA  1 
ATOM   1128 C C   . VAL A 1 145 ? -1.785  6.208   -3.891  1.00 48.72  ? 263 VAL A C   1 
ATOM   1129 O O   . VAL A 1 145 ? -2.141  6.946   -4.815  1.00 47.95  ? 263 VAL A O   1 
ATOM   1130 C CB  . VAL A 1 145 ? 0.607   6.776   -3.532  1.00 44.69  ? 263 VAL A CB  1 
ATOM   1131 C CG1 . VAL A 1 145 ? 0.116   7.589   -2.342  1.00 42.18  ? 263 VAL A CG1 1 
ATOM   1132 C CG2 . VAL A 1 145 ? 1.986   6.201   -3.260  1.00 41.57  ? 263 VAL A CG2 1 
ATOM   1133 N N   . LEU A 1 146 ? -2.589  5.830   -2.899  1.00 46.16  ? 264 LEU A N   1 
ATOM   1134 C CA  . LEU A 1 146 ? -3.903  6.414   -2.705  1.00 45.91  ? 264 LEU A CA  1 
ATOM   1135 C C   . LEU A 1 146 ? -3.744  7.439   -1.601  1.00 47.30  ? 264 LEU A C   1 
ATOM   1136 O O   . LEU A 1 146 ? -3.598  7.082   -0.429  1.00 46.49  ? 264 LEU A O   1 
ATOM   1137 C CB  . LEU A 1 146 ? -4.924  5.346   -2.295  1.00 43.87  ? 264 LEU A CB  1 
ATOM   1138 C CG  . LEU A 1 146 ? -5.007  4.141   -3.240  1.00 46.46  ? 264 LEU A CG  1 
ATOM   1139 C CD1 . LEU A 1 146 ? -6.189  3.236   -2.890  1.00 41.74  ? 264 LEU A CD1 1 
ATOM   1140 C CD2 . LEU A 1 146 ? -5.093  4.612   -4.679  1.00 43.96  ? 264 LEU A CD2 1 
ATOM   1141 N N   . GLY A 1 147 ? -3.739  8.714   -1.974  1.00 48.31  ? 265 GLY A N   1 
ATOM   1142 C CA  . GLY A 1 147 ? -3.524  9.785   -1.019  1.00 41.94  ? 265 GLY A CA  1 
ATOM   1143 C C   . GLY A 1 147 ? -4.811  10.400  -0.512  1.00 47.65  ? 265 GLY A C   1 
ATOM   1144 O O   . GLY A 1 147 ? -5.790  10.540  -1.249  1.00 48.04  ? 265 GLY A O   1 
ATOM   1145 N N   . LEU A 1 148 ? -4.802  10.751  0.768   1.00 48.06  ? 266 LEU A N   1 
ATOM   1146 C CA  . LEU A 1 148 ? -5.878  11.500  1.406   1.00 51.72  ? 266 LEU A CA  1 
ATOM   1147 C C   . LEU A 1 148 ? -5.667  13.008  1.204   1.00 52.37  ? 266 LEU A C   1 
ATOM   1148 O O   . LEU A 1 148 ? -4.672  13.559  1.673   1.00 58.27  ? 266 LEU A O   1 
ATOM   1149 C CB  . LEU A 1 148 ? -5.824  11.239  2.909   1.00 49.66  ? 266 LEU A CB  1 
ATOM   1150 C CG  . LEU A 1 148 ? -6.984  10.561  3.616   1.00 56.99  ? 266 LEU A CG  1 
ATOM   1151 C CD1 . LEU A 1 148 ? -6.832  9.060   3.546   1.00 53.25  ? 266 LEU A CD1 1 
ATOM   1152 C CD2 . LEU A 1 148 ? -7.032  11.032  5.059   1.00 60.95  ? 266 LEU A CD2 1 
ATOM   1153 N N   . SER A 1 149 ? -6.590  13.675  0.524   1.00 47.82  ? 267 SER A N   1 
ATOM   1154 C CA  . SER A 1 149 ? -6.559  15.148  0.380   1.00 49.89  ? 267 SER A CA  1 
ATOM   1155 C C   . SER A 1 149 ? -5.311  15.857  -0.171  1.00 47.33  ? 267 SER A C   1 
ATOM   1156 O O   . SER A 1 149 ? -5.368  16.445  -1.261  1.00 48.50  ? 267 SER A O   1 
ATOM   1157 C CB  . SER A 1 149 ? -6.967  15.837  1.686   1.00 45.80  ? 267 SER A CB  1 
ATOM   1158 O OG  . SER A 1 149 ? -8.371  15.765  1.856   1.00 58.20  ? 267 SER A OG  1 
ATOM   1159 N N   . ALA A 1 150 ? -4.212  15.859  0.590   1.00 45.69  ? 268 ALA A N   1 
ATOM   1160 C CA  . ALA A 1 150 ? -3.102  16.787  0.311   1.00 45.45  ? 268 ALA A CA  1 
ATOM   1161 C C   . ALA A 1 150 ? -1.994  16.247  -0.590  1.00 47.88  ? 268 ALA A C   1 
ATOM   1162 O O   . ALA A 1 150 ? -1.544  15.114  -0.421  1.00 47.79  ? 268 ALA A O   1 
ATOM   1163 C CB  . ALA A 1 150 ? -2.504  17.314  1.608   1.00 46.23  ? 268 ALA A CB  1 
ATOM   1164 N N   . GLN A 1 151 ? -1.554  17.081  -1.536  1.00 47.14  ? 269 GLN A N   1 
ATOM   1165 C CA  . GLN A 1 151 ? -0.395  16.792  -2.391  1.00 47.37  ? 269 GLN A CA  1 
ATOM   1166 C C   . GLN A 1 151 ? 0.896   16.606  -1.594  1.00 48.43  ? 269 GLN A C   1 
ATOM   1167 O O   . GLN A 1 151 ? 1.272   17.459  -0.778  1.00 44.09  ? 269 GLN A O   1 
ATOM   1168 C CB  . GLN A 1 151 ? -0.179  17.929  -3.404  1.00 47.05  ? 269 GLN A CB  1 
ATOM   1169 C CG  . GLN A 1 151 ? -1.236  17.991  -4.497  1.00 50.26  ? 269 GLN A CG  1 
ATOM   1170 C CD  . GLN A 1 151 ? -1.293  16.708  -5.325  1.00 50.80  ? 269 GLN A CD  1 
ATOM   1171 O OE1 . GLN A 1 151 ? -0.259  16.196  -5.772  1.00 52.17  ? 269 GLN A OE1 1 
ATOM   1172 N NE2 . GLN A 1 151 ? -2.501  16.181  -5.522  1.00 48.74  ? 269 GLN A NE2 1 
ATOM   1173 N N   . VAL A 1 152 ? 1.571   15.488  -1.843  1.00 49.94  ? 270 VAL A N   1 
ATOM   1174 C CA  . VAL A 1 152 ? 2.888   15.211  -1.269  1.00 46.92  ? 270 VAL A CA  1 
ATOM   1175 C C   . VAL A 1 152 ? 3.821   14.888  -2.441  1.00 44.31  ? 270 VAL A C   1 
ATOM   1176 O O   . VAL A 1 152 ? 3.642   13.878  -3.114  1.00 46.01  ? 270 VAL A O   1 
ATOM   1177 C CB  . VAL A 1 152 ? 2.821   14.024  -0.270  1.00 44.56  ? 270 VAL A CB  1 
ATOM   1178 C CG1 . VAL A 1 152 ? 4.198   13.734  0.348   1.00 45.40  ? 270 VAL A CG1 1 
ATOM   1179 C CG2 . VAL A 1 152 ? 1.775   14.302  0.817   1.00 41.20  ? 270 VAL A CG2 1 
ATOM   1180 N N   . ALA A 1 153 ? 4.793   15.761  -2.694  1.00 47.77  ? 271 ALA A N   1 
ATOM   1181 C CA  . ALA A 1 153 ? 5.642   15.666  -3.892  1.00 51.69  ? 271 ALA A CA  1 
ATOM   1182 C C   . ALA A 1 153 ? 6.344   14.316  -4.097  1.00 46.33  ? 271 ALA A C   1 
ATOM   1183 O O   . ALA A 1 153 ? 6.371   13.783  -5.214  1.00 46.21  ? 271 ALA A O   1 
ATOM   1184 C CB  . ALA A 1 153 ? 6.665   16.794  -3.905  1.00 42.90  ? 271 ALA A CB  1 
ATOM   1185 N N   . ILE A 1 154 ? 6.915   13.773  -3.028  1.00 47.34  ? 272 ILE A N   1 
ATOM   1186 C CA  . ILE A 1 154 ? 7.615   12.492  -3.117  1.00 46.19  ? 272 ILE A CA  1 
ATOM   1187 C C   . ILE A 1 154 ? 6.686   11.357  -3.569  1.00 45.51  ? 272 ILE A C   1 
ATOM   1188 O O   . ILE A 1 154 ? 7.109   10.459  -4.293  1.00 49.04  ? 272 ILE A O   1 
ATOM   1189 C CB  . ILE A 1 154 ? 8.350   12.134  -1.796  1.00 46.61  ? 272 ILE A CB  1 
ATOM   1190 C CG1 . ILE A 1 154 ? 9.281   10.943  -2.011  1.00 44.48  ? 272 ILE A CG1 1 
ATOM   1191 C CG2 . ILE A 1 154 ? 7.367   11.854  -0.664  1.00 40.60  ? 272 ILE A CG2 1 
ATOM   1192 C CD1 . ILE A 1 154 ? 10.248  11.140  -3.150  1.00 47.53  ? 272 ILE A CD1 1 
ATOM   1193 N N   . CYS A 1 155 ? 5.411   11.416  -3.184  1.00 45.79  ? 273 CYS A N   1 
ATOM   1194 C CA  . CYS A 1 155 ? 4.442   10.426  -3.672  1.00 49.41  ? 273 CYS A CA  1 
ATOM   1195 C C   . CYS A 1 155 ? 4.240   10.552  -5.164  1.00 49.24  ? 273 CYS A C   1 
ATOM   1196 O O   . CYS A 1 155 ? 4.169   9.547   -5.879  1.00 50.16  ? 273 CYS A O   1 
ATOM   1197 C CB  . CYS A 1 155 ? 3.083   10.560  -2.974  1.00 47.18  ? 273 CYS A CB  1 
ATOM   1198 S SG  . CYS A 1 155 ? 3.119   10.129  -1.241  1.00 49.53  ? 273 CYS A SG  1 
ATOM   1199 N N   . LYS A 1 156 ? 4.121   11.787  -5.636  1.00 49.33  ? 274 LYS A N   1 
ATOM   1200 C CA  . LYS A 1 156 ? 3.946   12.004  -7.066  1.00 54.80  ? 274 LYS A CA  1 
ATOM   1201 C C   . LYS A 1 156 ? 5.150   11.424  -7.798  1.00 48.97  ? 274 LYS A C   1 
ATOM   1202 O O   . LYS A 1 156 ? 5.004   10.663  -8.756  1.00 53.59  ? 274 LYS A O   1 
ATOM   1203 C CB  . LYS A 1 156 ? 3.787   13.493  -7.378  1.00 52.43  ? 274 LYS A CB  1 
ATOM   1204 C CG  . LYS A 1 156 ? 3.348   13.797  -8.808  1.00 53.16  ? 274 LYS A CG  1 
ATOM   1205 C CD  . LYS A 1 156 ? 3.591   15.277  -9.119  1.00 53.61  ? 274 LYS A CD  1 
ATOM   1206 C CE  . LYS A 1 156 ? 3.206   15.658  -10.534 1.00 52.58  ? 274 LYS A CE  1 
ATOM   1207 N NZ  . LYS A 1 156 ? 3.548   17.095  -10.792 1.00 52.20  ? 274 LYS A NZ  1 
ATOM   1208 N N   . GLU A 1 157 ? 6.341   11.751  -7.310  1.00 48.03  ? 275 GLU A N   1 
ATOM   1209 C CA  . GLU A 1 157 ? 7.570   11.281  -7.938  1.00 49.41  ? 275 GLU A CA  1 
ATOM   1210 C C   . GLU A 1 157 ? 7.668   9.748   -7.911  1.00 55.48  ? 275 GLU A C   1 
ATOM   1211 O O   . GLU A 1 157 ? 7.963   9.116   -8.933  1.00 48.91  ? 275 GLU A O   1 
ATOM   1212 C CB  . GLU A 1 157 ? 8.781   11.889  -7.237  1.00 49.79  ? 275 GLU A CB  1 
ATOM   1213 C CG  . GLU A 1 157 ? 10.093  11.613  -7.961  1.00 60.05  ? 275 GLU A CG  1 
ATOM   1214 C CD  . GLU A 1 157 ? 11.304  12.124  -7.210  1.00 64.40  ? 275 GLU A CD  1 
ATOM   1215 O OE1 . GLU A 1 157 ? 11.160  13.073  -6.400  1.00 71.48  ? 275 GLU A OE1 1 
ATOM   1216 O OE2 . GLU A 1 157 ? 12.405  11.572  -7.431  1.00 67.56  ? 275 GLU A OE2 1 
ATOM   1217 N N   . LEU A 1 158 ? 7.408   9.169   -6.737  1.00 49.87  ? 276 LEU A N   1 
ATOM   1218 C CA  . LEU A 1 158 ? 7.454   7.725   -6.529  1.00 49.69  ? 276 LEU A CA  1 
ATOM   1219 C C   . LEU A 1 158 ? 6.598   6.962   -7.541  1.00 47.25  ? 276 LEU A C   1 
ATOM   1220 O O   . LEU A 1 158 ? 7.066   6.020   -8.179  1.00 48.47  ? 276 LEU A O   1 
ATOM   1221 C CB  . LEU A 1 158 ? 7.007   7.402   -5.090  1.00 48.75  ? 276 LEU A CB  1 
ATOM   1222 C CG  . LEU A 1 158 ? 6.917   5.942   -4.641  1.00 45.67  ? 276 LEU A CG  1 
ATOM   1223 C CD1 . LEU A 1 158 ? 8.285   5.249   -4.751  1.00 42.25  ? 276 LEU A CD1 1 
ATOM   1224 C CD2 . LEU A 1 158 ? 6.364   5.857   -3.210  1.00 41.29  ? 276 LEU A CD2 1 
ATOM   1225 N N   . CYS A 1 159 ? 5.345   7.376   -7.685  1.00 44.58  ? 277 CYS A N   1 
ATOM   1226 C CA  . CYS A 1 159 ? 4.419   6.692   -8.572  1.00 47.84  ? 277 CYS A CA  1 
ATOM   1227 C C   . CYS A 1 159 ? 4.770   6.933   -10.035 1.00 50.24  ? 277 CYS A C   1 
ATOM   1228 O O   . CYS A 1 159 ? 4.614   6.050   -10.872 1.00 50.00  ? 277 CYS A O   1 
ATOM   1229 C CB  . CYS A 1 159 ? 2.983   7.138   -8.286  1.00 50.74  ? 277 CYS A CB  1 
ATOM   1230 S SG  . CYS A 1 159 ? 2.426   6.728   -6.616  1.00 48.48  ? 277 CYS A SG  1 
ATOM   1231 N N   . LYS A 1 160 ? 5.245   8.136   -10.336 1.00 55.24  ? 278 LYS A N   1 
ATOM   1232 C CA  . LYS A 1 160 ? 5.707   8.472   -11.680 1.00 53.27  ? 278 LYS A CA  1 
ATOM   1233 C C   . LYS A 1 160 ? 6.950   7.651   -12.084 1.00 48.78  ? 278 LYS A C   1 
ATOM   1234 O O   . LYS A 1 160 ? 6.974   7.025   -13.144 1.00 49.73  ? 278 LYS A O   1 
ATOM   1235 C CB  . LYS A 1 160 ? 5.990   9.979   -11.771 1.00 53.72  ? 278 LYS A CB  1 
ATOM   1236 C CG  . LYS A 1 160 ? 6.303   10.501  -13.175 1.00 51.53  ? 278 LYS A CG  1 
ATOM   1237 C CD  . LYS A 1 160 ? 6.903   11.907  -13.107 1.00 54.63  ? 278 LYS A CD  1 
ATOM   1238 C CE  . LYS A 1 160 ? 7.266   12.441  -14.488 1.00 55.15  ? 278 LYS A CE  1 
ATOM   1239 N NZ  . LYS A 1 160 ? 6.062   12.662  -15.334 1.00 55.31  ? 278 LYS A NZ  1 
ATOM   1240 N N   . ALA A 1 161 ? 7.969   7.628   -11.231 1.00 47.56  ? 279 ALA A N   1 
ATOM   1241 C CA  . ALA A 1 161 ? 9.203   6.898   -11.542 1.00 46.45  ? 279 ALA A CA  1 
ATOM   1242 C C   . ALA A 1 161 ? 9.025   5.383   -11.716 1.00 53.24  ? 279 ALA A C   1 
ATOM   1243 O O   . ALA A 1 161 ? 9.732   4.761   -12.513 1.00 53.68  ? 279 ALA A O   1 
ATOM   1244 C CB  . ALA A 1 161 ? 10.259  7.177   -10.484 1.00 42.30  ? 279 ALA A CB  1 
ATOM   1245 N N   . THR A 1 162 ? 8.104   4.787   -10.961 1.00 50.87  ? 280 THR A N   1 
ATOM   1246 C CA  . THR A 1 162 ? 7.933   3.329   -10.981 1.00 49.06  ? 280 THR A CA  1 
ATOM   1247 C C   . THR A 1 162 ? 6.819   2.913   -11.930 1.00 50.59  ? 280 THR A C   1 
ATOM   1248 O O   . THR A 1 162 ? 6.453   1.739   -12.008 1.00 51.48  ? 280 THR A O   1 
ATOM   1249 C CB  . THR A 1 162 ? 7.668   2.750   -9.563  1.00 48.32  ? 280 THR A CB  1 
ATOM   1250 O OG1 . THR A 1 162 ? 6.508   3.379   -8.984  1.00 50.04  ? 280 THR A OG1 1 
ATOM   1251 C CG2 . THR A 1 162 ? 8.863   2.981   -8.666  1.00 45.62  ? 280 THR A CG2 1 
ATOM   1252 N N   . ASN A 1 163 ? 6.279   3.886   -12.654 1.00 48.39  ? 281 ASN A N   1 
ATOM   1253 C CA  . ASN A 1 163 ? 5.258   3.596   -13.656 1.00 52.32  ? 281 ASN A CA  1 
ATOM   1254 C C   . ASN A 1 163 ? 5.562   4.163   -15.048 1.00 54.25  ? 281 ASN A C   1 
ATOM   1255 O O   . ASN A 1 163 ? 4.659   4.663   -15.730 1.00 56.73  ? 281 ASN A O   1 
ATOM   1256 C CB  . ASN A 1 163 ? 3.881   4.060   -13.172 1.00 51.81  ? 281 ASN A CB  1 
ATOM   1257 C CG  . ASN A 1 163 ? 3.326   3.179   -12.063 1.00 54.66  ? 281 ASN A CG  1 
ATOM   1258 O OD1 . ASN A 1 163 ? 2.830   2.078   -12.322 1.00 55.49  ? 281 ASN A OD1 1 
ATOM   1259 N ND2 . ASN A 1 163 ? 3.414   3.655   -10.819 1.00 46.62  ? 281 ASN A ND2 1 
ATOM   1260 N N   . TYR A 1 164 ? 6.826   4.069   -15.463 1.00 50.98  ? 282 TYR A N   1 
ATOM   1261 C CA  . TYR A 1 164 ? 7.249   4.489   -16.805 1.00 58.05  ? 282 TYR A CA  1 
ATOM   1262 C C   . TYR A 1 164 ? 6.824   5.929   -17.131 1.00 57.01  ? 282 TYR A C   1 
ATOM   1263 O O   . TYR A 1 164 ? 6.322   6.205   -18.223 1.00 55.72  ? 282 TYR A O   1 
ATOM   1264 C CB  . TYR A 1 164 ? 6.717   3.502   -17.858 1.00 53.06  ? 282 TYR A CB  1 
ATOM   1265 C CG  . TYR A 1 164 ? 6.636   2.076   -17.343 1.00 62.63  ? 282 TYR A CG  1 
ATOM   1266 C CD1 . TYR A 1 164 ? 7.790   1.316   -17.145 1.00 61.62  ? 282 TYR A CD1 1 
ATOM   1267 C CD2 . TYR A 1 164 ? 5.408   1.495   -17.037 1.00 62.16  ? 282 TYR A CD2 1 
ATOM   1268 C CE1 . TYR A 1 164 ? 7.717   0.012   -16.663 1.00 61.32  ? 282 TYR A CE1 1 
ATOM   1269 C CE2 . TYR A 1 164 ? 5.326   0.193   -16.554 1.00 64.95  ? 282 TYR A CE2 1 
ATOM   1270 C CZ  . TYR A 1 164 ? 6.482   -0.541  -16.370 1.00 67.93  ? 282 TYR A CZ  1 
ATOM   1271 O OH  . TYR A 1 164 ? 6.391   -1.833  -15.890 1.00 74.70  ? 282 TYR A OH  1 
ATOM   1272 N N   . GLY A 1 165 ? 7.001   6.830   -16.165 1.00 53.46  ? 283 GLY A N   1 
ATOM   1273 C CA  . GLY A 1 165 ? 6.657   8.234   -16.330 1.00 49.97  ? 283 GLY A CA  1 
ATOM   1274 C C   . GLY A 1 165 ? 5.184   8.597   -16.224 1.00 53.11  ? 283 GLY A C   1 
ATOM   1275 O O   . GLY A 1 165 ? 4.852   9.774   -16.090 1.00 56.68  ? 283 GLY A O   1 
ATOM   1276 N N   . ASP A 1 166 ? 4.301   7.602   -16.285 1.00 52.22  ? 284 ASP A N   1 
ATOM   1277 C CA  . ASP A 1 166 ? 2.852   7.827   -16.167 1.00 51.53  ? 284 ASP A CA  1 
ATOM   1278 C C   . ASP A 1 166 ? 2.492   8.348   -14.764 1.00 52.06  ? 284 ASP A C   1 
ATOM   1279 O O   . ASP A 1 166 ? 2.822   7.719   -13.762 1.00 57.05  ? 284 ASP A O   1 
ATOM   1280 C CB  . ASP A 1 166 ? 2.098   6.520   -16.477 1.00 47.16  ? 284 ASP A CB  1 
ATOM   1281 C CG  . ASP A 1 166 ? 0.584   6.691   -16.522 1.00 54.25  ? 284 ASP A CG  1 
ATOM   1282 O OD1 . ASP A 1 166 ? 0.030   7.632   -15.906 1.00 54.03  ? 284 ASP A OD1 1 
ATOM   1283 O OD2 . ASP A 1 166 ? -0.073  5.852   -17.172 1.00 60.75  ? 284 ASP A OD2 1 
ATOM   1284 N N   . GLU A 1 167 ? 1.814   9.493   -14.702 1.00 56.07  ? 285 GLU A N   1 
ATOM   1285 C CA  . GLU A 1 167 ? 1.524   10.175  -13.438 1.00 55.71  ? 285 GLU A CA  1 
ATOM   1286 C C   . GLU A 1 167 ? 0.118   9.881   -12.885 1.00 51.87  ? 285 GLU A C   1 
ATOM   1287 O O   . GLU A 1 167 ? -0.339  10.542  -11.958 1.00 50.92  ? 285 GLU A O   1 
ATOM   1288 C CB  . GLU A 1 167 ? 1.715   11.694  -13.595 1.00 56.35  ? 285 GLU A CB  1 
ATOM   1289 C CG  . GLU A 1 167 ? 3.124   12.127  -14.005 1.00 58.05  ? 285 GLU A CG  1 
ATOM   1290 C CD  . GLU A 1 167 ? 3.259   13.642  -14.150 1.00 59.27  ? 285 GLU A CD  1 
ATOM   1291 O OE1 . GLU A 1 167 ? 2.215   14.319  -14.219 1.00 63.77  ? 285 GLU A OE1 1 
ATOM   1292 O OE2 . GLU A 1 167 ? 4.402   14.156  -14.187 1.00 58.49  ? 285 GLU A OE2 1 
ATOM   1293 N N   . SER A 1 168 ? -0.554  8.881   -13.446 1.00 49.32  ? 286 SER A N   1 
ATOM   1294 C CA  . SER A 1 168 ? -1.922  8.545   -13.045 1.00 52.72  ? 286 SER A CA  1 
ATOM   1295 C C   . SER A 1 168 ? -2.016  7.547   -11.884 1.00 53.87  ? 286 SER A C   1 
ATOM   1296 O O   . SER A 1 168 ? -3.112  7.084   -11.548 1.00 53.15  ? 286 SER A O   1 
ATOM   1297 C CB  . SER A 1 168 ? -2.706  7.989   -14.242 1.00 58.01  ? 286 SER A CB  1 
ATOM   1298 O OG  . SER A 1 168 ? -2.053  6.854   -14.801 1.00 57.23  ? 286 SER A OG  1 
ATOM   1299 N N   . PHE A 1 169 ? -0.880  7.208   -11.277 1.00 49.08  ? 287 PHE A N   1 
ATOM   1300 C CA  . PHE A 1 169 ? -0.893  6.218   -10.200 1.00 54.61  ? 287 PHE A CA  1 
ATOM   1301 C C   . PHE A 1 169 ? -0.759  6.829   -8.810  1.00 52.27  ? 287 PHE A C   1 
ATOM   1302 O O   . PHE A 1 169 ? -0.711  6.104   -7.811  1.00 51.45  ? 287 PHE A O   1 
ATOM   1303 C CB  . PHE A 1 169 ? 0.148   5.124   -10.443 1.00 52.64  ? 287 PHE A CB  1 
ATOM   1304 C CG  . PHE A 1 169 ? -0.122  4.311   -11.681 1.00 51.92  ? 287 PHE A CG  1 
ATOM   1305 C CD1 . PHE A 1 169 ? -0.988  3.230   -11.642 1.00 51.27  ? 287 PHE A CD1 1 
ATOM   1306 C CD2 . PHE A 1 169 ? 0.471   4.647   -12.889 1.00 56.39  ? 287 PHE A CD2 1 
ATOM   1307 C CE1 . PHE A 1 169 ? -1.246  2.479   -12.789 1.00 60.99  ? 287 PHE A CE1 1 
ATOM   1308 C CE2 . PHE A 1 169 ? 0.219   3.906   -14.038 1.00 56.59  ? 287 PHE A CE2 1 
ATOM   1309 C CZ  . PHE A 1 169 ? -0.643  2.820   -13.989 1.00 57.24  ? 287 PHE A CZ  1 
ATOM   1310 N N   . TYR A 1 170 ? -0.709  8.158   -8.756  1.00 48.24  ? 288 TYR A N   1 
ATOM   1311 C CA  . TYR A 1 170 ? -0.847  8.893   -7.506  1.00 49.34  ? 288 TYR A CA  1 
ATOM   1312 C C   . TYR A 1 170 ? -2.256  9.460   -7.496  1.00 50.28  ? 288 TYR A C   1 
ATOM   1313 O O   . TYR A 1 170 ? -2.573  10.333  -8.295  1.00 50.64  ? 288 TYR A O   1 
ATOM   1314 C CB  . TYR A 1 170 ? 0.149   10.047  -7.444  1.00 45.67  ? 288 TYR A CB  1 
ATOM   1315 C CG  . TYR A 1 170 ? 0.076   10.857  -6.167  1.00 45.42  ? 288 TYR A CG  1 
ATOM   1316 C CD1 . TYR A 1 170 ? -0.441  10.308  -4.995  1.00 47.00  ? 288 TYR A CD1 1 
ATOM   1317 C CD2 . TYR A 1 170 ? 0.521   12.176  -6.129  1.00 47.07  ? 288 TYR A CD2 1 
ATOM   1318 C CE1 . TYR A 1 170 ? -0.515  11.049  -3.820  1.00 50.87  ? 288 TYR A CE1 1 
ATOM   1319 C CE2 . TYR A 1 170 ? 0.457   12.931  -4.951  1.00 45.83  ? 288 TYR A CE2 1 
ATOM   1320 C CZ  . TYR A 1 170 ? -0.063  12.358  -3.802  1.00 48.09  ? 288 TYR A CZ  1 
ATOM   1321 O OH  . TYR A 1 170 ? -0.134  13.072  -2.627  1.00 45.92  ? 288 TYR A OH  1 
ATOM   1322 N N   . LYS A 1 171 ? -3.103  8.977   -6.597  1.00 48.30  ? 289 LYS A N   1 
ATOM   1323 C CA  . LYS A 1 171 ? -4.505  9.367   -6.643  1.00 49.43  ? 289 LYS A CA  1 
ATOM   1324 C C   . LYS A 1 171 ? -5.010  9.949   -5.345  1.00 48.80  ? 289 LYS A C   1 
ATOM   1325 O O   . LYS A 1 171 ? -4.663  9.467   -4.274  1.00 55.06  ? 289 LYS A O   1 
ATOM   1326 C CB  . LYS A 1 171 ? -5.357  8.174   -7.059  1.00 49.68  ? 289 LYS A CB  1 
ATOM   1327 C CG  . LYS A 1 171 ? -5.123  7.786   -8.501  1.00 50.53  ? 289 LYS A CG  1 
ATOM   1328 C CD  . LYS A 1 171 ? -5.777  6.470   -8.817  1.00 59.59  ? 289 LYS A CD  1 
ATOM   1329 C CE  . LYS A 1 171 ? -5.985  6.308   -10.314 1.00 67.25  ? 289 LYS A CE  1 
ATOM   1330 N NZ  . LYS A 1 171 ? -6.716  5.038   -10.576 1.00 73.69  ? 289 LYS A NZ  1 
ATOM   1331 N N   . ILE A 1 172 ? -5.826  10.992  -5.444  1.00 50.94  ? 290 ILE A N   1 
ATOM   1332 C CA  . ILE A 1 172 ? -6.381  11.629  -4.255  1.00 51.52  ? 290 ILE A CA  1 
ATOM   1333 C C   . ILE A 1 172 ? -7.815  11.185  -3.987  1.00 50.85  ? 290 ILE A C   1 
ATOM   1334 O O   . ILE A 1 172 ? -8.677  11.269  -4.858  1.00 54.63  ? 290 ILE A O   1 
ATOM   1335 C CB  . ILE A 1 172 ? -6.327  13.163  -4.346  1.00 46.51  ? 290 ILE A CB  1 
ATOM   1336 C CG1 . ILE A 1 172 ? -4.877  13.613  -4.458  1.00 47.42  ? 290 ILE A CG1 1 
ATOM   1337 C CG2 . ILE A 1 172 ? -6.967  13.799  -3.112  1.00 44.17  ? 290 ILE A CG2 1 
ATOM   1338 C CD1 . ILE A 1 172 ? -4.031  13.155  -3.298  1.00 45.73  ? 290 ILE A CD1 1 
ATOM   1339 N N   . LEU A 1 173 ? -8.057  10.697  -2.775  1.00 52.03  ? 291 LEU A N   1 
ATOM   1340 C CA  . LEU A 1 173 ? -9.404  10.356  -2.329  1.00 52.79  ? 291 LEU A CA  1 
ATOM   1341 C C   . LEU A 1 173 ? -9.838  11.379  -1.282  1.00 54.75  ? 291 LEU A C   1 
ATOM   1342 O O   . LEU A 1 173 ? -9.033  11.825  -0.449  1.00 57.52  ? 291 LEU A O   1 
ATOM   1343 C CB  . LEU A 1 173 ? -9.432  8.942   -1.750  1.00 55.31  ? 291 LEU A CB  1 
ATOM   1344 C CG  . LEU A 1 173 ? -8.629  8.745   -0.464  1.00 56.41  ? 291 LEU A CG  1 
ATOM   1345 C CD1 . LEU A 1 173 ? -9.558  8.557   0.735   1.00 54.67  ? 291 LEU A CD1 1 
ATOM   1346 C CD2 . LEU A 1 173 ? -7.667  7.588   -0.592  1.00 55.61  ? 291 LEU A CD2 1 
ATOM   1347 N N   . LEU A 1 174 ? -11.099 11.778  -1.334  1.00 53.50  ? 292 LEU A N   1 
ATOM   1348 C CA  . LEU A 1 174 ? -11.580 12.828  -0.447  1.00 52.50  ? 292 LEU A CA  1 
ATOM   1349 C C   . LEU A 1 174 ? -12.599 12.262  0.534   1.00 55.29  ? 292 LEU A C   1 
ATOM   1350 O O   . LEU A 1 174 ? -12.908 12.884  1.550   1.00 51.72  ? 292 LEU A O   1 
ATOM   1351 C CB  . LEU A 1 174 ? -12.227 13.951  -1.267  1.00 53.22  ? 292 LEU A CB  1 
ATOM   1352 C CG  . LEU A 1 174 ? -11.446 15.187  -1.732  1.00 54.80  ? 292 LEU A CG  1 
ATOM   1353 C CD1 . LEU A 1 174 ? -9.940  15.047  -1.556  1.00 51.80  ? 292 LEU A CD1 1 
ATOM   1354 C CD2 . LEU A 1 174 ? -11.808 15.533  -3.185  1.00 49.68  ? 292 LEU A CD2 1 
ATOM   1355 N N   . ASP A 1 175 ? -13.121 11.078  0.212   1.00 55.73  ? 293 ASP A N   1 
ATOM   1356 C CA  . ASP A 1 175 ? -14.196 10.462  0.992   1.00 55.92  ? 293 ASP A CA  1 
ATOM   1357 C C   . ASP A 1 175 ? -14.186 8.943   0.832   1.00 54.26  ? 293 ASP A C   1 
ATOM   1358 O O   . ASP A 1 175 ? -13.496 8.414   -0.055  1.00 51.50  ? 293 ASP A O   1 
ATOM   1359 C CB  . ASP A 1 175 ? -15.566 11.034  0.574   1.00 51.75  ? 293 ASP A CB  1 
ATOM   1360 C CG  . ASP A 1 175 ? -15.833 10.894  -0.915  1.00 50.58  ? 293 ASP A CG  1 
ATOM   1361 O OD1 . ASP A 1 175 ? -15.610 9.804   -1.484  1.00 52.40  ? 293 ASP A OD1 1 
ATOM   1362 O OD2 . ASP A 1 175 ? -16.262 11.884  -1.534  1.00 60.69  ? 293 ASP A OD2 1 
ATOM   1363 N N   . GLU A 1 176 ? -14.959 8.265   1.685   1.00 55.00  ? 294 GLU A N   1 
ATOM   1364 C CA  . GLU A 1 176 ? -15.160 6.820   1.627   1.00 56.74  ? 294 GLU A CA  1 
ATOM   1365 C C   . GLU A 1 176 ? -15.460 6.343   0.215   1.00 55.70  ? 294 GLU A C   1 
ATOM   1366 O O   . GLU A 1 176 ? -14.803 5.432   -0.303  1.00 55.82  ? 294 GLU A O   1 
ATOM   1367 C CB  . GLU A 1 176 ? -16.351 6.408   2.496   1.00 57.84  ? 294 GLU A CB  1 
ATOM   1368 C CG  . GLU A 1 176 ? -16.262 6.757   3.959   1.00 66.92  ? 294 GLU A CG  1 
ATOM   1369 C CD  . GLU A 1 176 ? -17.227 5.929   4.800   1.00 78.42  ? 294 GLU A CD  1 
ATOM   1370 O OE1 . GLU A 1 176 ? -18.071 5.214   4.210   1.00 75.74  ? 294 GLU A OE1 1 
ATOM   1371 O OE2 . GLU A 1 176 ? -17.133 5.984   6.051   1.00 82.95  ? 294 GLU A OE2 1 
ATOM   1372 N N   . THR A 1 177 ? -16.475 6.957   -0.385  1.00 51.72  ? 295 THR A N   1 
ATOM   1373 C CA  . THR A 1 177 ? -16.970 6.547   -1.689  1.00 51.39  ? 295 THR A CA  1 
ATOM   1374 C C   . THR A 1 177 ? -15.850 6.425   -2.719  1.00 52.51  ? 295 THR A C   1 
ATOM   1375 O O   . THR A 1 177 ? -15.756 5.413   -3.407  1.00 53.53  ? 295 THR A O   1 
ATOM   1376 C CB  . THR A 1 177 ? -18.062 7.521   -2.191  1.00 56.73  ? 295 THR A CB  1 
ATOM   1377 O OG1 . THR A 1 177 ? -19.120 7.584   -1.223  1.00 57.30  ? 295 THR A OG1 1 
ATOM   1378 C CG2 . THR A 1 177 ? -18.615 7.068   -3.537  1.00 47.25  ? 295 THR A CG2 1 
ATOM   1379 N N   . HIS A 1 178 ? -14.988 7.436   -2.809  1.00 51.28  ? 296 HIS A N   1 
ATOM   1380 C CA  . HIS A 1 178 ? -13.897 7.385   -3.779  1.00 53.17  ? 296 HIS A CA  1 
ATOM   1381 C C   . HIS A 1 178 ? -12.832 6.360   -3.362  1.00 53.34  ? 296 HIS A C   1 
ATOM   1382 O O   . HIS A 1 178 ? -12.179 5.756   -4.214  1.00 55.62  ? 296 HIS A O   1 
ATOM   1383 C CB  . HIS A 1 178 ? -13.282 8.773   -4.001  1.00 51.34  ? 296 HIS A CB  1 
ATOM   1384 C CG  . HIS A 1 178 ? -12.455 8.881   -5.249  1.00 52.93  ? 296 HIS A CG  1 
ATOM   1385 N ND1 . HIS A 1 178 ? -12.647 8.071   -6.349  1.00 56.39  ? 296 HIS A ND1 1 
ATOM   1386 C CD2 . HIS A 1 178 ? -11.436 9.714   -5.575  1.00 53.84  ? 296 HIS A CD2 1 
ATOM   1387 C CE1 . HIS A 1 178 ? -11.783 8.396   -7.294  1.00 53.59  ? 296 HIS A CE1 1 
ATOM   1388 N NE2 . HIS A 1 178 ? -11.036 9.393   -6.850  1.00 52.46  ? 296 HIS A NE2 1 
ATOM   1389 N N   . LEU A 1 179 ? -12.658 6.156   -2.058  1.00 53.29  ? 297 LEU A N   1 
ATOM   1390 C CA  . LEU A 1 179 ? -11.690 5.174   -1.576  1.00 53.29  ? 297 LEU A CA  1 
ATOM   1391 C C   . LEU A 1 179 ? -12.098 3.769   -2.005  1.00 55.18  ? 297 LEU A C   1 
ATOM   1392 O O   . LEU A 1 179 ? -11.281 2.982   -2.494  1.00 53.59  ? 297 LEU A O   1 
ATOM   1393 C CB  . LEU A 1 179 ? -11.558 5.218   -0.054  1.00 50.92  ? 297 LEU A CB  1 
ATOM   1394 C CG  . LEU A 1 179 ? -10.604 4.120   0.451   1.00 53.82  ? 297 LEU A CG  1 
ATOM   1395 C CD1 . LEU A 1 179 ? -9.157  4.341   -0.024  1.00 49.16  ? 297 LEU A CD1 1 
ATOM   1396 C CD2 . LEU A 1 179 ? -10.658 3.974   1.949   1.00 49.21  ? 297 LEU A CD2 1 
ATOM   1397 N N   . LYS A 1 180 ? -13.376 3.470   -1.812  1.00 55.79  ? 298 LYS A N   1 
ATOM   1398 C CA  . LYS A 1 180 ? -13.956 2.203   -2.229  1.00 55.90  ? 298 LYS A CA  1 
ATOM   1399 C C   . LYS A 1 180 ? -13.693 1.955   -3.716  1.00 56.20  ? 298 LYS A C   1 
ATOM   1400 O O   . LYS A 1 180 ? -13.216 0.880   -4.098  1.00 55.46  ? 298 LYS A O   1 
ATOM   1401 C CB  . LYS A 1 180 ? -15.455 2.209   -1.912  1.00 53.20  ? 298 LYS A CB  1 
ATOM   1402 C CG  . LYS A 1 180 ? -16.178 0.940   -2.267  1.00 55.93  ? 298 LYS A CG  1 
ATOM   1403 C CD  . LYS A 1 180 ? -17.624 1.007   -1.805  1.00 62.15  ? 298 LYS A CD  1 
ATOM   1404 C CE  . LYS A 1 180 ? -18.370 -0.259  -2.173  1.00 68.31  ? 298 LYS A CE  1 
ATOM   1405 N NZ  . LYS A 1 180 ? -18.314 -0.524  -3.639  1.00 74.90  ? 298 LYS A NZ  1 
ATOM   1406 N N   . GLU A 1 181 ? -13.960 2.971   -4.539  1.00 52.80  ? 299 GLU A N   1 
ATOM   1407 C CA  . GLU A 1 181 ? -13.743 2.898   -5.986  1.00 52.56  ? 299 GLU A CA  1 
ATOM   1408 C C   . GLU A 1 181 ? -12.282 2.637   -6.350  1.00 52.18  ? 299 GLU A C   1 
ATOM   1409 O O   . GLU A 1 181 ? -11.993 1.835   -7.243  1.00 50.82  ? 299 GLU A O   1 
ATOM   1410 C CB  . GLU A 1 181 ? -14.234 4.184   -6.679  1.00 48.90  ? 299 GLU A CB  1 
ATOM   1411 C CG  . GLU A 1 181 ? -15.738 4.417   -6.577  1.00 58.45  ? 299 GLU A CG  1 
ATOM   1412 C CD  . GLU A 1 181 ? -16.179 5.774   -7.113  1.00 62.67  ? 299 GLU A CD  1 
ATOM   1413 O OE1 . GLU A 1 181 ? -17.364 5.886   -7.494  1.00 62.06  ? 299 GLU A OE1 1 
ATOM   1414 O OE2 . GLU A 1 181 ? -15.356 6.723   -7.143  1.00 64.12  ? 299 GLU A OE2 1 
ATOM   1415 N N   . LEU A 1 182 ? -11.364 3.321   -5.669  1.00 51.58  ? 300 LEU A N   1 
ATOM   1416 C CA  . LEU A 1 182 ? -9.936  3.171   -5.958  1.00 53.72  ? 300 LEU A CA  1 
ATOM   1417 C C   . LEU A 1 182 ? -9.427  1.755   -5.634  1.00 51.36  ? 300 LEU A C   1 
ATOM   1418 O O   . LEU A 1 182 ? -8.711  1.140   -6.436  1.00 49.75  ? 300 LEU A O   1 
ATOM   1419 C CB  . LEU A 1 182 ? -9.134  4.256   -5.237  1.00 50.05  ? 300 LEU A CB  1 
ATOM   1420 C CG  . LEU A 1 182 ? -9.419  5.634   -5.853  1.00 55.13  ? 300 LEU A CG  1 
ATOM   1421 C CD1 . LEU A 1 182 ? -8.945  6.797   -4.978  1.00 53.21  ? 300 LEU A CD1 1 
ATOM   1422 C CD2 . LEU A 1 182 ? -8.783  5.701   -7.227  1.00 53.31  ? 300 LEU A CD2 1 
ATOM   1423 N N   . PHE A 1 183 ? -9.828  1.240   -4.474  1.00 48.73  ? 301 PHE A N   1 
ATOM   1424 C CA  . PHE A 1 183 ? -9.573  -0.157  -4.107  1.00 50.34  ? 301 PHE A CA  1 
ATOM   1425 C C   . PHE A 1 183 ? -10.138 -1.124  -5.151  1.00 50.78  ? 301 PHE A C   1 
ATOM   1426 O O   . PHE A 1 183 ? -9.432  -2.027  -5.588  1.00 50.13  ? 301 PHE A O   1 
ATOM   1427 C CB  . PHE A 1 183 ? -10.163 -0.473  -2.725  1.00 47.86  ? 301 PHE A CB  1 
ATOM   1428 C CG  . PHE A 1 183 ? -9.223  -0.204  -1.573  1.00 48.38  ? 301 PHE A CG  1 
ATOM   1429 C CD1 . PHE A 1 183 ? -7.876  -0.574  -1.642  1.00 47.37  ? 301 PHE A CD1 1 
ATOM   1430 C CD2 . PHE A 1 183 ? -9.691  0.399   -0.404  1.00 47.81  ? 301 PHE A CD2 1 
ATOM   1431 C CE1 . PHE A 1 183 ? -7.007  -0.343  -0.564  1.00 43.47  ? 301 PHE A CE1 1 
ATOM   1432 C CE2 . PHE A 1 183 ? -8.837  0.636   0.681   1.00 42.08  ? 301 PHE A CE2 1 
ATOM   1433 C CZ  . PHE A 1 183 ? -7.494  0.271   0.599   1.00 46.19  ? 301 PHE A CZ  1 
ATOM   1434 N N   . ASN A 1 184 ? -11.397 -0.931  -5.560  1.00 51.64  ? 302 ASN A N   1 
ATOM   1435 C CA  . ASN A 1 184 ? -12.020 -1.810  -6.561  1.00 49.40  ? 302 ASN A CA  1 
ATOM   1436 C C   . ASN A 1 184 ? -11.259 -1.824  -7.881  1.00 50.96  ? 302 ASN A C   1 
ATOM   1437 O O   . ASN A 1 184 ? -11.132 -2.857  -8.533  1.00 53.41  ? 302 ASN A O   1 
ATOM   1438 C CB  . ASN A 1 184 ? -13.488 -1.437  -6.807  1.00 52.68  ? 302 ASN A CB  1 
ATOM   1439 C CG  . ASN A 1 184 ? -14.381 -1.761  -5.625  1.00 59.67  ? 302 ASN A CG  1 
ATOM   1440 O OD1 . ASN A 1 184 ? -15.546 -1.359  -5.583  1.00 70.09  ? 302 ASN A OD1 1 
ATOM   1441 N ND2 . ASN A 1 184 ? -13.840 -2.487  -4.651  1.00 63.67  ? 302 ASN A ND2 1 
ATOM   1442 N N   . GLU A 1 185 ? -10.744 -0.666  -8.267  1.00 50.31  ? 303 GLU A N   1 
ATOM   1443 C CA  . GLU A 1 185 ? -9.939  -0.552  -9.469  1.00 50.54  ? 303 GLU A CA  1 
ATOM   1444 C C   . GLU A 1 185 ? -8.592  -1.283  -9.324  1.00 54.49  ? 303 GLU A C   1 
ATOM   1445 O O   . GLU A 1 185 ? -8.029  -1.762  -10.313 1.00 54.54  ? 303 GLU A O   1 
ATOM   1446 C CB  . GLU A 1 185 ? -9.728  0.930   -9.783  1.00 54.11  ? 303 GLU A CB  1 
ATOM   1447 C CG  . GLU A 1 185 ? -8.859  1.213   -10.994 1.00 61.68  ? 303 GLU A CG  1 
ATOM   1448 C CD  . GLU A 1 185 ? -8.470  2.677   -11.084 1.00 75.12  ? 303 GLU A CD  1 
ATOM   1449 O OE1 . GLU A 1 185 ? -7.435  2.972   -11.730 1.00 79.09  ? 303 GLU A OE1 1 
ATOM   1450 O OE2 . GLU A 1 185 ? -9.194  3.532   -10.503 1.00 69.05  ? 303 GLU A OE2 1 
ATOM   1451 N N   . ALA A 1 186 ? -8.074  -1.366  -8.095  1.00 52.44  ? 304 ALA A N   1 
ATOM   1452 C CA  . ALA A 1 186 ? -6.847  -2.122  -7.842  1.00 49.87  ? 304 ALA A CA  1 
ATOM   1453 C C   . ALA A 1 186 ? -7.069  -3.640  -7.949  1.00 49.22  ? 304 ALA A C   1 
ATOM   1454 O O   . ALA A 1 186 ? -6.133  -4.396  -8.248  1.00 46.06  ? 304 ALA A O   1 
ATOM   1455 C CB  . ALA A 1 186 ? -6.258  -1.755  -6.494  1.00 46.87  ? 304 ALA A CB  1 
ATOM   1456 N N   . VAL A 1 187 ? -8.312  -4.074  -7.720  1.00 47.41  ? 305 VAL A N   1 
ATOM   1457 C CA  . VAL A 1 187 ? -8.695  -5.485  -7.842  1.00 48.21  ? 305 VAL A CA  1 
ATOM   1458 C C   . VAL A 1 187 ? -8.432  -5.997  -9.259  1.00 50.30  ? 305 VAL A C   1 
ATOM   1459 O O   . VAL A 1 187 ? -7.999  -7.136  -9.464  1.00 45.70  ? 305 VAL A O   1 
ATOM   1460 C CB  . VAL A 1 187 ? -10.173 -5.691  -7.457  1.00 48.30  ? 305 VAL A CB  1 
ATOM   1461 C CG1 . VAL A 1 187 ? -10.583 -7.144  -7.647  1.00 46.70  ? 305 VAL A CG1 1 
ATOM   1462 C CG2 . VAL A 1 187 ? -10.411 -5.238  -6.011  1.00 48.60  ? 305 VAL A CG2 1 
ATOM   1463 N N   . THR A 1 188 ? -8.669  -5.121  -10.228 1.00 51.85  ? 306 THR A N   1 
ATOM   1464 C CA  . THR A 1 188 ? -8.375  -5.382  -11.635 1.00 54.50  ? 306 THR A CA  1 
ATOM   1465 C C   . THR A 1 188 ? -6.861  -5.299  -11.859 1.00 57.05  ? 306 THR A C   1 
ATOM   1466 O O   . THR A 1 188 ? -6.207  -4.411  -11.293 1.00 58.92  ? 306 THR A O   1 
ATOM   1467 C CB  . THR A 1 188 ? -9.094  -4.333  -12.517 1.00 54.15  ? 306 THR A CB  1 
ATOM   1468 O OG1 . THR A 1 188 ? -10.472 -4.700  -12.651 1.00 61.06  ? 306 THR A OG1 1 
ATOM   1469 C CG2 . THR A 1 188 ? -8.461  -4.242  -13.879 1.00 54.75  ? 306 THR A CG2 1 
ATOM   1470 N N   . PRO A 1 189 ? -6.292  -6.233  -12.656 1.00 55.63  ? 307 PRO A N   1 
ATOM   1471 C CA  . PRO A 1 189 ? -4.846  -6.219  -12.919 1.00 57.70  ? 307 PRO A CA  1 
ATOM   1472 C C   . PRO A 1 189 ? -4.366  -4.913  -13.551 1.00 65.03  ? 307 PRO A C   1 
ATOM   1473 O O   . PRO A 1 189 ? -5.135  -4.231  -14.241 1.00 65.30  ? 307 PRO A O   1 
ATOM   1474 C CB  . PRO A 1 189 ? -4.655  -7.370  -13.923 1.00 56.39  ? 307 PRO A CB  1 
ATOM   1475 C CG  . PRO A 1 189 ? -5.803  -8.302  -13.657 1.00 49.71  ? 307 PRO A CG  1 
ATOM   1476 C CD  . PRO A 1 189 ? -6.954  -7.407  -13.262 1.00 55.28  ? 307 PRO A CD  1 
ATOM   1477 N N   . LEU A 1 190 ? -3.102  -4.580  -13.304 1.00 71.31  ? 308 LEU A N   1 
ATOM   1478 C CA  . LEU A 1 190 ? -2.450  -3.419  -13.911 1.00 73.68  ? 308 LEU A CA  1 
ATOM   1479 C C   . LEU A 1 190 ? -2.447  -3.476  -15.441 1.00 74.83  ? 308 LEU A C   1 
ATOM   1480 O O   . LEU A 1 190 ? -2.296  -4.549  -16.032 1.00 75.77  ? 308 LEU A O   1 
ATOM   1481 C CB  . LEU A 1 190 ? -1.000  -3.317  -13.418 1.00 68.15  ? 308 LEU A CB  1 
ATOM   1482 C CG  . LEU A 1 190 ? -0.624  -2.292  -12.348 1.00 69.65  ? 308 LEU A CG  1 
ATOM   1483 C CD1 . LEU A 1 190 ? -1.835  -1.846  -11.543 1.00 66.33  ? 308 LEU A CD1 1 
ATOM   1484 C CD2 . LEU A 1 190 ? 0.456   -2.868  -11.436 1.00 64.02  ? 308 LEU A CD2 1 
ATOM   1485 N N   . PRO A 1 191 ? -2.620  -2.310  -16.087 1.00 82.13  ? 309 PRO A N   1 
ATOM   1486 C CA  . PRO A 1 191 ? -2.385  -2.161  -17.531 1.00 80.58  ? 309 PRO A CA  1 
ATOM   1487 C C   . PRO A 1 191 ? -0.887  -2.071  -17.845 1.00 79.60  ? 309 PRO A C   1 
ATOM   1488 O O   . PRO A 1 191 ? -0.164  -1.413  -17.090 1.00 79.10  ? 309 PRO A O   1 
ATOM   1489 C CB  . PRO A 1 191 ? -3.065  -0.825  -17.855 1.00 79.79  ? 309 PRO A CB  1 
ATOM   1490 C CG  . PRO A 1 191 ? -3.011  -0.052  -16.568 1.00 76.28  ? 309 PRO A CG  1 
ATOM   1491 C CD  . PRO A 1 191 ? -3.181  -1.085  -15.481 1.00 78.33  ? 309 PRO A CD  1 
ATOM   1492 N N   . VAL A 1 192 ? -0.446  -2.726  -18.924 1.00 84.01  ? 310 VAL A N   1 
ATOM   1493 C CA  . VAL A 1 192 ? 0.936   -2.634  -19.440 1.00 84.92  ? 310 VAL A CA  1 
ATOM   1494 C C   . VAL A 1 192 ? 2.032   -2.668  -18.359 1.00 88.50  ? 310 VAL A C   1 
ATOM   1495 O O   . VAL A 1 192 ? 3.229   -2.780  -18.653 1.00 88.00  ? 310 VAL A O   1 
ATOM   1496 C CB  . VAL A 1 192 ? 1.126   -1.387  -20.354 1.00 83.48  ? 310 VAL A CB  1 
ATOM   1497 C CG1 . VAL A 1 192 ? 1.463   -0.143  -19.530 1.00 82.97  ? 310 VAL A CG1 1 
ATOM   1498 C CG2 . VAL A 1 192 ? 2.207   -1.644  -21.390 1.00 84.57  ? 310 VAL A CG2 1 
HETATM 1499 S S   . SO4 B 2 .   ? 10.655  -9.100  10.700  1.00 109.88 ? 501 SO4 A S   1 
HETATM 1500 O O1  . SO4 B 2 .   ? 11.133  -7.809  11.208  1.00 88.20  ? 501 SO4 A O1  1 
HETATM 1501 O O2  . SO4 B 2 .   ? 10.428  -8.957  9.251   1.00 82.71  ? 501 SO4 A O2  1 
HETATM 1502 O O3  . SO4 B 2 .   ? 9.411   -9.461  11.397  1.00 83.55  ? 501 SO4 A O3  1 
HETATM 1503 O O4  . SO4 B 2 .   ? 11.644  -10.160 10.967  1.00 85.67  ? 501 SO4 A O4  1 
HETATM 1504 C C1  . GOL C 3 .   ? -9.963  -15.451 -16.493 1.00 67.29  ? 502 GOL A C1  1 
HETATM 1505 O O1  . GOL C 3 .   ? -8.632  -15.220 -16.932 1.00 64.63  ? 502 GOL A O1  1 
HETATM 1506 C C2  . GOL C 3 .   ? -10.128 -16.892 -16.005 1.00 65.06  ? 502 GOL A C2  1 
HETATM 1507 O O2  . GOL C 3 .   ? -8.893  -17.470 -15.634 1.00 62.06  ? 502 GOL A O2  1 
HETATM 1508 C C3  . GOL C 3 .   ? -11.070 -16.974 -14.815 1.00 58.26  ? 502 GOL A C3  1 
HETATM 1509 O O3  . GOL C 3 .   ? -11.072 -18.324 -14.417 1.00 64.06  ? 502 GOL A O3  1 
HETATM 1510 O O   . HOH D 4 .   ? -3.226  13.980  3.070   1.00 53.38  ? 601 HOH A O   1 
HETATM 1511 O O   . HOH D 4 .   ? -9.439  14.234  4.993   1.00 52.94  ? 602 HOH A O   1 
HETATM 1512 O O   . HOH D 4 .   ? 0.151   -0.699  20.432  1.00 62.32  ? 603 HOH A O   1 
HETATM 1513 O O   . HOH D 4 .   ? -4.443  17.196  -3.410  1.00 45.29  ? 604 HOH A O   1 
HETATM 1514 O O   . HOH D 4 .   ? -5.964  -17.467 -3.066  1.00 43.23  ? 605 HOH A O   1 
HETATM 1515 O O   . HOH D 4 .   ? 4.496   0.506   15.745  1.00 51.31  ? 606 HOH A O   1 
HETATM 1516 O O   . HOH D 4 .   ? -15.104 13.800  2.433   1.00 58.20  ? 607 HOH A O   1 
HETATM 1517 O O   . HOH D 4 .   ? 15.337  10.400  1.630   1.00 51.58  ? 608 HOH A O   1 
HETATM 1518 O O   . HOH D 4 .   ? 4.583   3.623   21.317  1.00 59.72  ? 609 HOH A O   1 
HETATM 1519 O O   . HOH D 4 .   ? 16.828  12.207  -0.923  1.00 69.69  ? 610 HOH A O   1 
HETATM 1520 O O   . HOH D 4 .   ? 8.027   -12.837 0.720   1.00 39.15  ? 611 HOH A O   1 
HETATM 1521 O O   . HOH D 4 .   ? 7.799   -13.686 5.422   1.00 46.81  ? 612 HOH A O   1 
HETATM 1522 O O   . HOH D 4 .   ? 12.860  11.327  2.647   1.00 51.22  ? 613 HOH A O   1 
HETATM 1523 O O   . HOH D 4 .   ? -8.592  -16.808 -3.792  1.00 44.65  ? 614 HOH A O   1 
HETATM 1524 O O   . HOH D 4 .   ? 0.347   -14.821 5.375   1.00 52.11  ? 615 HOH A O   1 
HETATM 1525 O O   . HOH D 4 .   ? 1.114   -13.529 8.037   1.00 45.98  ? 616 HOH A O   1 
HETATM 1526 O O   . HOH D 4 .   ? -18.478 9.194   0.922   1.00 56.77  ? 617 HOH A O   1 
HETATM 1527 O O   . HOH D 4 .   ? -0.709  -19.146 4.840   1.00 55.81  ? 618 HOH A O   1 
HETATM 1528 O O   . HOH D 4 .   ? -17.646 -13.605 -7.479  1.00 50.28  ? 619 HOH A O   1 
HETATM 1529 O O   . HOH D 4 .   ? 8.390   14.585  3.058   1.00 54.12  ? 620 HOH A O   1 
HETATM 1530 O O   . HOH D 4 .   ? 6.425   -12.949 3.122   1.00 36.15  ? 621 HOH A O   1 
HETATM 1531 O O   . HOH D 4 .   ? -17.347 -16.213 -5.877  1.00 58.39  ? 622 HOH A O   1 
HETATM 1532 O O   . HOH D 4 .   ? 1.659   14.334  8.650   1.00 43.87  ? 623 HOH A O   1 
HETATM 1533 O O   . HOH D 4 .   ? 13.159  12.336  5.617   1.00 51.10  ? 624 HOH A O   1 
HETATM 1534 O O   . HOH D 4 .   ? 2.461   17.460  -6.406  1.00 51.93  ? 625 HOH A O   1 
HETATM 1535 O O   . HOH D 4 .   ? 8.590   -6.138  10.627  1.00 51.31  ? 626 HOH A O   1 
HETATM 1536 O O   . HOH D 4 .   ? 10.618  15.235  -4.272  1.00 59.97  ? 627 HOH A O   1 
HETATM 1537 O O   . HOH D 4 .   ? 7.631   -6.991  12.181  1.00 63.45  ? 628 HOH A O   1 
HETATM 1538 O O   . HOH D 4 .   ? 6.414   17.053  1.783   1.00 58.48  ? 629 HOH A O   1 
HETATM 1539 O O   . HOH D 4 .   ? 18.595  13.021  0.245   1.00 68.95  ? 630 HOH A O   1 
HETATM 1540 O O   . HOH D 4 .   ? 4.503   19.372  -0.422  1.00 61.25  ? 631 HOH A O   1 
HETATM 1541 O O   . HOH D 4 .   ? -19.083 -11.569 -6.818  1.00 45.39  ? 632 HOH A O   1 
HETATM 1542 O O   . HOH D 4 .   ? 12.422  -1.448  6.163   1.00 47.60  ? 633 HOH A O   1 
HETATM 1543 O O   . HOH D 4 .   ? -1.397  12.337  2.206   1.00 45.42  ? 634 HOH A O   1 
HETATM 1544 O O   . HOH D 4 .   ? 7.038   12.498  8.545   1.00 45.82  ? 635 HOH A O   1 
HETATM 1545 O O   . HOH D 4 .   ? 1.563   11.239  10.290  1.00 43.10  ? 636 HOH A O   1 
HETATM 1546 O O   . HOH D 4 .   ? 6.611   4.629   9.465   1.00 38.79  ? 637 HOH A O   1 
HETATM 1547 O O   . HOH D 4 .   ? -1.408  12.364  -0.710  1.00 45.82  ? 638 HOH A O   1 
HETATM 1548 O O   . HOH D 4 .   ? -4.598  -14.579 -10.230 1.00 48.30  ? 639 HOH A O   1 
HETATM 1549 O O   . HOH D 4 .   ? 1.883   7.845   -11.188 1.00 51.50  ? 640 HOH A O   1 
HETATM 1550 O O   . HOH D 4 .   ? 7.811   8.099   15.122  1.00 45.14  ? 641 HOH A O   1 
HETATM 1551 O O   . HOH D 4 .   ? 2.748   10.255  -10.143 1.00 49.63  ? 642 HOH A O   1 
HETATM 1552 O O   . HOH D 4 .   ? -15.147 -8.879  13.203  1.00 61.98  ? 643 HOH A O   1 
HETATM 1553 O O   . HOH D 4 .   ? 3.954   15.296  8.697   1.00 52.49  ? 644 HOH A O   1 
HETATM 1554 O O   . HOH D 4 .   ? 20.089  -2.559  -1.797  1.00 55.28  ? 645 HOH A O   1 
HETATM 1555 O O   . HOH D 4 .   ? 15.161  -5.045  1.785   1.00 54.05  ? 646 HOH A O   1 
HETATM 1556 O O   . HOH D 4 .   ? -6.816  2.208   -7.773  1.00 53.18  ? 647 HOH A O   1 
HETATM 1557 O O   . HOH D 4 .   ? -17.359 -1.338  4.133   1.00 62.77  ? 648 HOH A O   1 
HETATM 1558 O O   . HOH D 4 .   ? 6.187   -10.817 -7.400  1.00 50.25  ? 649 HOH A O   1 
HETATM 1559 O O   . HOH D 4 .   ? 11.349  -7.469  4.333   1.00 47.52  ? 650 HOH A O   1 
HETATM 1560 O O   . HOH D 4 .   ? 2.104   10.154  17.388  1.00 55.31  ? 651 HOH A O   1 
HETATM 1561 O O   . HOH D 4 .   ? -11.275 -9.497  16.595  1.00 63.61  ? 652 HOH A O   1 
HETATM 1562 O O   . HOH D 4 .   ? 11.561  -0.190  9.659   1.00 50.75  ? 653 HOH A O   1 
HETATM 1563 O O   . HOH D 4 .   ? -10.854 -16.122 -11.758 1.00 51.52  ? 654 HOH A O   1 
HETATM 1564 O O   . HOH D 4 .   ? -15.427 3.732   8.258   1.00 62.79  ? 655 HOH A O   1 
# 
